data_6C96
#
_entry.id   6C96
#
_cell.length_a   1.0
_cell.length_b   1.0
_cell.length_c   1.0
_cell.angle_alpha   90.00
_cell.angle_beta   90.00
_cell.angle_gamma   90.00
#
_symmetry.space_group_name_H-M   'P 1'
#
loop_
_entity.id
_entity.type
_entity.pdbx_description
1 polymer 'Two pore calcium channel protein 1'
2 branched 2-acetamido-2-deoxy-beta-D-glucopyranose-(1-4)-2-acetamido-2-deoxy-beta-D-glucopyranose
3 non-polymer 2-acetamido-2-deoxy-beta-D-glucopyranose
4 non-polymer 'SODIUM ION'
#
_entity_poly.entity_id   1
_entity_poly.type   'polypeptide(L)'
_entity_poly.pdbx_seq_one_letter_code
;MAVSLDDDVPLILTLDEAESAPLPPSNSLGQEQLPSKNGGSHSIHNSQVPSLVSGADSPPSSPTGHNWEMNYQEAAIYLQ
EGQNNDKFFTHPKDARALAAYLFVHNHFFYMMELLTALLLLLLSLCESPAVPVLKLHTYVHATLELFALMVVVFELCMKL
RWLGFHTFVRHKRTMVKTSVLVVQFIEAIVVLVRQTSHVRVTRALRCIFLVDCRYCGGVRRNLRQIFQSLPPFMDILLLL
LFFMIIFAILGFYLFSTNPSDPYFSTLENSIVNLFVLLTTANFPDVMMPSYSRNPWSCVFFIVYLSIELYFIMNLLLAVV
FDTFNDIEKHKFKSLLLHKRTAIQHAYGLLASQRRPAGISYRQFEGLMRFYKPRMSARERFLTFKALNQSNTPLLSLKDF
YDIYEVAALQWKAKRNRQHWFDELPRTAFLIFKGINILVNSKAFQYFMYLVVAVNGVWILVETFMLKGGNFTSKHVPWSY
LVFLTIYGVELFMKVAGLGPVEYLSSGWNLFDFSVTAFAFLGLLALTLNMEPFYFIVVLRPLQLLRLFKLKKRYRNVLDT
MFELLPRMASLGLTLLTFYYSFAIVGMEFFNGRLTPNCCNTSTVADAYRFINHTVGNKTKVEEGYYYLNNFDNILNSFVT
LFELTVVNNWYIIMEGVTSQTSHWSRLYFMTFYIVTMVVMTIIVAFILEAFVFRMNYSRKSQDSEVDSGIVIEKEMSKEE
LMAVLELYREERGTSSDVTRLLDTLSQMEKYQQNSMVFLGRRSRTKSDLSLKMYQEEIQEWYEEHAREQEQQKLRGSVPG
PAAQQPPGSRQRSQTVTVEAGLVPR
;
_entity_poly.pdbx_strand_id   A,B
#
# COMPACT_ATOMS: atom_id res chain seq x y z
N HIS A 66 -38.67 -38.60 22.35
CA HIS A 66 -37.35 -38.31 22.89
C HIS A 66 -36.26 -38.72 21.90
N ASN A 67 -36.60 -39.67 21.01
CA ASN A 67 -35.65 -40.11 20.00
C ASN A 67 -35.46 -39.02 18.95
N TRP A 68 -36.57 -38.45 18.47
CA TRP A 68 -36.51 -37.47 17.40
C TRP A 68 -35.84 -36.18 17.87
N GLU A 69 -36.17 -35.72 19.07
CA GLU A 69 -35.61 -34.47 19.58
C GLU A 69 -34.12 -34.60 19.85
N MET A 70 -33.66 -35.79 20.22
CA MET A 70 -32.24 -36.05 20.31
C MET A 70 -31.59 -35.94 18.93
N ASN A 71 -32.28 -36.42 17.91
CA ASN A 71 -31.78 -36.24 16.55
C ASN A 71 -31.81 -34.79 16.11
N TYR A 72 -32.81 -34.02 16.56
CA TYR A 72 -32.91 -32.63 16.14
C TYR A 72 -31.83 -31.78 16.79
N GLN A 73 -31.58 -32.01 18.07
CA GLN A 73 -30.55 -31.22 18.74
C GLN A 73 -29.17 -31.59 18.23
N GLU A 74 -28.96 -32.87 17.93
CA GLU A 74 -27.68 -33.29 17.39
C GLU A 74 -27.44 -32.70 16.00
N ALA A 75 -28.46 -32.68 15.15
CA ALA A 75 -28.30 -32.10 13.82
C ALA A 75 -28.15 -30.59 13.88
N ALA A 76 -28.82 -29.93 14.83
CA ALA A 76 -28.64 -28.49 15.01
C ALA A 76 -27.23 -28.16 15.47
N ILE A 77 -26.61 -29.05 16.24
CA ILE A 77 -25.19 -28.88 16.56
C ILE A 77 -24.35 -29.01 15.31
N TYR A 78 -24.70 -29.95 14.42
CA TYR A 78 -23.93 -30.09 13.19
C TYR A 78 -24.02 -28.87 12.30
N LEU A 79 -25.12 -28.11 12.37
CA LEU A 79 -25.11 -26.85 11.63
C LEU A 79 -24.33 -25.76 12.36
N GLN A 80 -24.44 -25.69 13.69
CA GLN A 80 -23.78 -24.61 14.42
C GLN A 80 -22.27 -24.74 14.38
N GLU A 81 -21.75 -25.95 14.32
CA GLU A 81 -20.30 -26.11 14.24
C GLU A 81 -19.76 -25.88 12.84
N GLY A 82 -20.63 -25.72 11.84
CA GLY A 82 -20.14 -25.43 10.51
C GLY A 82 -19.62 -24.02 10.37
N GLN A 83 -20.16 -23.09 11.16
CA GLN A 83 -19.76 -21.70 11.04
C GLN A 83 -18.46 -21.44 11.76
N ASN A 84 -18.41 -21.73 13.06
CA ASN A 84 -17.16 -21.64 13.80
C ASN A 84 -16.21 -22.72 13.32
N ASN A 85 -15.08 -22.33 12.78
CA ASN A 85 -14.16 -23.28 12.13
C ASN A 85 -13.47 -24.12 13.19
N ASP A 86 -14.20 -25.12 13.68
CA ASP A 86 -13.66 -26.20 14.49
C ASP A 86 -13.97 -27.50 13.78
N LYS A 87 -13.15 -28.52 14.06
CA LYS A 87 -13.44 -29.83 13.51
C LYS A 87 -14.55 -30.48 14.31
N PHE A 88 -15.05 -31.59 13.79
CA PHE A 88 -16.25 -32.23 14.34
C PHE A 88 -15.88 -33.15 15.48
N PHE A 89 -16.38 -32.84 16.68
CA PHE A 89 -16.13 -33.64 17.86
C PHE A 89 -17.40 -33.92 18.65
N THR A 90 -18.53 -33.45 18.18
CA THR A 90 -19.74 -33.44 18.98
C THR A 90 -20.51 -34.74 18.97
N HIS A 91 -20.00 -35.77 18.28
CA HIS A 91 -20.74 -37.01 18.12
C HIS A 91 -20.91 -37.71 19.46
N PRO A 92 -22.14 -37.93 19.93
CA PRO A 92 -22.32 -38.47 21.27
C PRO A 92 -22.42 -39.99 21.27
N LYS A 93 -21.77 -40.59 22.26
CA LYS A 93 -22.05 -41.96 22.63
C LYS A 93 -23.08 -42.03 23.73
N ASP A 94 -23.14 -41.00 24.57
CA ASP A 94 -24.15 -40.86 25.62
C ASP A 94 -24.79 -39.48 25.52
N ALA A 95 -25.90 -39.30 26.23
CA ALA A 95 -26.54 -38.00 26.29
C ALA A 95 -25.81 -37.03 27.19
N ARG A 96 -24.89 -37.54 28.02
CA ARG A 96 -24.11 -36.67 28.91
C ARG A 96 -23.18 -35.76 28.12
N ALA A 97 -22.66 -36.23 26.98
CA ALA A 97 -21.88 -35.36 26.12
C ALA A 97 -22.74 -34.29 25.49
N LEU A 98 -24.00 -34.61 25.17
CA LEU A 98 -24.93 -33.62 24.66
C LEU A 98 -25.25 -32.57 25.71
N ALA A 99 -25.45 -33.00 26.95
CA ALA A 99 -25.70 -32.05 28.03
C ALA A 99 -24.46 -31.23 28.35
N ALA A 100 -23.28 -31.78 28.09
CA ALA A 100 -22.05 -31.03 28.33
C ALA A 100 -21.83 -29.98 27.26
N TYR A 101 -22.12 -30.31 26.00
CA TYR A 101 -22.10 -29.32 24.93
C TYR A 101 -23.09 -28.22 25.22
N LEU A 102 -24.30 -28.59 25.65
CA LEU A 102 -25.31 -27.59 25.97
C LEU A 102 -24.92 -26.76 27.18
N PHE A 103 -24.15 -27.33 28.11
CA PHE A 103 -23.76 -26.56 29.27
C PHE A 103 -22.66 -25.57 28.94
N VAL A 104 -21.77 -25.89 28.02
CA VAL A 104 -20.60 -25.04 27.80
C VAL A 104 -20.80 -24.03 26.67
N HIS A 105 -21.78 -24.22 25.80
CA HIS A 105 -22.07 -23.27 24.73
C HIS A 105 -23.28 -22.41 25.04
N ASN A 106 -23.64 -22.31 26.31
CA ASN A 106 -24.64 -21.36 26.72
C ASN A 106 -24.07 -19.95 26.65
N HIS A 107 -24.96 -18.98 26.50
CA HIS A 107 -24.55 -17.59 26.40
C HIS A 107 -23.98 -17.09 27.73
N PHE A 108 -24.48 -17.63 28.84
CA PHE A 108 -23.97 -17.27 30.16
C PHE A 108 -22.54 -17.74 30.36
N PHE A 109 -22.16 -18.85 29.75
CA PHE A 109 -20.81 -19.34 29.94
C PHE A 109 -19.81 -18.44 29.23
N TYR A 110 -20.20 -17.92 28.07
CA TYR A 110 -19.34 -17.02 27.32
C TYR A 110 -19.11 -15.74 28.10
N MET A 111 -20.18 -15.17 28.64
CA MET A 111 -20.05 -13.92 29.39
C MET A 111 -19.28 -14.12 30.68
N MET A 112 -19.37 -15.30 31.30
CA MET A 112 -18.56 -15.59 32.48
C MET A 112 -17.09 -15.66 32.13
N GLU A 113 -16.77 -16.30 31.01
CA GLU A 113 -15.39 -16.48 30.58
C GLU A 113 -14.72 -15.14 30.27
N LEU A 114 -15.42 -14.27 29.53
CA LEU A 114 -14.82 -12.98 29.19
C LEU A 114 -14.72 -12.07 30.40
N LEU A 115 -15.73 -12.06 31.26
CA LEU A 115 -15.70 -11.13 32.39
C LEU A 115 -14.65 -11.54 33.41
N THR A 116 -14.37 -12.84 33.52
CA THR A 116 -13.22 -13.27 34.32
C THR A 116 -11.92 -12.80 33.70
N ALA A 117 -11.80 -12.87 32.37
CA ALA A 117 -10.56 -12.46 31.72
C ALA A 117 -10.32 -10.97 31.84
N LEU A 118 -11.35 -10.15 31.66
CA LEU A 118 -11.16 -8.71 31.81
C LEU A 118 -10.96 -8.32 33.26
N LEU A 119 -11.49 -9.08 34.21
CA LEU A 119 -11.15 -8.81 35.60
C LEU A 119 -9.68 -9.15 35.87
N LEU A 120 -9.18 -10.20 35.23
CA LEU A 120 -7.82 -10.63 35.47
C LEU A 120 -6.81 -9.71 34.81
N LEU A 121 -7.18 -9.06 33.71
CA LEU A 121 -6.30 -8.04 33.12
C LEU A 121 -6.40 -6.71 33.86
N LEU A 122 -7.62 -6.26 34.17
CA LEU A 122 -7.78 -4.95 34.79
C LEU A 122 -7.37 -4.94 36.25
N LEU A 123 -7.07 -6.08 36.84
CA LEU A 123 -6.50 -6.11 38.17
C LEU A 123 -5.05 -5.68 38.19
N SER A 124 -4.39 -5.66 37.03
CA SER A 124 -2.97 -5.35 36.97
C SER A 124 -2.65 -3.89 37.25
N LEU A 125 -3.64 -3.02 37.31
CA LEU A 125 -3.39 -1.64 37.68
C LEU A 125 -3.54 -1.40 39.18
N CYS A 126 -3.51 -2.47 39.96
CA CYS A 126 -3.49 -2.38 41.42
C CYS A 126 -2.26 -3.04 42.02
N GLU A 127 -1.30 -3.44 41.19
CA GLU A 127 -0.14 -4.22 41.62
C GLU A 127 0.93 -3.36 42.25
N SER A 128 2.14 -3.88 42.36
CA SER A 128 3.20 -3.13 43.04
C SER A 128 3.66 -1.93 42.21
N PRO A 129 3.75 -2.00 40.86
CA PRO A 129 3.67 -0.74 40.11
C PRO A 129 2.22 -0.40 39.83
N ALA A 130 1.68 0.67 40.41
CA ALA A 130 0.30 1.01 40.16
C ALA A 130 0.11 2.50 40.20
N VAL A 131 -1.09 2.94 39.85
CA VAL A 131 -1.47 4.34 40.00
C VAL A 131 -1.57 4.57 41.49
N PRO A 132 -1.28 5.77 42.00
CA PRO A 132 -1.27 5.96 43.45
C PRO A 132 -2.65 5.96 44.07
N VAL A 133 -3.70 6.19 43.28
CA VAL A 133 -5.03 6.17 43.84
C VAL A 133 -5.57 4.76 43.98
N LEU A 134 -5.08 3.80 43.19
CA LEU A 134 -5.43 2.39 43.39
C LEU A 134 -4.16 1.67 43.82
N LYS A 135 -3.87 1.69 45.11
CA LYS A 135 -2.74 0.93 45.63
C LYS A 135 -3.29 0.00 46.70
N LEU A 136 -3.68 -1.20 46.28
CA LEU A 136 -4.22 -2.17 47.22
C LEU A 136 -3.09 -2.80 48.02
N HIS A 137 -3.47 -3.49 49.09
CA HIS A 137 -2.50 -4.26 49.84
C HIS A 137 -2.25 -5.59 49.15
N THR A 138 -1.09 -6.18 49.45
CA THR A 138 -0.58 -7.28 48.62
C THR A 138 -1.41 -8.55 48.78
N TYR A 139 -1.87 -8.85 49.99
CA TYR A 139 -2.70 -10.02 50.19
C TYR A 139 -4.07 -9.88 49.53
N VAL A 140 -4.53 -8.65 49.33
CA VAL A 140 -5.84 -8.43 48.72
C VAL A 140 -5.83 -8.88 47.27
N HIS A 141 -4.91 -8.34 46.47
CA HIS A 141 -4.89 -8.72 45.07
C HIS A 141 -4.32 -10.10 44.84
N ALA A 142 -3.50 -10.61 45.75
CA ALA A 142 -3.09 -12.01 45.66
C ALA A 142 -4.28 -12.94 45.83
N THR A 143 -5.18 -12.63 46.78
CA THR A 143 -6.38 -13.43 46.96
C THR A 143 -7.33 -13.29 45.78
N LEU A 144 -7.42 -12.08 45.21
CA LEU A 144 -8.29 -11.90 44.05
C LEU A 144 -7.79 -12.65 42.83
N GLU A 145 -6.48 -12.77 42.68
CA GLU A 145 -5.92 -13.66 41.66
C GLU A 145 -6.25 -15.11 41.95
N LEU A 146 -6.27 -15.49 43.24
CA LEU A 146 -6.60 -16.88 43.57
C LEU A 146 -8.04 -17.21 43.23
N PHE A 147 -8.96 -16.27 43.47
CA PHE A 147 -10.35 -16.56 43.17
C PHE A 147 -10.61 -16.56 41.66
N ALA A 148 -10.01 -15.61 40.94
CA ALA A 148 -10.17 -15.57 39.49
C ALA A 148 -9.59 -16.81 38.82
N LEU A 149 -8.41 -17.24 39.27
CA LEU A 149 -7.86 -18.49 38.75
C LEU A 149 -8.66 -19.71 39.20
N MET A 150 -9.37 -19.62 40.32
CA MET A 150 -10.22 -20.72 40.74
C MET A 150 -11.38 -20.91 39.76
N VAL A 151 -12.02 -19.83 39.32
CA VAL A 151 -13.10 -20.01 38.37
C VAL A 151 -12.61 -20.28 36.96
N VAL A 152 -11.35 -19.95 36.64
CA VAL A 152 -10.82 -20.41 35.36
C VAL A 152 -10.61 -21.92 35.40
N VAL A 153 -10.23 -22.46 36.57
CA VAL A 153 -10.17 -23.92 36.74
C VAL A 153 -11.56 -24.53 36.58
N PHE A 154 -12.60 -23.82 37.03
CA PHE A 154 -13.97 -24.27 36.79
C PHE A 154 -14.30 -24.33 35.31
N GLU A 155 -13.84 -23.35 34.54
CA GLU A 155 -14.02 -23.33 33.08
C GLU A 155 -13.36 -24.54 32.43
N LEU A 156 -12.10 -24.80 32.75
CA LEU A 156 -11.39 -25.92 32.15
C LEU A 156 -11.93 -27.26 32.62
N CYS A 157 -12.53 -27.30 33.81
CA CYS A 157 -13.18 -28.51 34.28
C CYS A 157 -14.38 -28.86 33.41
N MET A 158 -15.17 -27.86 33.04
CA MET A 158 -16.32 -28.16 32.18
C MET A 158 -15.89 -28.44 30.75
N LYS A 159 -14.81 -27.82 30.29
CA LYS A 159 -14.27 -28.16 28.98
C LYS A 159 -13.79 -29.61 28.95
N LEU A 160 -13.17 -30.07 30.02
CA LEU A 160 -12.73 -31.46 30.09
C LEU A 160 -13.91 -32.41 30.16
N ARG A 161 -15.01 -32.00 30.82
CA ARG A 161 -16.19 -32.85 30.85
C ARG A 161 -16.83 -32.97 29.48
N TRP A 162 -16.76 -31.92 28.68
CA TRP A 162 -17.37 -31.97 27.35
C TRP A 162 -16.57 -32.83 26.39
N LEU A 163 -15.28 -32.61 26.29
CA LEU A 163 -14.45 -33.43 25.41
C LEU A 163 -14.08 -34.71 26.15
N GLY A 164 -13.23 -35.51 25.54
CA GLY A 164 -12.65 -36.66 26.19
C GLY A 164 -11.41 -36.27 26.95
N PHE A 165 -10.59 -37.27 27.22
CA PHE A 165 -9.27 -37.02 27.80
C PHE A 165 -8.19 -36.94 26.75
N HIS A 166 -8.28 -37.77 25.71
CA HIS A 166 -7.28 -37.72 24.64
C HIS A 166 -7.45 -36.47 23.80
N THR A 167 -8.70 -36.08 23.53
CA THR A 167 -8.95 -34.87 22.76
C THR A 167 -8.55 -33.63 23.53
N PHE A 168 -8.69 -33.65 24.85
CA PHE A 168 -8.32 -32.51 25.68
C PHE A 168 -6.81 -32.33 25.74
N VAL A 169 -6.05 -33.39 25.54
CA VAL A 169 -4.60 -33.26 25.55
C VAL A 169 -4.09 -32.87 24.16
N ARG A 170 -4.60 -33.53 23.12
CA ARG A 170 -4.10 -33.24 21.77
C ARG A 170 -4.56 -31.88 21.26
N HIS A 171 -5.60 -31.30 21.84
CA HIS A 171 -5.99 -29.94 21.51
C HIS A 171 -4.97 -28.97 22.09
N LYS A 172 -4.42 -28.11 21.24
CA LYS A 172 -3.24 -27.36 21.62
C LYS A 172 -3.60 -26.14 22.48
N ARG A 173 -4.69 -25.46 22.12
CA ARG A 173 -5.04 -24.17 22.72
C ARG A 173 -5.37 -24.28 24.20
N THR A 174 -6.11 -25.33 24.56
CA THR A 174 -6.46 -25.56 25.96
C THR A 174 -5.23 -25.90 26.78
N MET A 175 -4.29 -26.64 26.20
CA MET A 175 -3.11 -27.03 26.96
C MET A 175 -2.19 -25.86 27.22
N VAL A 176 -2.16 -24.90 26.27
CA VAL A 176 -1.44 -23.66 26.50
C VAL A 176 -2.03 -22.91 27.68
N LYS A 177 -3.38 -22.84 27.73
CA LYS A 177 -4.00 -22.08 28.80
C LYS A 177 -3.84 -22.77 30.15
N THR A 178 -3.76 -24.10 30.17
CA THR A 178 -3.52 -24.81 31.42
C THR A 178 -2.12 -24.56 31.95
N SER A 179 -1.14 -24.51 31.05
CA SER A 179 0.23 -24.27 31.49
C SER A 179 0.41 -22.87 32.06
N VAL A 180 -0.20 -21.88 31.42
CA VAL A 180 -0.11 -20.51 31.93
C VAL A 180 -0.88 -20.38 33.25
N LEU A 181 -1.98 -21.14 33.36
CA LEU A 181 -2.71 -21.20 34.62
C LEU A 181 -1.86 -21.76 35.75
N VAL A 182 -1.02 -22.75 35.44
CA VAL A 182 -0.20 -23.38 36.48
C VAL A 182 0.86 -22.41 36.97
N VAL A 183 1.56 -21.74 36.05
CA VAL A 183 2.65 -20.88 36.50
C VAL A 183 2.14 -19.63 37.21
N GLN A 184 0.97 -19.11 36.82
CA GLN A 184 0.46 -17.94 37.54
C GLN A 184 -0.15 -18.34 38.86
N PHE A 185 -0.67 -19.56 38.97
CA PHE A 185 -1.20 -20.03 40.24
C PHE A 185 -0.08 -20.20 41.26
N ILE A 186 1.04 -20.79 40.83
CA ILE A 186 2.18 -21.02 41.71
C ILE A 186 2.78 -19.70 42.16
N GLU A 187 3.01 -18.77 41.23
CA GLU A 187 3.63 -17.51 41.64
C GLU A 187 2.67 -16.66 42.47
N ALA A 188 1.35 -16.84 42.31
CA ALA A 188 0.42 -16.12 43.16
C ALA A 188 0.50 -16.59 44.60
N ILE A 189 0.65 -17.90 44.81
CA ILE A 189 0.80 -18.42 46.17
C ILE A 189 2.11 -17.95 46.78
N VAL A 190 3.16 -17.83 45.96
CA VAL A 190 4.43 -17.32 46.44
C VAL A 190 4.30 -15.88 46.91
N VAL A 191 3.53 -15.07 46.18
CA VAL A 191 3.27 -13.69 46.59
C VAL A 191 2.49 -13.66 47.90
N LEU A 192 1.53 -14.57 48.06
CA LEU A 192 0.74 -14.56 49.29
C LEU A 192 1.55 -15.03 50.49
N VAL A 193 2.57 -15.85 50.28
CA VAL A 193 3.41 -16.25 51.40
C VAL A 193 4.35 -15.14 51.81
N ARG A 194 5.19 -14.67 50.87
CA ARG A 194 6.22 -13.71 51.25
C ARG A 194 5.68 -12.31 51.51
N GLN A 195 4.50 -11.99 50.98
CA GLN A 195 3.85 -10.67 51.06
C GLN A 195 4.69 -9.54 50.48
N THR A 196 5.67 -9.86 49.64
CA THR A 196 6.40 -8.88 48.85
C THR A 196 6.47 -9.39 47.43
N SER A 197 6.22 -8.51 46.47
CA SER A 197 6.21 -8.92 45.09
C SER A 197 7.64 -9.12 44.59
N HIS A 198 7.87 -10.23 43.92
CA HIS A 198 9.14 -10.45 43.25
C HIS A 198 9.12 -9.77 41.88
N VAL A 199 10.06 -10.13 41.01
CA VAL A 199 10.19 -9.45 39.71
C VAL A 199 8.93 -9.63 38.87
N ARG A 200 8.36 -10.84 38.86
CA ARG A 200 6.98 -11.10 38.45
C ARG A 200 6.72 -10.69 37.01
N VAL A 201 7.40 -11.39 36.10
CA VAL A 201 7.39 -11.03 34.68
C VAL A 201 6.39 -11.95 33.99
N THR A 202 5.81 -12.87 34.77
CA THR A 202 4.88 -13.84 34.19
C THR A 202 3.55 -13.21 33.81
N ARG A 203 3.25 -12.00 34.33
CA ARG A 203 2.03 -11.30 34.00
C ARG A 203 1.90 -10.92 32.52
N ALA A 204 2.99 -10.99 31.76
CA ALA A 204 2.88 -10.71 30.33
C ALA A 204 2.16 -11.82 29.59
N LEU A 205 2.13 -13.02 30.12
CA LEU A 205 1.46 -14.14 29.49
C LEU A 205 -0.03 -14.18 29.78
N ARG A 206 -0.54 -13.22 30.53
CA ARG A 206 -1.93 -13.18 30.95
C ARG A 206 -2.88 -12.83 29.81
N CYS A 207 -2.36 -12.44 28.64
CA CYS A 207 -3.18 -12.17 27.47
C CYS A 207 -3.84 -13.42 26.91
N ILE A 208 -3.28 -14.60 27.19
CA ILE A 208 -3.80 -15.85 26.64
C ILE A 208 -5.19 -16.13 27.19
N PHE A 209 -5.45 -15.71 28.43
CA PHE A 209 -6.78 -15.85 28.98
C PHE A 209 -7.78 -14.94 28.28
N LEU A 210 -7.32 -13.83 27.72
CA LEU A 210 -8.23 -13.00 26.94
C LEU A 210 -8.53 -13.64 25.60
N VAL A 211 -7.47 -13.99 24.86
CA VAL A 211 -7.60 -14.44 23.48
C VAL A 211 -8.33 -15.79 23.35
N ASP A 212 -8.34 -16.62 24.39
CA ASP A 212 -9.05 -17.89 24.32
C ASP A 212 -10.57 -17.73 24.47
N CYS A 213 -11.08 -16.53 24.71
CA CYS A 213 -12.52 -16.40 24.88
C CYS A 213 -13.24 -16.50 23.53
N ARG A 214 -14.57 -16.63 23.59
CA ARG A 214 -15.30 -16.77 22.35
C ARG A 214 -15.59 -15.43 21.70
N TYR A 215 -15.74 -14.37 22.50
CA TYR A 215 -16.19 -13.11 21.91
C TYR A 215 -15.08 -12.41 21.14
N CYS A 216 -13.84 -12.76 21.38
CA CYS A 216 -12.73 -12.24 20.60
C CYS A 216 -12.11 -13.34 19.76
N GLY A 217 -12.94 -14.20 19.16
CA GLY A 217 -12.45 -15.06 18.11
C GLY A 217 -12.02 -14.32 16.87
N GLY A 218 -12.56 -13.11 16.67
CA GLY A 218 -12.05 -12.25 15.62
C GLY A 218 -10.61 -11.85 15.87
N VAL A 219 -10.27 -11.59 17.13
CA VAL A 219 -8.89 -11.34 17.53
C VAL A 219 -8.03 -12.54 17.26
N ARG A 220 -8.60 -13.73 17.42
CA ARG A 220 -7.80 -14.95 17.33
C ARG A 220 -7.46 -15.29 15.89
N ARG A 221 -8.44 -15.20 14.99
CA ARG A 221 -8.14 -15.48 13.58
C ARG A 221 -7.35 -14.36 12.94
N ASN A 222 -7.47 -13.16 13.48
CA ASN A 222 -6.61 -12.06 13.09
C ASN A 222 -5.16 -12.35 13.47
N LEU A 223 -4.97 -12.91 14.65
CA LEU A 223 -3.64 -13.11 15.18
C LEU A 223 -2.93 -14.25 14.44
N ARG A 224 -3.65 -15.30 14.10
CA ARG A 224 -3.02 -16.33 13.28
C ARG A 224 -2.82 -15.86 11.85
N GLN A 225 -3.56 -14.84 11.43
CA GLN A 225 -3.33 -14.32 10.09
C GLN A 225 -2.08 -13.44 10.06
N ILE A 226 -1.70 -12.85 11.20
CA ILE A 226 -0.42 -12.15 11.17
C ILE A 226 0.71 -13.13 11.44
N PHE A 227 0.42 -14.28 12.04
CA PHE A 227 1.45 -15.29 12.17
C PHE A 227 1.80 -15.91 10.83
N GLN A 228 0.80 -16.20 10.02
CA GLN A 228 1.03 -16.92 8.78
C GLN A 228 1.71 -16.05 7.72
N SER A 229 1.58 -14.74 7.82
CA SER A 229 2.15 -13.83 6.84
C SER A 229 3.54 -13.37 7.20
N LEU A 230 4.14 -13.94 8.21
CA LEU A 230 5.42 -13.52 8.77
C LEU A 230 6.70 -13.97 8.06
N PRO A 231 6.83 -15.15 7.45
CA PRO A 231 8.08 -15.46 6.71
C PRO A 231 8.36 -14.52 5.53
N PRO A 232 7.38 -14.13 4.69
CA PRO A 232 7.72 -13.14 3.65
C PRO A 232 8.01 -11.77 4.18
N PHE A 233 7.74 -11.50 5.46
CA PHE A 233 8.25 -10.33 6.12
C PHE A 233 9.71 -10.53 6.53
N MET A 234 10.04 -11.70 7.08
CA MET A 234 11.32 -11.87 7.75
C MET A 234 12.48 -11.93 6.77
N ASP A 235 12.25 -12.43 5.56
CA ASP A 235 13.36 -12.50 4.61
C ASP A 235 13.74 -11.12 4.06
N ILE A 236 12.75 -10.27 3.81
CA ILE A 236 13.06 -8.94 3.31
C ILE A 236 13.60 -8.07 4.42
N LEU A 237 13.16 -8.30 5.65
CA LEU A 237 13.78 -7.68 6.81
C LEU A 237 15.25 -8.08 6.92
N LEU A 238 15.57 -9.31 6.52
CA LEU A 238 16.96 -9.75 6.55
C LEU A 238 17.78 -9.03 5.49
N LEU A 239 17.19 -8.76 4.33
CA LEU A 239 17.91 -8.03 3.29
C LEU A 239 18.15 -6.58 3.69
N LEU A 240 17.16 -5.98 4.33
CA LEU A 240 17.26 -4.59 4.76
C LEU A 240 18.30 -4.41 5.86
N LEU A 241 18.35 -5.35 6.81
CA LEU A 241 19.42 -5.30 7.81
C LEU A 241 20.79 -5.58 7.21
N PHE A 242 20.84 -6.35 6.11
CA PHE A 242 22.12 -6.58 5.46
C PHE A 242 22.70 -5.29 4.89
N PHE A 243 21.85 -4.49 4.22
CA PHE A 243 22.36 -3.23 3.70
C PHE A 243 22.68 -2.22 4.79
N MET A 244 21.98 -2.24 5.93
CA MET A 244 22.39 -1.27 6.94
C MET A 244 23.69 -1.66 7.63
N ILE A 245 24.07 -2.94 7.64
CA ILE A 245 25.37 -3.25 8.22
C ILE A 245 26.51 -2.88 7.28
N ILE A 246 26.31 -3.04 5.96
CA ILE A 246 27.31 -2.59 5.00
C ILE A 246 27.52 -1.08 5.09
N PHE A 247 26.44 -0.31 5.05
CA PHE A 247 26.59 1.14 5.13
C PHE A 247 27.05 1.61 6.49
N ALA A 248 26.87 0.81 7.54
CA ALA A 248 27.40 1.21 8.84
C ALA A 248 28.90 1.02 8.90
N ILE A 249 29.41 -0.03 8.24
CA ILE A 249 30.86 -0.21 8.13
C ILE A 249 31.49 0.94 7.36
N LEU A 250 30.94 1.25 6.18
CA LEU A 250 31.55 2.31 5.39
C LEU A 250 31.32 3.68 6.02
N GLY A 251 30.23 3.85 6.76
CA GLY A 251 30.05 5.09 7.49
C GLY A 251 31.05 5.25 8.61
N PHE A 252 31.39 4.15 9.29
CA PHE A 252 32.41 4.21 10.31
C PHE A 252 33.78 4.49 9.72
N TYR A 253 34.05 4.02 8.50
CA TYR A 253 35.33 4.36 7.91
C TYR A 253 35.40 5.82 7.52
N LEU A 254 34.35 6.35 6.90
CA LEU A 254 34.42 7.69 6.37
C LEU A 254 34.32 8.80 7.41
N PHE A 255 33.61 8.60 8.53
CA PHE A 255 33.33 9.74 9.37
C PHE A 255 33.86 9.61 10.79
N SER A 256 34.62 8.56 11.10
CA SER A 256 35.12 8.44 12.47
C SER A 256 36.26 9.40 12.75
N THR A 257 36.94 9.88 11.71
CA THR A 257 38.00 10.84 11.89
C THR A 257 37.42 12.25 11.90
N ASN A 258 36.63 12.52 12.93
CA ASN A 258 35.95 13.80 13.04
C ASN A 258 35.69 14.09 14.51
N PRO A 259 36.34 15.08 15.09
CA PRO A 259 36.16 15.34 16.51
C PRO A 259 34.91 16.14 16.83
N SER A 260 33.95 16.20 15.92
CA SER A 260 32.79 17.06 16.10
C SER A 260 31.47 16.32 16.20
N ASP A 261 31.37 15.08 15.75
CA ASP A 261 30.11 14.37 15.77
C ASP A 261 30.14 13.16 16.69
N PRO A 262 29.13 12.98 17.54
CA PRO A 262 29.01 11.75 18.33
C PRO A 262 28.30 10.63 17.59
N TYR A 263 28.11 10.75 16.29
CA TYR A 263 27.29 9.81 15.55
C TYR A 263 28.08 8.67 14.95
N PHE A 264 29.40 8.78 14.86
CA PHE A 264 30.17 7.71 14.26
C PHE A 264 31.46 7.48 15.05
N SER A 265 31.35 7.52 16.38
CA SER A 265 32.53 7.38 17.23
C SER A 265 32.96 5.92 17.35
N THR A 266 32.02 4.99 17.30
CA THR A 266 32.30 3.57 17.45
C THR A 266 31.44 2.85 16.42
N LEU A 267 31.88 1.67 16.00
CA LEU A 267 31.15 0.92 14.99
C LEU A 267 29.78 0.49 15.49
N GLU A 268 29.67 0.17 16.78
CA GLU A 268 28.35 -0.18 17.31
C GLU A 268 27.46 1.05 17.40
N ASN A 269 28.07 2.22 17.61
CA ASN A 269 27.29 3.43 17.71
C ASN A 269 26.79 3.84 16.34
N SER A 270 27.54 3.49 15.31
CA SER A 270 27.13 3.78 13.94
C SER A 270 26.06 2.80 13.46
N ILE A 271 26.12 1.56 13.93
CA ILE A 271 25.05 0.62 13.61
C ILE A 271 23.75 1.08 14.24
N VAL A 272 23.82 1.62 15.46
CA VAL A 272 22.62 2.15 16.10
C VAL A 272 22.07 3.34 15.33
N ASN A 273 22.93 4.30 14.99
CA ASN A 273 22.44 5.52 14.35
C ASN A 273 21.96 5.28 12.93
N LEU A 274 22.44 4.23 12.27
CA LEU A 274 21.87 3.92 10.97
C LEU A 274 20.61 3.09 11.08
N PHE A 275 20.43 2.35 12.18
CA PHE A 275 19.13 1.69 12.36
C PHE A 275 18.05 2.70 12.68
N VAL A 276 18.43 3.82 13.30
CA VAL A 276 17.47 4.88 13.53
C VAL A 276 17.27 5.68 12.24
N LEU A 277 18.31 5.83 11.43
CA LEU A 277 18.15 6.53 10.16
C LEU A 277 17.26 5.78 9.19
N LEU A 278 17.23 4.45 9.29
CA LEU A 278 16.33 3.61 8.51
C LEU A 278 14.88 4.01 8.66
N THR A 279 14.47 4.37 9.86
CA THR A 279 13.08 4.69 10.07
C THR A 279 12.81 6.18 10.09
N THR A 280 13.75 6.96 9.54
CA THR A 280 13.59 8.40 9.25
C THR A 280 13.35 9.17 10.53
N ALA A 281 14.00 8.77 11.59
CA ALA A 281 13.73 9.40 12.86
C ALA A 281 14.71 10.50 13.19
N ASN A 282 15.88 10.52 12.58
CA ASN A 282 16.84 11.55 12.93
C ASN A 282 17.56 12.06 11.71
N PHE A 283 16.85 12.31 10.61
CA PHE A 283 17.54 12.35 9.32
C PHE A 283 18.45 13.55 9.11
N PRO A 284 18.03 14.81 9.30
CA PRO A 284 19.01 15.87 9.05
C PRO A 284 20.06 15.92 10.14
N ASP A 285 19.71 15.52 11.37
CA ASP A 285 20.60 15.73 12.51
C ASP A 285 21.82 14.82 12.46
N VAL A 286 21.74 13.69 11.77
CA VAL A 286 22.91 12.85 11.62
C VAL A 286 23.72 13.25 10.39
N MET A 287 23.10 13.90 9.43
CA MET A 287 23.78 14.28 8.20
C MET A 287 24.62 15.52 8.38
N MET A 288 24.20 16.42 9.26
CA MET A 288 24.80 17.75 9.31
C MET A 288 26.26 17.85 9.72
N PRO A 289 26.79 17.15 10.73
CA PRO A 289 28.20 17.39 11.08
C PRO A 289 29.17 16.89 10.04
N SER A 290 28.76 15.97 9.18
CA SER A 290 29.58 15.61 8.04
C SER A 290 29.39 16.59 6.91
N TYR A 291 28.16 17.07 6.74
CA TYR A 291 27.85 18.02 5.69
C TYR A 291 28.47 19.39 5.95
N SER A 292 28.88 19.65 7.19
CA SER A 292 29.56 20.90 7.46
C SER A 292 30.99 20.89 6.95
N ARG A 293 31.69 19.76 7.12
CA ARG A 293 33.07 19.69 6.62
C ARG A 293 33.09 19.58 5.11
N ASN A 294 32.57 18.49 4.58
CA ASN A 294 32.62 18.23 3.16
C ASN A 294 31.21 18.26 2.62
N PRO A 295 30.89 19.14 1.67
CA PRO A 295 29.52 19.19 1.14
C PRO A 295 29.13 17.99 0.32
N TRP A 296 30.07 17.15 -0.09
CA TRP A 296 29.76 15.97 -0.87
C TRP A 296 29.33 14.79 -0.03
N SER A 297 29.19 14.94 1.28
CA SER A 297 28.74 13.83 2.09
C SER A 297 27.24 13.61 1.99
N CYS A 298 26.52 14.48 1.29
CA CYS A 298 25.10 14.28 1.08
C CYS A 298 24.82 13.06 0.21
N VAL A 299 25.76 12.68 -0.64
CA VAL A 299 25.55 11.55 -1.54
C VAL A 299 25.44 10.25 -0.77
N PHE A 300 26.14 10.16 0.36
CA PHE A 300 26.05 8.98 1.21
C PHE A 300 24.64 8.77 1.74
N PHE A 301 24.04 9.82 2.31
CA PHE A 301 22.72 9.66 2.87
C PHE A 301 21.64 9.65 1.81
N ILE A 302 21.88 10.27 0.65
CA ILE A 302 20.91 10.19 -0.43
C ILE A 302 20.84 8.78 -0.99
N VAL A 303 21.99 8.17 -1.25
CA VAL A 303 22.03 6.84 -1.84
C VAL A 303 21.49 5.80 -0.86
N TYR A 304 21.87 5.91 0.42
CA TYR A 304 21.37 4.99 1.43
C TYR A 304 19.87 5.10 1.60
N LEU A 305 19.37 6.31 1.75
CA LEU A 305 17.96 6.49 2.06
C LEU A 305 17.09 6.23 0.84
N SER A 306 17.65 6.33 -0.36
CA SER A 306 16.90 6.02 -1.56
C SER A 306 17.04 4.57 -2.00
N ILE A 307 17.94 3.80 -1.40
CA ILE A 307 17.81 2.35 -1.51
C ILE A 307 16.73 1.86 -0.58
N GLU A 308 16.79 2.25 0.69
CA GLU A 308 15.91 1.62 1.66
C GLU A 308 14.50 2.16 1.64
N LEU A 309 14.30 3.48 1.67
CA LEU A 309 12.95 4.00 1.76
C LEU A 309 12.20 3.94 0.44
N TYR A 310 12.88 3.65 -0.65
CA TYR A 310 12.29 3.75 -1.97
C TYR A 310 12.22 2.41 -2.67
N PHE A 311 13.19 1.52 -2.44
CA PHE A 311 13.08 0.19 -3.00
C PHE A 311 12.56 -0.82 -1.98
N ILE A 312 13.24 -0.94 -0.85
CA ILE A 312 13.08 -2.13 -0.01
C ILE A 312 11.82 -2.05 0.83
N MET A 313 11.52 -0.88 1.38
CA MET A 313 10.33 -0.74 2.22
C MET A 313 9.05 -0.90 1.41
N ASN A 314 9.00 -0.34 0.21
CA ASN A 314 7.85 -0.53 -0.66
C ASN A 314 7.79 -1.96 -1.17
N LEU A 315 8.94 -2.59 -1.35
CA LEU A 315 8.97 -3.99 -1.70
C LEU A 315 8.35 -4.85 -0.61
N LEU A 316 8.58 -4.46 0.65
CA LEU A 316 8.01 -5.19 1.78
C LEU A 316 6.50 -5.06 1.82
N LEU A 317 5.97 -3.88 1.50
CA LEU A 317 4.53 -3.72 1.44
C LEU A 317 3.92 -4.56 0.33
N ALA A 318 4.60 -4.67 -0.81
CA ALA A 318 4.10 -5.46 -1.92
C ALA A 318 4.06 -6.94 -1.58
N VAL A 319 5.10 -7.44 -0.92
CA VAL A 319 5.20 -8.87 -0.67
C VAL A 319 4.20 -9.31 0.39
N VAL A 320 4.05 -8.52 1.46
CA VAL A 320 3.06 -8.86 2.48
C VAL A 320 1.64 -8.74 1.93
N PHE A 321 1.42 -7.82 0.98
CA PHE A 321 0.11 -7.69 0.35
C PHE A 321 -0.26 -8.91 -0.47
N ASP A 322 0.69 -9.46 -1.23
CA ASP A 322 0.40 -10.62 -2.07
C ASP A 322 0.10 -11.86 -1.24
N THR A 323 0.90 -12.10 -0.19
CA THR A 323 0.65 -13.24 0.68
C THR A 323 -0.69 -13.12 1.38
N PHE A 324 -1.09 -11.88 1.71
CA PHE A 324 -2.38 -11.66 2.34
C PHE A 324 -3.54 -12.00 1.40
N ASN A 325 -3.34 -11.84 0.09
CA ASN A 325 -4.36 -12.26 -0.86
C ASN A 325 -4.55 -13.78 -0.89
N ASP A 326 -3.44 -14.53 -0.93
CA ASP A 326 -3.59 -15.98 -0.97
C ASP A 326 -4.18 -16.53 0.32
N ILE A 327 -3.82 -15.95 1.46
CA ILE A 327 -4.38 -16.40 2.73
C ILE A 327 -5.88 -16.14 2.78
N GLU A 328 -6.33 -15.03 2.21
CA GLU A 328 -7.77 -14.79 2.14
C GLU A 328 -8.49 -15.79 1.27
N LYS A 329 -7.88 -16.18 0.15
CA LYS A 329 -8.53 -17.13 -0.75
C LYS A 329 -8.67 -18.50 -0.11
N HIS A 330 -7.61 -19.00 0.51
CA HIS A 330 -7.70 -20.33 1.10
C HIS A 330 -8.52 -20.36 2.37
N LYS A 331 -8.64 -19.21 3.06
CA LYS A 331 -9.54 -19.13 4.20
C LYS A 331 -10.98 -19.30 3.76
N PHE A 332 -11.35 -18.65 2.65
CA PHE A 332 -12.71 -18.78 2.14
C PHE A 332 -12.98 -20.20 1.63
N LYS A 333 -11.98 -20.80 1.00
CA LYS A 333 -12.15 -22.15 0.45
C LYS A 333 -12.37 -23.18 1.54
N SER A 334 -11.54 -23.12 2.59
CA SER A 334 -11.68 -24.11 3.66
C SER A 334 -12.96 -23.91 4.46
N LEU A 335 -13.46 -22.68 4.50
CA LEU A 335 -14.75 -22.46 5.15
C LEU A 335 -15.89 -23.09 4.34
N LEU A 336 -15.82 -23.00 3.01
CA LEU A 336 -16.88 -23.60 2.18
C LEU A 336 -16.87 -25.12 2.29
N LEU A 337 -15.69 -25.73 2.29
CA LEU A 337 -15.66 -27.19 2.35
C LEU A 337 -16.09 -27.69 3.71
N HIS A 338 -15.83 -26.91 4.76
CA HIS A 338 -16.28 -27.31 6.09
C HIS A 338 -17.79 -27.20 6.22
N LYS A 339 -18.39 -26.15 5.64
CA LYS A 339 -19.85 -26.06 5.63
C LYS A 339 -20.47 -27.17 4.80
N ARG A 340 -19.77 -27.61 3.75
CA ARG A 340 -20.26 -28.69 2.90
C ARG A 340 -20.36 -30.00 3.68
N THR A 341 -19.31 -30.37 4.42
CA THR A 341 -19.41 -31.59 5.21
C THR A 341 -20.40 -31.46 6.35
N ALA A 342 -20.59 -30.25 6.87
CA ALA A 342 -21.54 -30.06 7.96
C ALA A 342 -22.97 -30.31 7.49
N ILE A 343 -23.32 -29.80 6.32
CA ILE A 343 -24.67 -30.03 5.81
C ILE A 343 -24.86 -31.50 5.41
N GLN A 344 -23.81 -32.16 4.92
CA GLN A 344 -23.95 -33.57 4.55
C GLN A 344 -24.16 -34.46 5.76
N HIS A 345 -23.50 -34.16 6.89
CA HIS A 345 -23.80 -34.91 8.11
C HIS A 345 -25.19 -34.59 8.63
N ALA A 346 -25.64 -33.35 8.48
CA ALA A 346 -26.98 -32.97 8.92
C ALA A 346 -28.06 -33.69 8.14
N TYR A 347 -27.90 -33.77 6.82
CA TYR A 347 -28.82 -34.53 5.99
C TYR A 347 -28.71 -36.02 6.28
N GLY A 348 -27.53 -36.49 6.68
CA GLY A 348 -27.38 -37.89 7.01
C GLY A 348 -28.10 -38.29 8.28
N LEU A 349 -28.17 -37.38 9.26
CA LEU A 349 -28.86 -37.70 10.49
C LEU A 349 -30.37 -37.67 10.32
N LEU A 350 -30.86 -36.98 9.30
CA LEU A 350 -32.28 -36.99 8.94
C LEU A 350 -32.53 -37.89 7.75
N ALA A 351 -31.86 -39.04 7.72
CA ALA A 351 -32.07 -40.05 6.69
C ALA A 351 -33.48 -40.61 6.77
N SER A 352 -33.98 -41.07 5.64
CA SER A 352 -35.40 -41.35 5.49
C SER A 352 -35.76 -42.80 5.80
N GLN A 353 -34.96 -43.74 5.28
CA GLN A 353 -35.29 -45.18 5.21
C GLN A 353 -36.65 -45.36 4.54
N ARG A 354 -36.84 -44.64 3.44
CA ARG A 354 -38.09 -44.66 2.68
C ARG A 354 -37.76 -44.64 1.20
N ARG A 355 -38.76 -44.97 0.38
CA ARG A 355 -38.58 -45.11 -1.06
C ARG A 355 -38.27 -43.81 -1.81
N PRO A 356 -38.62 -42.60 -1.34
CA PRO A 356 -37.90 -41.44 -1.84
C PRO A 356 -36.74 -41.05 -0.92
N ALA A 357 -35.90 -40.18 -1.44
CA ALA A 357 -34.83 -39.57 -0.66
C ALA A 357 -35.19 -38.11 -0.43
N GLY A 358 -35.49 -37.76 0.81
CA GLY A 358 -35.85 -36.39 1.12
C GLY A 358 -36.10 -36.23 2.60
N ILE A 359 -36.55 -35.03 2.96
CA ILE A 359 -36.86 -34.68 4.35
C ILE A 359 -38.30 -34.22 4.40
N SER A 360 -39.08 -34.81 5.31
CA SER A 360 -40.45 -34.38 5.51
C SER A 360 -40.48 -33.04 6.24
N TYR A 361 -41.67 -32.44 6.30
CA TYR A 361 -41.77 -31.08 6.82
C TYR A 361 -41.55 -31.03 8.33
N ARG A 362 -41.97 -32.06 9.05
CA ARG A 362 -41.88 -32.01 10.51
C ARG A 362 -40.44 -32.12 10.99
N GLN A 363 -39.57 -32.72 10.20
CA GLN A 363 -38.16 -32.73 10.56
C GLN A 363 -37.54 -31.37 10.32
N PHE A 364 -37.96 -30.67 9.26
CA PHE A 364 -37.50 -29.32 9.03
C PHE A 364 -38.06 -28.36 10.08
N GLU A 365 -39.22 -28.68 10.62
CA GLU A 365 -39.72 -28.01 11.82
C GLU A 365 -38.74 -28.17 12.95
N GLY A 366 -38.21 -29.37 13.14
CA GLY A 366 -37.28 -29.61 14.23
C GLY A 366 -35.97 -28.87 14.09
N LEU A 367 -35.39 -28.87 12.88
CA LEU A 367 -34.17 -28.11 12.63
C LEU A 367 -34.37 -26.63 12.86
N MET A 368 -35.50 -26.10 12.44
CA MET A 368 -35.68 -24.67 12.70
C MET A 368 -36.20 -24.42 14.10
N ARG A 369 -36.52 -25.47 14.87
CA ARG A 369 -36.94 -25.30 16.25
C ARG A 369 -35.78 -25.26 17.21
N PHE A 370 -34.66 -25.90 16.87
CA PHE A 370 -33.45 -25.80 17.70
C PHE A 370 -32.43 -24.82 17.13
N TYR A 371 -32.00 -25.02 15.89
CA TYR A 371 -31.27 -23.97 15.20
C TYR A 371 -32.24 -22.84 14.88
N LYS A 372 -31.81 -21.60 15.12
CA LYS A 372 -32.64 -20.38 15.09
C LYS A 372 -33.88 -20.52 15.96
N PRO A 373 -33.78 -20.48 17.30
CA PRO A 373 -34.96 -20.75 18.13
C PRO A 373 -35.99 -19.65 18.11
N ARG A 374 -35.62 -18.41 17.78
CA ARG A 374 -36.53 -17.28 17.88
C ARG A 374 -37.40 -17.11 16.64
N MET A 375 -37.42 -18.07 15.74
CA MET A 375 -38.15 -17.97 14.49
C MET A 375 -39.50 -18.66 14.63
N SER A 376 -40.57 -17.92 14.39
CA SER A 376 -41.91 -18.46 14.61
C SER A 376 -42.35 -19.29 13.41
N ALA A 377 -43.60 -19.74 13.48
CA ALA A 377 -44.08 -20.84 12.66
C ALA A 377 -44.28 -20.45 11.20
N ARG A 378 -44.82 -19.25 10.97
CA ARG A 378 -45.06 -18.76 9.62
C ARG A 378 -43.74 -18.59 8.87
N GLU A 379 -42.71 -18.11 9.56
CA GLU A 379 -41.42 -17.97 8.92
C GLU A 379 -40.74 -19.32 8.74
N ARG A 380 -41.08 -20.30 9.57
CA ARG A 380 -40.57 -21.65 9.37
C ARG A 380 -41.10 -22.27 8.10
N PHE A 381 -42.41 -22.13 7.85
CA PHE A 381 -42.98 -22.68 6.62
C PHE A 381 -42.50 -21.90 5.40
N LEU A 382 -42.29 -20.59 5.54
CA LEU A 382 -41.71 -19.81 4.47
C LEU A 382 -40.31 -20.28 4.13
N THR A 383 -39.51 -20.62 5.14
CA THR A 383 -38.18 -21.16 4.86
C THR A 383 -38.26 -22.57 4.30
N PHE A 384 -39.37 -23.28 4.50
CA PHE A 384 -39.46 -24.58 3.88
C PHE A 384 -39.81 -24.48 2.41
N LYS A 385 -40.63 -23.49 2.04
CA LYS A 385 -40.88 -23.31 0.61
C LYS A 385 -39.71 -22.62 -0.08
N ALA A 386 -38.98 -21.76 0.64
CA ALA A 386 -37.88 -21.03 0.04
C ALA A 386 -36.71 -21.95 -0.29
N LEU A 387 -36.55 -23.03 0.45
CA LEU A 387 -35.57 -24.03 0.09
C LEU A 387 -36.10 -25.05 -0.91
N ASN A 388 -37.40 -25.03 -1.22
CA ASN A 388 -37.96 -26.17 -1.93
C ASN A 388 -37.56 -26.16 -3.40
N GLN A 389 -37.98 -25.13 -4.15
CA GLN A 389 -37.60 -24.89 -5.56
C GLN A 389 -37.96 -26.09 -6.44
N SER A 390 -39.02 -26.80 -6.08
CA SER A 390 -39.44 -28.04 -6.72
C SER A 390 -40.87 -28.29 -6.30
N ASN A 391 -41.59 -29.07 -7.10
CA ASN A 391 -42.97 -29.40 -6.79
C ASN A 391 -43.04 -30.77 -6.10
N THR A 392 -42.31 -30.87 -4.99
CA THR A 392 -42.17 -32.13 -4.29
C THR A 392 -42.69 -32.01 -2.86
N PRO A 393 -43.10 -33.11 -2.24
CA PRO A 393 -43.37 -33.10 -0.79
C PRO A 393 -42.13 -33.29 0.07
N LEU A 394 -40.95 -33.49 -0.53
CA LEU A 394 -39.73 -33.66 0.23
C LEU A 394 -38.65 -32.70 -0.25
N LEU A 395 -37.42 -32.87 0.22
CA LEU A 395 -36.29 -32.05 -0.17
C LEU A 395 -35.22 -32.89 -0.85
N SER A 396 -34.06 -32.28 -1.05
CA SER A 396 -32.98 -32.84 -1.85
C SER A 396 -31.67 -32.54 -1.14
N LEU A 397 -30.56 -32.65 -1.86
CA LEU A 397 -29.32 -32.04 -1.42
C LEU A 397 -29.06 -30.69 -2.08
N LYS A 398 -29.25 -30.60 -3.41
CA LYS A 398 -29.02 -29.35 -4.13
C LYS A 398 -29.94 -28.24 -3.65
N ASP A 399 -31.14 -28.59 -3.25
CA ASP A 399 -32.05 -27.62 -2.66
C ASP A 399 -31.87 -27.48 -1.17
N PHE A 400 -30.84 -28.09 -0.59
CA PHE A 400 -30.61 -28.04 0.84
C PHE A 400 -29.24 -27.50 1.21
N TYR A 401 -28.28 -27.46 0.27
CA TYR A 401 -26.99 -26.86 0.60
C TYR A 401 -27.07 -25.36 0.78
N ASP A 402 -28.18 -24.73 0.45
CA ASP A 402 -28.35 -23.29 0.62
C ASP A 402 -29.07 -22.95 1.92
N ILE A 403 -28.85 -23.72 2.99
CA ILE A 403 -29.61 -23.46 4.21
C ILE A 403 -29.05 -22.27 4.98
N TYR A 404 -27.76 -21.98 4.82
CA TYR A 404 -27.15 -20.90 5.58
C TYR A 404 -27.56 -19.53 5.07
N GLU A 405 -27.84 -19.42 3.78
CA GLU A 405 -28.08 -18.13 3.16
C GLU A 405 -29.56 -17.82 3.01
N VAL A 406 -30.44 -18.75 3.39
CA VAL A 406 -31.86 -18.50 3.39
C VAL A 406 -32.41 -18.38 4.80
N ALA A 407 -31.86 -19.11 5.77
CA ALA A 407 -32.37 -19.03 7.14
C ALA A 407 -31.98 -17.74 7.85
N ALA A 408 -31.18 -16.88 7.25
CA ALA A 408 -30.66 -15.70 7.91
C ALA A 408 -31.52 -14.45 7.72
N LEU A 409 -32.65 -14.56 7.05
CA LEU A 409 -33.42 -13.39 6.69
C LEU A 409 -34.70 -13.29 7.51
N GLN A 410 -35.27 -12.10 7.50
CA GLN A 410 -36.50 -11.80 8.23
C GLN A 410 -37.65 -11.61 7.24
N TRP A 411 -38.78 -12.19 7.57
CA TRP A 411 -39.95 -12.18 6.69
C TRP A 411 -40.92 -11.09 7.11
N LYS A 412 -41.53 -10.44 6.11
CA LYS A 412 -42.59 -9.48 6.34
C LYS A 412 -43.71 -9.73 5.34
N ALA A 413 -44.88 -9.20 5.66
CA ALA A 413 -46.04 -9.27 4.78
C ALA A 413 -46.02 -8.07 3.83
N LYS A 414 -47.11 -7.87 3.10
CA LYS A 414 -47.26 -6.71 2.23
C LYS A 414 -48.41 -5.84 2.73
N ARG A 415 -48.08 -4.94 3.65
CA ARG A 415 -48.93 -3.81 4.01
C ARG A 415 -48.44 -2.58 3.26
N ASN A 416 -49.17 -1.48 3.41
CA ASN A 416 -48.73 -0.21 2.85
C ASN A 416 -48.96 0.94 3.83
N ARG A 417 -49.28 0.66 5.08
CA ARG A 417 -49.69 1.69 6.02
C ARG A 417 -48.48 2.49 6.50
N GLN A 418 -48.73 3.44 7.39
CA GLN A 418 -47.70 4.15 8.11
C GLN A 418 -47.93 3.96 9.59
N HIS A 419 -46.85 4.06 10.37
CA HIS A 419 -46.89 3.81 11.81
C HIS A 419 -47.59 4.90 12.61
N TRP A 420 -48.13 5.94 11.97
CA TRP A 420 -48.77 7.02 12.70
C TRP A 420 -50.07 7.46 12.05
N PHE A 421 -50.72 6.58 11.27
CA PHE A 421 -51.92 6.96 10.54
C PHE A 421 -53.18 6.19 10.94
N ASP A 422 -53.04 5.06 11.64
CA ASP A 422 -54.20 4.19 11.87
C ASP A 422 -55.17 4.79 12.88
N GLU A 423 -54.65 5.47 13.91
CA GLU A 423 -55.50 6.13 14.90
C GLU A 423 -56.25 7.31 14.30
N LEU A 424 -55.73 7.90 13.22
CA LEU A 424 -56.15 9.23 12.77
C LEU A 424 -57.55 9.22 12.15
N PRO A 425 -58.45 10.06 12.63
CA PRO A 425 -59.60 10.48 11.82
C PRO A 425 -59.21 11.63 10.89
N ARG A 426 -60.19 12.25 10.25
CA ARG A 426 -59.94 13.44 9.45
C ARG A 426 -59.62 14.65 10.33
N THR A 427 -59.34 15.77 9.63
CA THR A 427 -59.04 17.13 10.11
C THR A 427 -57.62 17.17 10.71
N ALA A 428 -56.96 16.03 10.78
CA ALA A 428 -55.54 15.94 11.10
C ALA A 428 -54.81 14.95 10.22
N PHE A 429 -55.53 14.10 9.49
CA PHE A 429 -54.89 13.12 8.63
C PHE A 429 -54.27 13.76 7.40
N LEU A 430 -54.92 14.80 6.86
CA LEU A 430 -54.36 15.54 5.73
C LEU A 430 -53.09 16.28 6.13
N ILE A 431 -52.98 16.63 7.41
CA ILE A 431 -51.77 17.27 7.93
C ILE A 431 -50.58 16.34 7.81
N PHE A 432 -50.66 15.18 8.49
CA PHE A 432 -49.51 14.28 8.55
C PHE A 432 -49.24 13.60 7.21
N LYS A 433 -50.30 13.27 6.46
CA LYS A 433 -50.10 12.73 5.12
C LYS A 433 -49.49 13.77 4.21
N GLY A 434 -49.91 15.03 4.36
CA GLY A 434 -49.30 16.11 3.59
C GLY A 434 -47.83 16.32 3.92
N ILE A 435 -47.46 16.11 5.19
CA ILE A 435 -46.06 16.23 5.58
C ILE A 435 -45.23 15.10 5.00
N ASN A 436 -45.79 13.90 4.94
CA ASN A 436 -45.10 12.78 4.32
C ASN A 436 -44.94 13.02 2.82
N ILE A 437 -45.94 13.64 2.21
CA ILE A 437 -45.89 14.00 0.79
C ILE A 437 -44.77 14.99 0.53
N LEU A 438 -44.69 16.06 1.32
CA LEU A 438 -43.71 17.08 1.04
C LEU A 438 -42.31 16.66 1.45
N VAL A 439 -42.19 15.79 2.47
CA VAL A 439 -40.86 15.35 2.86
C VAL A 439 -40.32 14.31 1.88
N ASN A 440 -41.16 13.75 1.02
CA ASN A 440 -40.63 12.92 -0.04
C ASN A 440 -40.21 13.74 -1.26
N SER A 441 -40.47 15.05 -1.26
CA SER A 441 -40.17 15.86 -2.44
C SER A 441 -38.69 16.19 -2.52
N LYS A 442 -38.23 16.39 -3.75
CA LYS A 442 -36.81 16.62 -3.98
C LYS A 442 -36.39 18.04 -3.63
N ALA A 443 -37.23 19.03 -3.92
CA ALA A 443 -36.86 20.42 -3.69
C ALA A 443 -36.84 20.80 -2.21
N PHE A 444 -37.48 20.00 -1.36
CA PHE A 444 -37.33 20.20 0.08
C PHE A 444 -35.94 19.84 0.55
N GLN A 445 -35.41 18.71 0.08
CA GLN A 445 -34.03 18.34 0.36
C GLN A 445 -33.08 19.35 -0.24
N TYR A 446 -33.37 19.78 -1.48
CA TYR A 446 -32.59 20.81 -2.15
C TYR A 446 -32.68 22.14 -1.41
N PHE A 447 -33.72 22.37 -0.62
CA PHE A 447 -33.73 23.51 0.29
C PHE A 447 -32.81 23.29 1.47
N MET A 448 -32.78 22.06 1.98
CA MET A 448 -32.03 21.75 3.19
C MET A 448 -30.53 21.90 3.00
N TYR A 449 -30.02 21.53 1.82
CA TYR A 449 -28.60 21.70 1.57
C TYR A 449 -28.21 23.18 1.51
N LEU A 450 -29.11 24.03 1.05
CA LEU A 450 -28.85 25.47 1.10
C LEU A 450 -28.82 25.97 2.53
N VAL A 451 -29.64 25.38 3.41
CA VAL A 451 -29.60 25.79 4.82
C VAL A 451 -28.25 25.43 5.44
N VAL A 452 -27.74 24.25 5.12
CA VAL A 452 -26.47 23.81 5.68
C VAL A 452 -25.33 24.67 5.15
N ALA A 453 -25.36 25.02 3.86
CA ALA A 453 -24.33 25.87 3.29
C ALA A 453 -24.37 27.28 3.86
N VAL A 454 -25.57 27.79 4.15
CA VAL A 454 -25.70 29.08 4.81
C VAL A 454 -25.07 29.03 6.20
N ASN A 455 -25.25 27.90 6.91
CA ASN A 455 -24.59 27.72 8.20
C ASN A 455 -23.07 27.74 8.07
N GLY A 456 -22.53 27.10 7.03
CA GLY A 456 -21.08 27.04 6.89
C GLY A 456 -20.47 28.39 6.56
N VAL A 457 -21.11 29.16 5.68
CA VAL A 457 -20.60 30.49 5.38
C VAL A 457 -20.78 31.40 6.58
N TRP A 458 -21.80 31.16 7.40
CA TRP A 458 -21.99 31.96 8.60
C TRP A 458 -20.89 31.73 9.63
N ILE A 459 -20.46 30.47 9.78
CA ILE A 459 -19.36 30.19 10.71
C ILE A 459 -18.06 30.79 10.19
N LEU A 460 -17.84 30.73 8.87
CA LEU A 460 -16.58 31.20 8.31
C LEU A 460 -16.47 32.72 8.40
N VAL A 461 -17.55 33.42 8.07
CA VAL A 461 -17.51 34.88 8.08
C VAL A 461 -17.47 35.40 9.51
N GLU A 462 -18.18 34.73 10.43
CA GLU A 462 -18.11 35.15 11.82
C GLU A 462 -16.73 34.86 12.41
N THR A 463 -16.02 33.86 11.88
CA THR A 463 -14.65 33.59 12.30
C THR A 463 -13.70 34.70 11.87
N PHE A 464 -13.67 35.00 10.57
CA PHE A 464 -12.75 36.03 10.10
C PHE A 464 -13.26 37.45 10.31
N MET A 465 -14.39 37.63 10.99
CA MET A 465 -14.79 38.95 11.45
C MET A 465 -14.51 39.16 12.94
N LEU A 466 -14.79 38.16 13.77
CA LEU A 466 -14.49 38.26 15.19
C LEU A 466 -13.06 37.83 15.51
N LYS A 467 -12.22 37.66 14.48
CA LYS A 467 -10.77 37.46 14.60
C LYS A 467 -10.41 36.22 15.42
N GLY A 468 -11.19 35.16 15.25
CA GLY A 468 -10.94 33.92 15.97
C GLY A 468 -11.41 33.91 17.40
N GLY A 469 -11.94 35.01 17.91
CA GLY A 469 -12.36 35.03 19.30
C GLY A 469 -13.83 34.74 19.50
N ASN A 470 -14.42 34.00 18.57
CA ASN A 470 -15.84 33.69 18.63
C ASN A 470 -16.13 32.44 19.43
N PHE A 471 -15.11 31.80 20.00
CA PHE A 471 -15.33 30.55 20.71
C PHE A 471 -15.11 30.65 22.21
N THR A 472 -14.30 31.59 22.68
CA THR A 472 -14.04 31.67 24.10
C THR A 472 -15.14 32.39 24.86
N SER A 473 -16.01 33.12 24.18
CA SER A 473 -16.98 33.97 24.85
C SER A 473 -18.09 33.15 25.48
N LYS A 474 -18.63 33.67 26.57
CA LYS A 474 -19.64 32.96 27.32
C LYS A 474 -21.06 33.30 26.88
N HIS A 475 -21.20 34.07 25.81
CA HIS A 475 -22.49 34.25 25.15
C HIS A 475 -22.39 33.80 23.71
N VAL A 476 -23.39 33.04 23.27
CA VAL A 476 -23.46 32.55 21.90
C VAL A 476 -24.02 33.66 21.02
N PRO A 477 -23.35 34.04 19.92
CA PRO A 477 -23.79 35.13 19.07
C PRO A 477 -24.94 34.79 18.11
N TRP A 478 -26.01 34.22 18.67
CA TRP A 478 -27.29 33.94 18.00
C TRP A 478 -27.21 32.99 16.82
N SER A 479 -26.04 32.44 16.51
CA SER A 479 -25.96 31.49 15.42
C SER A 479 -26.48 30.14 15.86
N TYR A 480 -25.95 29.64 16.97
CA TYR A 480 -26.21 28.27 17.40
C TYR A 480 -27.63 28.11 17.91
N LEU A 481 -28.23 29.21 18.38
CA LEU A 481 -29.64 29.16 18.75
C LEU A 481 -30.52 28.96 17.52
N VAL A 482 -30.35 29.83 16.51
CA VAL A 482 -31.20 29.81 15.32
C VAL A 482 -31.01 28.52 14.54
N PHE A 483 -29.76 28.10 14.37
CA PHE A 483 -29.47 26.92 13.58
C PHE A 483 -29.92 25.65 14.28
N LEU A 484 -29.80 25.57 15.62
CA LEU A 484 -30.30 24.37 16.28
C LEU A 484 -31.83 24.32 16.28
N THR A 485 -32.49 25.49 16.25
CA THR A 485 -33.94 25.47 16.12
C THR A 485 -34.37 24.95 14.76
N ILE A 486 -33.70 25.38 13.69
CA ILE A 486 -34.17 24.99 12.36
C ILE A 486 -33.82 23.53 12.07
N TYR A 487 -32.63 23.07 12.48
CA TYR A 487 -32.30 21.66 12.34
C TYR A 487 -33.22 20.80 13.20
N GLY A 488 -33.60 21.30 14.37
CA GLY A 488 -34.40 20.50 15.28
C GLY A 488 -35.82 20.33 14.81
N VAL A 489 -36.43 21.42 14.31
CA VAL A 489 -37.82 21.31 13.88
C VAL A 489 -37.91 20.49 12.60
N GLU A 490 -36.87 20.50 11.77
CA GLU A 490 -36.93 19.65 10.60
C GLU A 490 -36.58 18.20 10.94
N LEU A 491 -35.84 17.98 12.03
CA LEU A 491 -35.65 16.62 12.52
C LEU A 491 -36.96 16.00 12.97
N PHE A 492 -37.69 16.70 13.85
CA PHE A 492 -38.95 16.19 14.37
C PHE A 492 -39.99 16.06 13.26
N MET A 493 -39.97 16.98 12.30
CA MET A 493 -40.88 16.91 11.17
C MET A 493 -40.58 15.71 10.30
N LYS A 494 -39.30 15.40 10.12
CA LYS A 494 -38.92 14.29 9.25
C LYS A 494 -39.24 12.95 9.89
N VAL A 495 -38.98 12.83 11.21
CA VAL A 495 -39.21 11.56 11.89
C VAL A 495 -40.70 11.28 12.01
N ALA A 496 -41.48 12.30 12.40
CA ALA A 496 -42.92 12.08 12.49
C ALA A 496 -43.55 11.91 11.12
N GLY A 497 -42.93 12.46 10.08
CA GLY A 497 -43.46 12.26 8.74
C GLY A 497 -43.17 10.89 8.17
N LEU A 498 -42.01 10.32 8.50
CA LEU A 498 -41.59 9.06 7.90
C LEU A 498 -41.86 7.85 8.76
N GLY A 499 -42.02 8.01 10.07
CA GLY A 499 -42.08 6.88 10.96
C GLY A 499 -40.69 6.53 11.44
N PRO A 500 -40.59 5.96 12.64
CA PRO A 500 -39.28 5.78 13.26
C PRO A 500 -38.40 4.75 12.57
N VAL A 501 -38.97 3.59 12.26
CA VAL A 501 -38.14 2.52 11.68
C VAL A 501 -37.85 2.81 10.21
N GLU A 502 -38.72 3.54 9.51
CA GLU A 502 -38.40 3.94 8.15
C GLU A 502 -37.40 5.08 8.12
N TYR A 503 -37.17 5.73 9.26
CA TYR A 503 -36.16 6.78 9.31
C TYR A 503 -34.81 6.24 9.73
N LEU A 504 -34.80 5.32 10.70
CA LEU A 504 -33.54 4.79 11.22
C LEU A 504 -32.84 3.87 10.23
N SER A 505 -33.57 3.34 9.25
CA SER A 505 -33.04 2.33 8.33
C SER A 505 -31.95 2.85 7.40
N SER A 506 -31.79 4.16 7.27
CA SER A 506 -30.70 4.71 6.47
C SER A 506 -29.46 4.91 7.33
N GLY A 507 -28.39 5.39 6.71
CA GLY A 507 -27.16 5.62 7.43
C GLY A 507 -27.00 7.04 7.95
N TRP A 508 -27.15 8.01 7.05
CA TRP A 508 -26.89 9.41 7.38
C TRP A 508 -27.92 9.97 8.35
N ASN A 509 -29.11 9.39 8.40
CA ASN A 509 -30.18 9.97 9.20
C ASN A 509 -29.90 9.81 10.70
N LEU A 510 -29.39 8.66 11.11
CA LEU A 510 -29.04 8.49 12.51
C LEU A 510 -27.81 9.30 12.89
N PHE A 511 -26.98 9.66 11.91
CA PHE A 511 -25.92 10.62 12.15
C PHE A 511 -26.49 11.99 12.46
N ASP A 512 -27.53 12.41 11.71
CA ASP A 512 -28.17 13.68 11.99
C ASP A 512 -28.83 13.66 13.36
N PHE A 513 -29.47 12.55 13.69
CA PHE A 513 -30.11 12.42 14.99
C PHE A 513 -29.10 12.48 16.11
N SER A 514 -27.94 11.83 15.91
CA SER A 514 -26.96 11.78 16.99
C SER A 514 -26.31 13.14 17.22
N VAL A 515 -25.98 13.85 16.15
CA VAL A 515 -25.25 15.10 16.34
C VAL A 515 -26.16 16.20 16.88
N THR A 516 -27.44 16.23 16.47
CA THR A 516 -28.36 17.15 17.14
C THR A 516 -28.64 16.71 18.57
N ALA A 517 -28.59 15.40 18.84
CA ALA A 517 -28.77 14.91 20.20
C ALA A 517 -27.65 15.36 21.12
N PHE A 518 -26.42 15.45 20.63
CA PHE A 518 -25.42 16.16 21.40
C PHE A 518 -25.77 17.63 21.51
N ALA A 519 -26.31 18.21 20.44
CA ALA A 519 -26.40 19.67 20.35
C ALA A 519 -27.42 20.27 21.30
N PHE A 520 -28.46 19.53 21.70
CA PHE A 520 -29.39 20.11 22.68
C PHE A 520 -28.79 20.21 24.07
N LEU A 521 -27.77 19.39 24.37
CA LEU A 521 -27.05 19.54 25.62
C LEU A 521 -26.20 20.80 25.64
N GLY A 522 -25.90 21.38 24.47
CA GLY A 522 -25.28 22.69 24.45
C GLY A 522 -26.20 23.77 24.96
N LEU A 523 -27.49 23.70 24.61
CA LEU A 523 -28.47 24.60 25.21
C LEU A 523 -28.68 24.27 26.67
N LEU A 524 -28.47 23.01 27.07
CA LEU A 524 -28.46 22.69 28.49
C LEU A 524 -27.25 23.28 29.19
N ALA A 525 -26.20 23.60 28.43
CA ALA A 525 -24.97 24.13 28.99
C ALA A 525 -24.90 25.65 28.99
N LEU A 526 -25.61 26.30 28.07
CA LEU A 526 -25.50 27.75 27.95
C LEU A 526 -26.30 28.47 29.03
N THR A 527 -27.59 28.15 29.14
CA THR A 527 -28.49 28.90 30.00
C THR A 527 -28.41 28.49 31.46
N LEU A 528 -27.80 27.36 31.75
CA LEU A 528 -27.79 26.79 33.09
C LEU A 528 -26.42 26.96 33.72
N ASN A 529 -26.31 26.51 34.98
CA ASN A 529 -25.07 26.63 35.74
C ASN A 529 -24.21 25.38 35.60
N MET A 530 -24.01 24.94 34.37
CA MET A 530 -23.13 23.81 34.05
C MET A 530 -22.13 24.32 33.02
N GLU A 531 -20.99 24.78 33.51
CA GLU A 531 -19.94 25.26 32.60
C GLU A 531 -19.30 24.19 31.72
N PRO A 532 -18.77 23.06 32.23
CA PRO A 532 -17.82 22.29 31.39
C PRO A 532 -18.43 21.55 30.21
N PHE A 533 -19.73 21.69 29.95
CA PHE A 533 -20.34 21.17 28.74
C PHE A 533 -20.40 22.20 27.64
N TYR A 534 -19.55 23.22 27.68
CA TYR A 534 -19.57 24.23 26.64
C TYR A 534 -18.88 23.76 25.36
N PHE A 535 -18.17 22.63 25.41
CA PHE A 535 -17.47 22.16 24.23
C PHE A 535 -18.42 21.62 23.18
N ILE A 536 -19.66 21.32 23.56
CA ILE A 536 -20.66 20.98 22.55
C ILE A 536 -21.02 22.22 21.76
N VAL A 537 -21.01 23.38 22.40
CA VAL A 537 -21.20 24.64 21.67
C VAL A 537 -19.98 24.93 20.82
N VAL A 538 -18.79 24.49 21.26
CA VAL A 538 -17.59 24.67 20.44
C VAL A 538 -17.65 23.77 19.21
N LEU A 539 -18.30 22.62 19.30
CA LEU A 539 -18.47 21.76 18.13
C LEU A 539 -19.66 22.17 17.28
N ARG A 540 -19.72 23.43 16.86
CA ARG A 540 -20.61 23.81 15.77
C ARG A 540 -20.36 23.05 14.47
N PRO A 541 -19.15 23.04 13.88
CA PRO A 541 -19.05 22.68 12.46
C PRO A 541 -19.19 21.20 12.16
N LEU A 542 -19.58 20.34 13.09
CA LEU A 542 -19.92 18.98 12.70
C LEU A 542 -21.18 18.89 11.88
N GLN A 543 -22.00 19.95 11.86
CA GLN A 543 -23.20 19.93 11.05
C GLN A 543 -22.89 19.99 9.56
N LEU A 544 -21.72 20.52 9.19
CA LEU A 544 -21.33 20.57 7.79
C LEU A 544 -21.02 19.21 7.20
N LEU A 545 -20.86 18.18 8.03
CA LEU A 545 -20.56 16.85 7.54
C LEU A 545 -21.79 16.19 6.93
N ARG A 546 -22.96 16.81 7.05
CA ARG A 546 -24.11 16.37 6.26
C ARG A 546 -23.86 16.57 4.78
N LEU A 547 -23.15 17.64 4.44
CA LEU A 547 -23.10 18.12 3.07
C LEU A 547 -22.24 17.24 2.17
N PHE A 548 -21.46 16.31 2.73
CA PHE A 548 -20.68 15.39 1.92
C PHE A 548 -21.51 14.34 1.20
N LYS A 549 -22.81 14.25 1.44
CA LYS A 549 -23.60 13.23 0.79
C LYS A 549 -24.05 13.63 -0.60
N LEU A 550 -23.53 14.73 -1.15
CA LEU A 550 -23.87 15.09 -2.52
C LEU A 550 -23.01 14.33 -3.51
N LYS A 551 -21.69 14.37 -3.34
CA LYS A 551 -20.79 13.78 -4.32
C LYS A 551 -20.75 12.26 -4.15
N LYS A 552 -20.73 11.56 -5.28
CA LYS A 552 -20.96 10.12 -5.30
C LYS A 552 -19.84 9.34 -4.62
N ARG A 553 -18.60 9.78 -4.83
CA ARG A 553 -17.46 9.01 -4.34
C ARG A 553 -17.38 9.03 -2.82
N TYR A 554 -17.95 10.06 -2.19
CA TYR A 554 -18.03 10.06 -0.73
C TYR A 554 -19.02 9.02 -0.23
N ARG A 555 -20.14 8.84 -0.93
CA ARG A 555 -21.10 7.83 -0.50
C ARG A 555 -20.53 6.43 -0.63
N ASN A 556 -19.78 6.19 -1.70
CA ASN A 556 -19.16 4.90 -1.89
C ASN A 556 -18.07 4.65 -0.84
N VAL A 557 -17.20 5.63 -0.63
CA VAL A 557 -16.03 5.37 0.20
C VAL A 557 -16.41 5.38 1.68
N LEU A 558 -17.49 6.07 2.04
CA LEU A 558 -17.95 5.99 3.41
C LEU A 558 -18.80 4.75 3.64
N ASP A 559 -19.36 4.19 2.57
CA ASP A 559 -19.99 2.88 2.71
C ASP A 559 -18.96 1.82 3.04
N THR A 560 -17.83 1.82 2.32
CA THR A 560 -16.79 0.85 2.62
C THR A 560 -16.09 1.16 3.94
N MET A 561 -16.03 2.43 4.34
CA MET A 561 -15.46 2.74 5.65
C MET A 561 -16.32 2.18 6.77
N PHE A 562 -17.62 2.45 6.74
CA PHE A 562 -18.52 1.93 7.77
C PHE A 562 -18.73 0.43 7.68
N GLU A 563 -18.28 -0.22 6.61
CA GLU A 563 -18.45 -1.66 6.49
C GLU A 563 -17.20 -2.44 6.86
N LEU A 564 -16.04 -1.79 6.86
CA LEU A 564 -14.79 -2.37 7.33
C LEU A 564 -14.48 -2.07 8.79
N LEU A 565 -15.36 -1.36 9.49
CA LEU A 565 -15.09 -0.97 10.86
C LEU A 565 -14.94 -2.10 11.87
N PRO A 566 -15.75 -3.18 11.87
CA PRO A 566 -15.52 -4.24 12.89
C PRO A 566 -14.19 -4.94 12.82
N ARG A 567 -13.65 -5.15 11.63
CA ARG A 567 -12.35 -5.80 11.53
C ARG A 567 -11.24 -4.88 12.00
N MET A 568 -11.38 -3.57 11.75
CA MET A 568 -10.38 -2.65 12.28
C MET A 568 -10.48 -2.51 13.79
N ALA A 569 -11.65 -2.73 14.35
CA ALA A 569 -11.77 -2.82 15.81
C ALA A 569 -11.01 -4.03 16.33
N SER A 570 -11.10 -5.15 15.62
CA SER A 570 -10.38 -6.33 16.06
C SER A 570 -8.87 -6.17 15.91
N LEU A 571 -8.43 -5.52 14.83
CA LEU A 571 -7.00 -5.23 14.66
C LEU A 571 -6.50 -4.30 15.75
N GLY A 572 -7.31 -3.33 16.15
CA GLY A 572 -6.96 -2.50 17.27
C GLY A 572 -6.84 -3.26 18.58
N LEU A 573 -7.66 -4.29 18.76
CA LEU A 573 -7.57 -5.02 20.01
C LEU A 573 -6.39 -5.99 20.03
N THR A 574 -5.99 -6.50 18.86
CA THR A 574 -4.73 -7.24 18.78
C THR A 574 -3.54 -6.34 19.08
N LEU A 575 -3.57 -5.11 18.57
CA LEU A 575 -2.50 -4.17 18.87
C LEU A 575 -2.46 -3.85 20.36
N LEU A 576 -3.61 -3.81 21.03
CA LEU A 576 -3.59 -3.62 22.47
C LEU A 576 -3.11 -4.85 23.22
N THR A 577 -3.21 -6.04 22.62
CA THR A 577 -2.59 -7.21 23.23
C THR A 577 -1.07 -7.09 23.23
N PHE A 578 -0.48 -6.74 22.08
CA PHE A 578 0.97 -6.58 22.01
C PHE A 578 1.46 -5.43 22.90
N TYR A 579 0.67 -4.35 23.00
CA TYR A 579 1.07 -3.29 23.92
C TYR A 579 1.00 -3.75 25.36
N TYR A 580 0.07 -4.64 25.70
CA TYR A 580 -0.07 -5.02 27.10
C TYR A 580 1.12 -5.85 27.55
N SER A 581 1.55 -6.80 26.73
CA SER A 581 2.69 -7.62 27.14
C SER A 581 3.98 -6.82 27.15
N PHE A 582 4.16 -5.90 26.18
CA PHE A 582 5.38 -5.11 26.23
C PHE A 582 5.34 -4.05 27.31
N ALA A 583 4.16 -3.60 27.72
CA ALA A 583 4.08 -2.63 28.80
C ALA A 583 4.43 -3.26 30.12
N ILE A 584 4.01 -4.50 30.35
CA ILE A 584 4.35 -5.16 31.60
C ILE A 584 5.83 -5.51 31.64
N VAL A 585 6.37 -6.08 30.57
CA VAL A 585 7.78 -6.47 30.60
C VAL A 585 8.70 -5.27 30.55
N GLY A 586 8.19 -4.08 30.23
CA GLY A 586 8.96 -2.88 30.42
C GLY A 586 8.66 -2.16 31.71
N MET A 587 7.57 -2.54 32.39
CA MET A 587 7.19 -1.83 33.60
C MET A 587 8.06 -2.22 34.76
N GLU A 588 8.53 -3.46 34.79
CA GLU A 588 9.29 -3.91 35.94
C GLU A 588 10.74 -3.47 35.84
N PHE A 589 11.31 -3.47 34.66
CA PHE A 589 12.73 -3.20 34.53
C PHE A 589 13.07 -1.74 34.36
N PHE A 590 12.10 -0.91 33.99
CA PHE A 590 12.34 0.50 33.69
C PHE A 590 11.52 1.38 34.61
N ASN A 591 11.48 1.06 35.90
CA ASN A 591 10.48 1.63 36.79
C ASN A 591 10.77 3.08 37.11
N GLY A 592 11.87 3.36 37.79
CA GLY A 592 12.06 4.71 38.25
C GLY A 592 13.28 5.37 37.65
N ARG A 593 13.63 4.97 36.44
CA ARG A 593 14.89 5.39 35.87
C ARG A 593 14.81 6.72 35.15
N LEU A 594 13.65 7.36 35.10
CA LEU A 594 13.51 8.64 34.42
C LEU A 594 12.94 9.66 35.39
N THR A 595 13.76 10.62 35.78
CA THR A 595 13.40 11.71 36.66
C THR A 595 13.65 13.02 35.93
N PRO A 596 13.12 14.14 36.43
CA PRO A 596 13.54 15.43 35.89
C PRO A 596 15.00 15.71 36.18
N ASN A 597 15.63 16.41 35.24
CA ASN A 597 17.07 16.71 35.24
C ASN A 597 17.91 15.43 35.36
N CYS A 598 17.49 14.39 34.66
CA CYS A 598 18.25 13.16 34.62
C CYS A 598 18.96 13.04 33.28
N CYS A 599 19.77 11.99 33.16
CA CYS A 599 20.49 11.62 31.95
C CYS A 599 21.40 12.73 31.47
N ASN A 600 21.99 13.48 32.41
CA ASN A 600 22.73 14.67 32.02
C ASN A 600 24.07 14.36 31.40
N THR A 601 24.59 13.16 31.60
CA THR A 601 25.81 12.73 30.94
C THR A 601 25.57 12.17 29.55
N SER A 602 24.31 12.00 29.16
CA SER A 602 23.99 11.37 27.88
C SER A 602 24.18 12.37 26.75
N THR A 603 23.75 11.97 25.56
CA THR A 603 23.84 12.84 24.40
C THR A 603 22.54 13.56 24.10
N VAL A 604 21.45 13.21 24.79
CA VAL A 604 20.15 13.81 24.54
C VAL A 604 19.75 14.48 25.84
N ALA A 605 20.73 15.01 26.55
CA ALA A 605 20.47 15.56 27.88
C ALA A 605 19.67 16.85 27.84
N ASP A 606 19.51 17.46 26.67
CA ASP A 606 18.76 18.69 26.54
C ASP A 606 17.28 18.44 26.76
N ALA A 607 16.80 17.27 26.40
CA ALA A 607 15.37 16.97 26.47
C ALA A 607 14.89 16.70 27.87
N TYR A 608 15.78 16.28 28.76
CA TYR A 608 15.46 16.03 30.15
C TYR A 608 16.05 17.20 30.93
N ARG A 609 15.25 18.25 31.15
CA ARG A 609 15.74 19.33 31.97
C ARG A 609 14.56 19.98 32.68
N PHE A 610 14.83 20.52 33.85
CA PHE A 610 13.78 21.14 34.66
C PHE A 610 14.45 22.21 35.50
N ILE A 611 14.41 23.44 35.02
CA ILE A 611 15.22 24.52 35.56
C ILE A 611 14.30 25.60 36.10
N ASN A 612 14.54 26.02 37.33
CA ASN A 612 13.89 27.22 37.86
C ASN A 612 14.73 28.45 37.58
N HIS A 613 14.06 29.52 37.18
CA HIS A 613 14.69 30.82 37.00
C HIS A 613 13.93 31.78 37.90
N THR A 614 14.35 31.85 39.17
CA THR A 614 13.56 32.47 40.23
C THR A 614 13.71 33.98 40.30
N VAL A 615 14.12 34.64 39.22
CA VAL A 615 14.28 36.10 39.26
C VAL A 615 12.90 36.75 39.26
N GLY A 616 12.76 37.83 40.02
CA GLY A 616 11.52 38.56 40.10
C GLY A 616 10.46 37.92 40.96
N ASN A 617 10.80 36.89 41.74
CA ASN A 617 9.90 36.13 42.61
C ASN A 617 8.71 35.55 41.86
N LYS A 618 8.93 35.00 40.68
CA LYS A 618 7.86 34.37 39.93
C LYS A 618 8.27 33.03 39.30
N THR A 619 9.58 32.72 39.28
CA THR A 619 10.22 31.48 38.83
C THR A 619 9.68 30.91 37.51
N LYS A 620 9.92 31.64 36.42
CA LYS A 620 9.63 31.13 35.09
C LYS A 620 10.45 29.87 34.81
N VAL A 621 9.77 28.79 34.46
CA VAL A 621 10.37 27.47 34.39
C VAL A 621 10.54 27.03 32.94
N GLU A 622 11.71 26.48 32.63
CA GLU A 622 11.99 25.88 31.33
C GLU A 622 12.08 24.36 31.51
N GLU A 623 11.45 23.63 30.60
CA GLU A 623 11.50 22.17 30.69
C GLU A 623 11.31 21.56 29.32
N GLY A 624 11.86 20.36 29.17
CA GLY A 624 11.86 19.66 27.91
C GLY A 624 10.89 18.50 27.90
N TYR A 625 10.29 18.24 29.05
CA TYR A 625 9.08 17.45 29.21
C TYR A 625 9.17 15.97 28.90
N TYR A 626 10.29 15.47 28.40
CA TYR A 626 10.30 14.07 28.01
C TYR A 626 10.53 13.13 29.16
N TYR A 627 10.58 13.64 30.38
CA TYR A 627 10.61 12.77 31.56
C TYR A 627 9.23 12.28 31.94
N LEU A 628 8.18 12.76 31.30
CA LEU A 628 6.84 12.30 31.62
C LEU A 628 6.51 10.98 30.98
N ASN A 629 7.35 10.50 30.06
CA ASN A 629 7.14 9.20 29.42
C ASN A 629 7.79 8.15 30.30
N ASN A 630 7.12 7.84 31.41
CA ASN A 630 7.64 6.92 32.39
C ASN A 630 7.38 5.50 31.97
N PHE A 631 7.63 4.58 32.90
CA PHE A 631 7.07 3.25 32.89
C PHE A 631 6.60 2.92 34.30
N ASP A 632 5.85 3.85 34.90
CA ASP A 632 5.49 3.72 36.31
C ASP A 632 4.30 2.80 36.52
N ASN A 633 3.30 2.88 35.65
CA ASN A 633 2.08 2.10 35.81
C ASN A 633 1.65 1.66 34.42
N ILE A 634 0.43 1.15 34.30
CA ILE A 634 0.01 0.73 32.97
C ILE A 634 -0.37 1.93 32.13
N LEU A 635 -0.83 3.00 32.76
CA LEU A 635 -1.39 4.09 31.98
C LEU A 635 -0.31 4.97 31.38
N ASN A 636 0.73 5.29 32.16
CA ASN A 636 1.84 6.03 31.57
C ASN A 636 2.61 5.16 30.58
N SER A 637 2.60 3.86 30.76
CA SER A 637 3.30 3.01 29.81
C SER A 637 2.51 2.79 28.53
N PHE A 638 1.18 2.75 28.59
CA PHE A 638 0.41 2.74 27.34
C PHE A 638 0.56 4.06 26.59
N VAL A 639 0.64 5.18 27.31
CA VAL A 639 0.84 6.43 26.62
C VAL A 639 2.24 6.49 26.00
N THR A 640 3.23 5.93 26.69
CA THR A 640 4.57 5.89 26.14
C THR A 640 4.66 5.01 24.90
N LEU A 641 4.08 3.81 24.96
CA LEU A 641 4.12 2.91 23.82
C LEU A 641 3.32 3.45 22.64
N PHE A 642 2.25 4.19 22.92
CA PHE A 642 1.57 4.87 21.82
C PHE A 642 2.43 5.96 21.23
N GLU A 643 3.28 6.59 22.04
CA GLU A 643 4.22 7.54 21.46
C GLU A 643 5.34 6.87 20.70
N LEU A 644 5.52 5.57 20.84
CA LEU A 644 6.52 4.90 20.05
C LEU A 644 5.97 4.30 18.76
N THR A 645 4.66 4.10 18.62
CA THR A 645 4.25 3.49 17.36
C THR A 645 4.08 4.50 16.24
N VAL A 646 3.58 5.70 16.51
CA VAL A 646 3.97 6.79 15.65
C VAL A 646 5.45 6.98 15.86
N VAL A 647 6.18 7.14 14.77
CA VAL A 647 7.60 6.81 14.86
C VAL A 647 8.40 7.93 15.49
N ASN A 648 8.02 9.19 15.23
CA ASN A 648 8.92 10.34 15.40
C ASN A 648 9.40 10.51 16.83
N ASN A 649 10.69 10.82 16.95
CA ASN A 649 11.39 11.08 18.21
C ASN A 649 11.34 9.89 19.15
N TRP A 650 11.53 8.69 18.62
CA TRP A 650 11.57 7.52 19.48
C TRP A 650 12.96 7.24 20.00
N TYR A 651 13.99 7.70 19.29
CA TYR A 651 15.35 7.47 19.74
C TYR A 651 15.69 8.28 20.98
N ILE A 652 14.89 9.27 21.35
CA ILE A 652 15.17 10.01 22.56
C ILE A 652 14.79 9.21 23.79
N ILE A 653 13.64 8.53 23.75
CA ILE A 653 13.25 7.63 24.82
C ILE A 653 14.22 6.46 24.90
N MET A 654 14.65 5.96 23.74
CA MET A 654 15.67 4.90 23.72
C MET A 654 16.97 5.34 24.37
N GLU A 655 17.52 6.48 23.95
CA GLU A 655 18.82 6.90 24.48
C GLU A 655 18.76 7.31 25.93
N GLY A 656 17.58 7.74 26.40
CA GLY A 656 17.45 8.03 27.82
C GLY A 656 17.47 6.78 28.68
N VAL A 657 16.63 5.80 28.33
CA VAL A 657 16.54 4.57 29.11
C VAL A 657 17.86 3.81 29.05
N THR A 658 18.51 3.78 27.89
CA THR A 658 19.80 3.13 27.82
C THR A 658 20.89 3.94 28.47
N SER A 659 20.68 5.23 28.69
CA SER A 659 21.65 5.94 29.50
C SER A 659 21.43 5.73 30.98
N GLN A 660 20.37 5.04 31.38
CA GLN A 660 20.25 4.69 32.79
C GLN A 660 20.39 3.21 33.09
N THR A 661 20.15 2.31 32.13
CA THR A 661 20.29 0.91 32.50
C THR A 661 21.56 0.24 32.01
N SER A 662 21.73 0.13 30.70
CA SER A 662 22.82 -0.64 30.11
C SER A 662 22.86 -0.36 28.62
N HIS A 663 23.66 -1.12 27.90
CA HIS A 663 23.56 -1.13 26.45
C HIS A 663 22.54 -2.12 25.95
N TRP A 664 22.11 -3.07 26.78
CA TRP A 664 21.25 -4.13 26.26
C TRP A 664 19.82 -3.69 26.07
N SER A 665 19.41 -2.60 26.66
CA SER A 665 18.02 -2.19 26.53
C SER A 665 17.75 -1.35 25.30
N ARG A 666 18.71 -1.23 24.39
CA ARG A 666 18.39 -0.80 23.03
C ARG A 666 17.58 -1.87 22.33
N LEU A 667 17.82 -3.13 22.67
CA LEU A 667 17.22 -4.25 21.97
C LEU A 667 15.73 -4.33 22.24
N TYR A 668 15.28 -3.79 23.37
CA TYR A 668 13.86 -3.70 23.68
C TYR A 668 13.13 -2.83 22.68
N PHE A 669 13.65 -1.62 22.45
CA PHE A 669 12.97 -0.68 21.58
C PHE A 669 13.11 -1.05 20.12
N MET A 670 14.23 -1.67 19.73
CA MET A 670 14.36 -2.14 18.36
C MET A 670 13.37 -3.24 18.07
N THR A 671 13.19 -4.16 19.02
CA THR A 671 12.19 -5.22 18.87
C THR A 671 10.80 -4.64 18.79
N PHE A 672 10.52 -3.58 19.56
CA PHE A 672 9.21 -2.96 19.51
C PHE A 672 8.95 -2.29 18.18
N TYR A 673 9.97 -1.72 17.56
CA TYR A 673 9.76 -1.10 16.26
C TYR A 673 9.47 -2.13 15.18
N ILE A 674 10.10 -3.30 15.26
CA ILE A 674 9.82 -4.36 14.28
C ILE A 674 8.41 -4.90 14.46
N VAL A 675 7.95 -5.07 15.70
CA VAL A 675 6.61 -5.60 15.94
C VAL A 675 5.54 -4.63 15.47
N THR A 676 5.70 -3.34 15.77
CA THR A 676 4.70 -2.39 15.29
C THR A 676 4.79 -2.18 13.78
N MET A 677 5.93 -2.49 13.15
CA MET A 677 6.01 -2.43 11.70
C MET A 677 5.20 -3.55 11.07
N VAL A 678 5.25 -4.75 11.65
CA VAL A 678 4.46 -5.88 11.16
C VAL A 678 2.97 -5.57 11.26
N VAL A 679 2.54 -5.10 12.42
CA VAL A 679 1.11 -4.91 12.65
C VAL A 679 0.56 -3.80 11.77
N MET A 680 1.31 -2.72 11.61
CA MET A 680 0.80 -1.64 10.77
C MET A 680 0.79 -1.99 9.29
N THR A 681 1.78 -2.76 8.80
CA THR A 681 1.70 -3.09 7.39
C THR A 681 0.63 -4.15 7.10
N ILE A 682 0.20 -4.91 8.11
CA ILE A 682 -0.90 -5.82 7.88
C ILE A 682 -2.24 -5.09 7.92
N ILE A 683 -2.35 -4.02 8.70
CA ILE A 683 -3.54 -3.18 8.65
C ILE A 683 -3.69 -2.53 7.28
N VAL A 684 -2.58 -2.05 6.71
CA VAL A 684 -2.62 -1.42 5.39
C VAL A 684 -3.01 -2.44 4.33
N ALA A 685 -2.47 -3.65 4.42
CA ALA A 685 -2.81 -4.69 3.45
C ALA A 685 -4.27 -5.10 3.52
N PHE A 686 -4.86 -5.08 4.71
CA PHE A 686 -6.27 -5.44 4.84
C PHE A 686 -7.17 -4.40 4.18
N ILE A 687 -6.90 -3.13 4.43
CA ILE A 687 -7.73 -2.06 3.88
C ILE A 687 -7.66 -2.06 2.36
N LEU A 688 -6.47 -2.33 1.81
CA LEU A 688 -6.36 -2.36 0.35
C LEU A 688 -7.09 -3.53 -0.26
N GLU A 689 -7.05 -4.71 0.37
CA GLU A 689 -7.75 -5.84 -0.23
C GLU A 689 -9.25 -5.67 -0.21
N ALA A 690 -9.81 -5.25 0.93
CA ALA A 690 -11.26 -5.13 1.02
C ALA A 690 -11.80 -4.03 0.11
N PHE A 691 -11.07 -2.93 -0.02
CA PHE A 691 -11.53 -1.86 -0.89
C PHE A 691 -11.45 -2.25 -2.36
N VAL A 692 -10.39 -2.96 -2.75
CA VAL A 692 -10.26 -3.40 -4.14
C VAL A 692 -11.30 -4.46 -4.48
N PHE A 693 -11.61 -5.33 -3.50
CA PHE A 693 -12.55 -6.42 -3.74
C PHE A 693 -13.96 -5.89 -3.95
N ARG A 694 -14.38 -4.91 -3.16
CA ARG A 694 -15.71 -4.35 -3.36
C ARG A 694 -15.78 -3.46 -4.59
N MET A 695 -14.71 -2.75 -4.90
CA MET A 695 -14.70 -1.98 -6.14
C MET A 695 -14.65 -2.86 -7.37
N ASN A 696 -14.14 -4.09 -7.26
CA ASN A 696 -14.23 -4.98 -8.41
C ASN A 696 -15.58 -5.66 -8.47
N TYR A 697 -16.31 -5.74 -7.36
CA TYR A 697 -17.65 -6.26 -7.44
C TYR A 697 -18.58 -5.28 -8.13
N SER A 698 -18.53 -4.00 -7.73
CA SER A 698 -19.49 -3.05 -8.25
C SER A 698 -19.20 -2.58 -9.67
N ARG A 699 -18.19 -3.12 -10.33
CA ARG A 699 -17.95 -2.85 -11.74
C ARG A 699 -17.94 -4.12 -12.59
N LYS A 700 -18.41 -5.24 -12.03
CA LYS A 700 -18.79 -6.40 -12.82
C LYS A 700 -20.29 -6.63 -12.83
N SER A 701 -21.07 -5.72 -12.26
CA SER A 701 -22.52 -5.79 -12.29
C SER A 701 -23.08 -4.59 -13.04
N GLY A 709 -29.43 -5.00 -0.03
CA GLY A 709 -29.41 -6.44 0.19
C GLY A 709 -30.13 -7.20 -0.89
N ILE A 710 -30.55 -8.41 -0.58
CA ILE A 710 -31.34 -9.22 -1.50
C ILE A 710 -32.77 -9.27 -0.99
N VAL A 711 -33.71 -9.39 -1.93
CA VAL A 711 -35.13 -9.47 -1.62
C VAL A 711 -35.70 -10.67 -2.37
N ILE A 712 -36.37 -11.55 -1.65
CA ILE A 712 -37.04 -12.71 -2.21
C ILE A 712 -38.54 -12.46 -2.12
N GLU A 713 -39.30 -13.07 -3.02
CA GLU A 713 -40.76 -12.94 -3.00
C GLU A 713 -41.39 -14.30 -3.29
N LYS A 714 -42.14 -14.82 -2.32
CA LYS A 714 -42.88 -16.07 -2.46
C LYS A 714 -44.30 -15.84 -1.99
N GLU A 715 -45.11 -16.90 -2.07
CA GLU A 715 -46.51 -16.82 -1.69
C GLU A 715 -46.99 -18.22 -1.30
N MET A 716 -47.92 -18.25 -0.35
CA MET A 716 -48.55 -19.50 0.07
C MET A 716 -50.05 -19.39 -0.13
N SER A 717 -50.70 -20.54 -0.30
CA SER A 717 -52.13 -20.55 -0.57
C SER A 717 -52.90 -20.53 0.74
N LYS A 718 -54.22 -20.61 0.65
CA LYS A 718 -55.07 -20.66 1.83
C LYS A 718 -55.15 -22.07 2.41
N GLU A 719 -55.32 -23.07 1.55
CA GLU A 719 -55.51 -24.45 2.01
C GLU A 719 -54.22 -25.03 2.60
N GLU A 720 -53.07 -24.65 2.03
CA GLU A 720 -51.79 -25.07 2.63
C GLU A 720 -51.62 -24.48 4.01
N LEU A 721 -52.05 -23.24 4.21
CA LEU A 721 -52.02 -22.63 5.53
C LEU A 721 -52.97 -23.34 6.48
N MET A 722 -54.11 -23.81 5.98
CA MET A 722 -55.05 -24.51 6.84
C MET A 722 -54.53 -25.88 7.24
N ALA A 723 -53.88 -26.59 6.32
CA ALA A 723 -53.36 -27.92 6.61
C ALA A 723 -52.19 -27.85 7.58
N VAL A 724 -51.30 -26.89 7.38
CA VAL A 724 -50.19 -26.68 8.29
C VAL A 724 -50.69 -26.19 9.65
N LEU A 725 -51.82 -25.46 9.67
CA LEU A 725 -52.48 -25.12 10.93
C LEU A 725 -52.99 -26.37 11.64
N GLU A 726 -53.52 -27.33 10.89
CA GLU A 726 -53.97 -28.58 11.49
C GLU A 726 -52.81 -29.36 12.08
N LEU A 727 -51.65 -29.32 11.41
CA LEU A 727 -50.50 -30.05 11.92
C LEU A 727 -49.90 -29.37 13.14
N TYR A 728 -49.90 -28.04 13.17
CA TYR A 728 -49.38 -27.33 14.33
C TYR A 728 -50.29 -27.46 15.53
N ARG A 729 -51.61 -27.45 15.31
CA ARG A 729 -52.53 -27.68 16.41
C ARG A 729 -52.49 -29.12 16.89
N GLU A 730 -52.17 -30.05 15.98
CA GLU A 730 -51.91 -31.42 16.40
C GLU A 730 -50.68 -31.51 17.29
N GLU A 731 -49.60 -30.83 16.90
CA GLU A 731 -48.34 -30.94 17.61
C GLU A 731 -48.33 -30.21 18.95
N ARG A 732 -49.32 -29.33 19.19
CA ARG A 732 -49.57 -28.66 20.47
C ARG A 732 -48.36 -27.82 20.91
N GLY A 733 -48.10 -26.79 20.13
CA GLY A 733 -47.08 -25.81 20.47
C GLY A 733 -47.62 -24.77 21.44
N THR A 734 -46.90 -23.66 21.54
CA THR A 734 -47.35 -22.57 22.39
C THR A 734 -48.51 -21.83 21.75
N SER A 735 -49.12 -20.94 22.53
CA SER A 735 -50.27 -20.18 22.05
C SER A 735 -49.87 -19.14 20.99
N SER A 736 -48.60 -18.78 20.93
CA SER A 736 -48.17 -17.76 19.97
C SER A 736 -48.25 -18.27 18.55
N ASP A 737 -47.88 -19.53 18.32
CA ASP A 737 -47.92 -20.10 16.97
C ASP A 737 -49.35 -20.19 16.45
N VAL A 738 -50.26 -20.66 17.30
CA VAL A 738 -51.66 -20.79 16.93
C VAL A 738 -52.28 -19.43 16.67
N THR A 739 -52.08 -18.49 17.60
CA THR A 739 -52.73 -17.19 17.47
C THR A 739 -52.10 -16.30 16.41
N ARG A 740 -50.83 -16.52 16.05
CA ARG A 740 -50.29 -15.77 14.92
C ARG A 740 -50.77 -16.34 13.59
N LEU A 741 -50.97 -17.66 13.51
CA LEU A 741 -51.65 -18.20 12.32
C LEU A 741 -53.10 -17.74 12.26
N LEU A 742 -53.74 -17.56 13.42
CA LEU A 742 -55.06 -16.95 13.47
C LEU A 742 -55.03 -15.50 13.01
N ASP A 743 -53.93 -14.80 13.29
CA ASP A 743 -53.77 -13.44 12.79
C ASP A 743 -53.60 -13.42 11.28
N THR A 744 -52.96 -14.44 10.71
CA THR A 744 -52.86 -14.52 9.26
C THR A 744 -54.23 -14.83 8.65
N LEU A 745 -55.03 -15.63 9.35
CA LEU A 745 -56.42 -15.88 8.95
C LEU A 745 -57.24 -14.59 8.98
N SER A 746 -56.99 -13.74 9.98
CA SER A 746 -57.72 -12.48 10.06
C SER A 746 -57.28 -11.51 8.97
N GLN A 747 -56.02 -11.58 8.54
CA GLN A 747 -55.60 -10.75 7.42
C GLN A 747 -56.22 -11.21 6.11
N MET A 748 -56.35 -12.53 5.91
CA MET A 748 -57.05 -13.03 4.74
C MET A 748 -58.54 -12.73 4.80
N GLU A 749 -59.10 -12.59 6.00
CA GLU A 749 -60.52 -12.29 6.09
C GLU A 749 -60.79 -10.79 5.95
N LYS A 750 -59.85 -9.94 6.38
CA LYS A 750 -60.04 -8.50 6.26
C LYS A 750 -59.73 -8.00 4.86
N TYR A 751 -58.68 -8.53 4.22
CA TYR A 751 -58.38 -8.12 2.85
C TYR A 751 -59.22 -8.89 1.82
N GLN A 752 -59.81 -10.02 2.21
CA GLN A 752 -60.68 -10.86 1.38
C GLN A 752 -59.96 -11.35 0.13
N GLN A 753 -58.93 -12.17 0.38
CA GLN A 753 -58.10 -12.73 -0.68
C GLN A 753 -57.94 -14.24 -0.51
N ASN A 754 -57.03 -14.82 -1.27
CA ASN A 754 -56.74 -16.25 -1.17
C ASN A 754 -55.31 -16.53 -0.73
N SER A 755 -54.32 -15.84 -1.30
CA SER A 755 -52.92 -16.16 -1.09
C SER A 755 -52.18 -14.99 -0.45
N MET A 756 -51.29 -15.32 0.47
CA MET A 756 -50.47 -14.34 1.18
C MET A 756 -49.10 -14.26 0.52
N VAL A 757 -48.82 -13.13 -0.14
CA VAL A 757 -47.57 -12.91 -0.84
C VAL A 757 -46.62 -12.20 0.11
N PHE A 758 -45.46 -12.79 0.35
CA PHE A 758 -44.54 -12.32 1.38
C PHE A 758 -43.20 -11.92 0.80
N LEU A 759 -42.42 -11.22 1.62
CA LEU A 759 -41.09 -10.75 1.25
C LEU A 759 -40.10 -11.13 2.34
N GLY A 760 -38.90 -11.53 1.93
CA GLY A 760 -37.83 -11.79 2.86
C GLY A 760 -36.54 -11.09 2.49
N ARG A 761 -36.10 -10.15 3.31
CA ARG A 761 -34.93 -9.33 3.01
C ARG A 761 -33.74 -9.80 3.84
N ARG A 762 -32.57 -9.82 3.22
CA ARG A 762 -31.35 -10.23 3.88
C ARG A 762 -30.23 -9.29 3.45
N SER A 763 -29.38 -8.91 4.39
CA SER A 763 -28.27 -8.05 4.05
C SER A 763 -27.16 -8.84 3.38
N ARG A 764 -26.45 -8.17 2.48
CA ARG A 764 -25.41 -8.79 1.69
C ARG A 764 -24.09 -8.72 2.44
N THR A 765 -23.37 -9.85 2.49
CA THR A 765 -22.11 -9.92 3.23
C THR A 765 -20.96 -10.24 2.28
N LYS A 766 -19.79 -10.45 2.87
CA LYS A 766 -18.59 -10.77 2.10
C LYS A 766 -18.65 -12.17 1.52
N SER A 767 -19.44 -13.07 2.12
CA SER A 767 -19.47 -14.46 1.69
C SER A 767 -20.13 -14.61 0.34
N ASP A 768 -21.33 -14.04 0.18
CA ASP A 768 -22.02 -14.07 -1.10
C ASP A 768 -21.28 -13.29 -2.16
N LEU A 769 -20.59 -12.23 -1.72
CA LEU A 769 -19.77 -11.41 -2.59
C LEU A 769 -18.63 -12.24 -3.18
N SER A 770 -17.98 -13.01 -2.31
CA SER A 770 -16.90 -13.89 -2.73
C SER A 770 -17.42 -15.04 -3.57
N LEU A 771 -18.67 -15.45 -3.37
CA LEU A 771 -19.25 -16.47 -4.22
C LEU A 771 -19.45 -15.96 -5.63
N LYS A 772 -19.84 -14.69 -5.77
CA LYS A 772 -19.98 -14.15 -7.12
C LYS A 772 -18.63 -13.92 -7.78
N MET A 773 -17.58 -13.66 -7.00
CA MET A 773 -16.29 -13.42 -7.62
C MET A 773 -15.59 -14.71 -8.02
N TYR A 774 -15.59 -15.70 -7.14
CA TYR A 774 -14.90 -16.97 -7.39
C TYR A 774 -15.83 -18.04 -7.95
N GLN A 775 -16.84 -17.66 -8.74
CA GLN A 775 -17.84 -18.61 -9.24
C GLN A 775 -17.34 -19.46 -10.39
N GLU A 776 -16.11 -19.24 -10.84
CA GLU A 776 -15.56 -19.87 -12.04
C GLU A 776 -14.92 -21.22 -11.74
N GLU A 777 -14.26 -21.33 -10.60
CA GLU A 777 -13.49 -22.51 -10.25
C GLU A 777 -14.08 -23.26 -9.06
N ILE A 778 -15.26 -22.86 -8.59
CA ILE A 778 -15.79 -23.39 -7.35
C ILE A 778 -16.31 -24.81 -7.53
N GLN A 779 -16.76 -25.16 -8.73
CA GLN A 779 -17.28 -26.50 -8.98
C GLN A 779 -16.15 -27.52 -8.98
N GLU A 780 -14.96 -27.11 -9.42
CA GLU A 780 -13.79 -27.95 -9.32
C GLU A 780 -13.41 -28.22 -7.88
N TRP A 781 -13.60 -27.23 -6.99
CA TRP A 781 -13.36 -27.43 -5.57
C TRP A 781 -14.34 -28.44 -4.99
N TYR A 782 -15.62 -28.34 -5.39
CA TYR A 782 -16.63 -29.26 -4.89
C TYR A 782 -16.39 -30.69 -5.35
N GLU A 783 -16.04 -30.87 -6.63
CA GLU A 783 -15.88 -32.21 -7.17
C GLU A 783 -14.61 -32.88 -6.66
N GLU A 784 -13.51 -32.10 -6.57
CA GLU A 784 -12.29 -32.59 -5.94
C GLU A 784 -12.54 -32.96 -4.49
N HIS A 785 -13.34 -32.17 -3.78
CA HIS A 785 -13.62 -32.49 -2.39
C HIS A 785 -14.57 -33.67 -2.26
N ALA A 786 -15.40 -33.91 -3.27
CA ALA A 786 -16.27 -35.07 -3.25
C ALA A 786 -15.47 -36.36 -3.38
N ARG A 787 -14.52 -36.39 -4.33
CA ARG A 787 -13.70 -37.58 -4.45
C ARG A 787 -12.70 -37.70 -3.30
N GLU A 788 -12.35 -36.59 -2.64
CA GLU A 788 -11.50 -36.71 -1.46
C GLU A 788 -12.31 -37.09 -0.23
N GLN A 789 -13.64 -36.93 -0.29
CA GLN A 789 -14.47 -37.61 0.69
C GLN A 789 -14.48 -39.12 0.44
N GLU A 790 -14.59 -39.53 -0.82
CA GLU A 790 -14.69 -40.95 -1.11
C GLU A 790 -13.36 -41.67 -0.89
N GLN A 791 -12.24 -40.97 -1.02
CA GLN A 791 -10.96 -41.56 -0.64
C GLN A 791 -10.81 -41.64 0.87
N GLN A 792 -11.53 -40.81 1.60
CA GLN A 792 -11.48 -40.78 3.05
C GLN A 792 -12.75 -41.35 3.69
N LYS A 793 -13.66 -41.90 2.89
CA LYS A 793 -14.78 -42.67 3.43
C LYS A 793 -14.82 -44.11 2.92
N LEU A 794 -13.79 -44.56 2.21
CA LEU A 794 -13.54 -45.99 2.10
C LEU A 794 -12.58 -46.50 3.16
N ARG A 795 -12.04 -45.61 3.98
CA ARG A 795 -11.11 -46.00 5.04
C ARG A 795 -11.53 -45.41 6.38
N HIS B 66 10.45 3.40 -58.03
CA HIS B 66 10.26 4.53 -57.12
C HIS B 66 8.85 4.53 -56.54
N ASN B 67 7.92 3.90 -57.26
CA ASN B 67 6.54 3.81 -56.78
C ASN B 67 6.44 2.85 -55.60
N TRP B 68 7.08 1.68 -55.74
CA TRP B 68 6.99 0.66 -54.70
C TRP B 68 7.70 1.09 -53.43
N GLU B 69 8.90 1.69 -53.56
CA GLU B 69 9.65 2.10 -52.39
C GLU B 69 8.97 3.24 -51.63
N MET B 70 8.24 4.09 -52.36
CA MET B 70 7.40 5.08 -51.70
C MET B 70 6.29 4.39 -50.91
N ASN B 71 5.73 3.32 -51.45
CA ASN B 71 4.76 2.55 -50.69
C ASN B 71 5.39 1.83 -49.51
N TYR B 72 6.64 1.38 -49.64
CA TYR B 72 7.26 0.65 -48.54
C TYR B 72 7.61 1.57 -47.40
N GLN B 73 8.12 2.76 -47.71
CA GLN B 73 8.47 3.69 -46.64
C GLN B 73 7.23 4.22 -45.98
N GLU B 74 6.17 4.44 -46.74
CA GLU B 74 4.92 4.90 -46.15
C GLU B 74 4.31 3.86 -45.24
N ALA B 75 4.32 2.59 -45.66
CA ALA B 75 3.78 1.53 -44.81
C ALA B 75 4.65 1.29 -43.58
N ALA B 76 5.97 1.44 -43.71
CA ALA B 76 6.84 1.32 -42.55
C ALA B 76 6.59 2.44 -41.55
N ILE B 77 6.21 3.62 -42.02
CA ILE B 77 5.78 4.66 -41.11
C ILE B 77 4.49 4.26 -40.41
N TYR B 78 3.58 3.62 -41.12
CA TYR B 78 2.34 3.17 -40.47
C TYR B 78 2.58 2.13 -39.40
N LEU B 79 3.64 1.34 -39.50
CA LEU B 79 3.95 0.47 -38.37
C LEU B 79 4.64 1.21 -37.24
N GLN B 80 5.55 2.14 -37.57
CA GLN B 80 6.30 2.82 -36.51
C GLN B 80 5.42 3.73 -35.67
N GLU B 81 4.38 4.31 -36.26
CA GLU B 81 3.49 5.15 -35.50
C GLU B 81 2.49 4.36 -34.67
N GLY B 82 2.42 3.04 -34.85
CA GLY B 82 1.54 2.26 -34.02
C GLY B 82 2.03 2.11 -32.60
N GLN B 83 3.36 2.15 -32.41
CA GLN B 83 3.91 1.94 -31.08
C GLN B 83 3.84 3.21 -30.24
N ASN B 84 4.42 4.29 -30.74
CA ASN B 84 4.29 5.58 -30.08
C ASN B 84 2.85 6.07 -30.22
N ASN B 85 2.16 6.24 -29.09
CA ASN B 85 0.73 6.53 -29.11
C ASN B 85 0.51 7.97 -29.58
N ASP B 86 0.58 8.16 -30.89
CA ASP B 86 0.15 9.36 -31.57
C ASP B 86 -0.90 8.97 -32.59
N LYS B 87 -1.76 9.93 -32.92
CA LYS B 87 -2.73 9.67 -33.96
C LYS B 87 -2.06 9.76 -35.33
N PHE B 88 -2.79 9.36 -36.36
CA PHE B 88 -2.21 9.21 -37.69
C PHE B 88 -2.26 10.53 -38.43
N PHE B 89 -1.08 11.05 -38.78
CA PHE B 89 -0.97 12.31 -39.51
C PHE B 89 -0.02 12.21 -40.67
N THR B 90 0.58 11.05 -40.89
CA THR B 90 1.70 10.94 -41.81
C THR B 90 1.30 10.79 -43.26
N HIS B 91 0.01 10.82 -43.57
CA HIS B 91 -0.45 10.57 -44.92
C HIS B 91 0.03 11.66 -45.87
N PRO B 92 0.82 11.33 -46.89
CA PRO B 92 1.41 12.38 -47.73
C PRO B 92 0.55 12.70 -48.93
N LYS B 93 0.45 14.00 -49.22
CA LYS B 93 0.00 14.45 -50.52
C LYS B 93 1.17 14.69 -51.46
N ASP B 94 2.33 15.03 -50.91
CA ASP B 94 3.56 15.18 -51.65
C ASP B 94 4.66 14.37 -50.98
N ALA B 95 5.78 14.20 -51.68
CA ALA B 95 6.93 13.53 -51.10
C ALA B 95 7.69 14.41 -50.12
N ARG B 96 7.41 15.71 -50.13
CA ARG B 96 8.07 16.63 -49.21
C ARG B 96 7.66 16.38 -47.76
N ALA B 97 6.42 15.94 -47.55
CA ALA B 97 6.00 15.55 -46.21
C ALA B 97 6.72 14.27 -45.78
N LEU B 98 6.96 13.36 -46.72
CA LEU B 98 7.73 12.16 -46.41
C LEU B 98 9.17 12.50 -46.06
N ALA B 99 9.77 13.43 -46.79
CA ALA B 99 11.12 13.86 -46.47
C ALA B 99 11.17 14.63 -45.16
N ALA B 100 10.08 15.29 -44.80
CA ALA B 100 10.04 16.02 -43.54
C ALA B 100 9.90 15.08 -42.36
N TYR B 101 9.08 14.04 -42.50
CA TYR B 101 9.01 12.99 -41.49
C TYR B 101 10.38 12.33 -41.32
N LEU B 102 11.03 12.03 -42.43
CA LEU B 102 12.35 11.41 -42.37
C LEU B 102 13.39 12.36 -41.79
N PHE B 103 13.21 13.66 -41.96
CA PHE B 103 14.18 14.59 -41.40
C PHE B 103 14.01 14.74 -39.90
N VAL B 104 12.78 14.66 -39.40
CA VAL B 104 12.56 14.99 -37.98
C VAL B 104 12.57 13.76 -37.07
N HIS B 105 12.43 12.55 -37.62
CA HIS B 105 12.51 11.34 -36.82
C HIS B 105 13.84 10.62 -36.98
N ASN B 106 14.86 11.34 -37.41
CA ASN B 106 16.21 10.81 -37.41
C ASN B 106 16.71 10.73 -35.97
N HIS B 107 17.66 9.84 -35.74
CA HIS B 107 18.21 9.67 -34.41
C HIS B 107 19.03 10.90 -34.00
N PHE B 108 19.64 11.58 -34.96
CA PHE B 108 20.41 12.79 -34.68
C PHE B 108 19.52 13.92 -34.22
N PHE B 109 18.27 13.97 -34.69
CA PHE B 109 17.39 15.06 -34.28
C PHE B 109 16.98 14.89 -32.82
N TYR B 110 16.79 13.64 -32.40
CA TYR B 110 16.43 13.37 -31.02
C TYR B 110 17.55 13.77 -30.08
N MET B 111 18.78 13.39 -30.43
CA MET B 111 19.92 13.72 -29.58
C MET B 111 20.18 15.22 -29.55
N MET B 112 19.91 15.92 -30.66
CA MET B 112 20.03 17.37 -30.66
C MET B 112 19.02 18.02 -29.73
N GLU B 113 17.78 17.51 -29.76
CA GLU B 113 16.70 18.07 -28.96
C GLU B 113 16.96 17.90 -27.46
N LEU B 114 17.40 16.71 -27.06
CA LEU B 114 17.65 16.47 -25.64
C LEU B 114 18.89 17.23 -25.15
N LEU B 115 19.94 17.27 -25.97
CA LEU B 115 21.17 17.91 -25.51
C LEU B 115 21.00 19.42 -25.42
N THR B 116 20.15 20.01 -26.25
CA THR B 116 19.78 21.40 -26.07
C THR B 116 19.01 21.60 -24.77
N ALA B 117 18.10 20.68 -24.45
CA ALA B 117 17.30 20.83 -23.23
C ALA B 117 18.15 20.70 -21.98
N LEU B 118 19.06 19.73 -21.94
CA LEU B 118 19.92 19.59 -20.77
C LEU B 118 20.94 20.72 -20.68
N LEU B 119 21.33 21.31 -21.81
CA LEU B 119 22.17 22.50 -21.72
C LEU B 119 21.37 23.66 -21.14
N LEU B 120 20.09 23.75 -21.49
CA LEU B 120 19.28 24.87 -21.03
C LEU B 120 18.91 24.74 -19.56
N LEU B 121 18.82 23.52 -19.05
CA LEU B 121 18.62 23.34 -17.61
C LEU B 121 19.90 23.51 -16.83
N LEU B 122 20.99 22.90 -17.30
CA LEU B 122 22.25 22.94 -16.55
C LEU B 122 22.93 24.29 -16.62
N LEU B 123 22.44 25.20 -17.45
CA LEU B 123 22.95 26.56 -17.43
C LEU B 123 22.46 27.35 -16.22
N SER B 124 21.43 26.85 -15.53
CA SER B 124 20.85 27.59 -14.42
C SER B 124 21.72 27.63 -13.19
N LEU B 125 22.80 26.85 -13.13
CA LEU B 125 23.73 26.93 -12.02
C LEU B 125 24.86 27.92 -12.29
N CYS B 126 24.68 28.81 -13.25
CA CYS B 126 25.61 29.89 -13.51
C CYS B 126 24.95 31.26 -13.40
N GLU B 127 23.70 31.31 -12.93
CA GLU B 127 22.90 32.52 -12.92
C GLU B 127 23.25 33.44 -11.76
N SER B 128 22.37 34.38 -11.44
CA SER B 128 22.69 35.34 -10.39
C SER B 128 22.65 34.69 -9.00
N PRO B 129 21.76 33.74 -8.69
CA PRO B 129 22.09 32.81 -7.62
C PRO B 129 22.88 31.64 -8.17
N ALA B 130 24.14 31.48 -7.81
CA ALA B 130 24.92 30.37 -8.35
C ALA B 130 25.94 29.91 -7.33
N VAL B 131 26.61 28.81 -7.65
CA VAL B 131 27.73 28.34 -6.86
C VAL B 131 28.84 29.36 -7.09
N PRO B 132 29.71 29.62 -6.11
CA PRO B 132 30.71 30.68 -6.30
C PRO B 132 31.80 30.32 -7.28
N VAL B 133 31.99 29.03 -7.57
CA VAL B 133 33.02 28.64 -8.52
C VAL B 133 32.53 28.80 -9.96
N LEU B 134 31.23 28.73 -10.20
CA LEU B 134 30.68 29.02 -11.53
C LEU B 134 29.86 30.29 -11.41
N LYS B 135 30.50 31.44 -11.51
CA LYS B 135 29.78 32.71 -11.51
C LYS B 135 30.16 33.42 -12.81
N LEU B 136 29.39 33.17 -13.86
CA LEU B 136 29.65 33.80 -15.13
C LEU B 136 29.18 35.25 -15.11
N HIS B 137 29.61 36.00 -16.12
CA HIS B 137 29.12 37.35 -16.28
C HIS B 137 27.76 37.32 -16.98
N THR B 138 26.98 38.38 -16.80
CA THR B 138 25.57 38.34 -17.13
C THR B 138 25.32 38.29 -18.63
N TYR B 139 26.12 39.00 -19.42
CA TYR B 139 25.97 38.95 -20.86
C TYR B 139 26.36 37.59 -21.43
N VAL B 140 27.22 36.84 -20.72
CA VAL B 140 27.65 35.54 -21.22
C VAL B 140 26.49 34.57 -21.23
N HIS B 141 25.86 34.38 -20.07
CA HIS B 141 24.76 33.42 -20.01
C HIS B 141 23.50 33.94 -20.67
N ALA B 142 23.33 35.25 -20.77
CA ALA B 142 22.22 35.78 -21.56
C ALA B 142 22.38 35.42 -23.03
N THR B 143 23.61 35.53 -23.56
CA THR B 143 23.85 35.14 -24.95
C THR B 143 23.71 33.64 -25.14
N LEU B 144 24.14 32.85 -24.15
CA LEU B 144 23.99 31.40 -24.26
C LEU B 144 22.54 30.97 -24.26
N GLU B 145 21.69 31.68 -23.51
CA GLU B 145 20.26 31.45 -23.62
C GLU B 145 19.73 31.86 -24.98
N LEU B 146 20.29 32.91 -25.58
CA LEU B 146 19.84 33.31 -26.91
C LEU B 146 20.17 32.27 -27.96
N PHE B 147 21.35 31.66 -27.85
CA PHE B 147 21.72 30.66 -28.86
C PHE B 147 20.94 29.37 -28.67
N ALA B 148 20.75 28.95 -27.41
CA ALA B 148 19.98 27.74 -27.15
C ALA B 148 18.52 27.90 -27.58
N LEU B 149 17.93 29.06 -27.30
CA LEU B 149 16.58 29.30 -27.79
C LEU B 149 16.54 29.46 -29.31
N MET B 150 17.64 29.86 -29.93
CA MET B 150 17.68 29.95 -31.38
C MET B 150 17.56 28.56 -32.00
N VAL B 151 18.27 27.57 -31.46
CA VAL B 151 18.15 26.24 -32.05
C VAL B 151 16.86 25.54 -31.63
N VAL B 152 16.22 25.97 -30.54
CA VAL B 152 14.89 25.42 -30.27
C VAL B 152 13.89 25.97 -31.29
N VAL B 153 14.08 27.22 -31.74
CA VAL B 153 13.29 27.75 -32.85
C VAL B 153 13.54 26.96 -34.12
N PHE B 154 14.79 26.49 -34.32
CA PHE B 154 15.08 25.60 -35.43
C PHE B 154 14.30 24.29 -35.35
N GLU B 155 14.19 23.74 -34.14
CA GLU B 155 13.41 22.52 -33.92
C GLU B 155 11.94 22.71 -34.27
N LEU B 156 11.32 23.79 -33.77
CA LEU B 156 9.92 24.04 -34.06
C LEU B 156 9.68 24.42 -35.51
N CYS B 157 10.69 24.97 -36.18
CA CYS B 157 10.59 25.24 -37.60
C CYS B 157 10.47 23.95 -38.39
N MET B 158 11.25 22.94 -38.03
CA MET B 158 11.15 21.67 -38.77
C MET B 158 9.89 20.90 -38.38
N LYS B 159 9.41 21.05 -37.15
CA LYS B 159 8.13 20.47 -36.77
C LYS B 159 6.99 21.10 -37.58
N LEU B 160 7.05 22.41 -37.80
CA LEU B 160 6.03 23.07 -38.61
C LEU B 160 6.12 22.66 -40.06
N ARG B 161 7.33 22.39 -40.56
CA ARG B 161 7.45 21.92 -41.94
C ARG B 161 6.87 20.53 -42.11
N TRP B 162 6.98 19.69 -41.07
CA TRP B 162 6.46 18.33 -41.17
C TRP B 162 4.94 18.30 -41.13
N LEU B 163 4.35 18.95 -40.14
CA LEU B 163 2.90 18.99 -40.06
C LEU B 163 2.38 20.09 -40.98
N GLY B 164 1.08 20.34 -40.93
CA GLY B 164 0.50 21.47 -41.61
C GLY B 164 0.55 22.70 -40.73
N PHE B 165 -0.31 23.65 -41.04
CA PHE B 165 -0.48 24.81 -40.19
C PHE B 165 -1.64 24.65 -39.23
N HIS B 166 -2.73 24.01 -39.67
CA HIS B 166 -3.86 23.80 -38.79
C HIS B 166 -3.54 22.73 -37.74
N THR B 167 -2.83 21.69 -38.14
CA THR B 167 -2.45 20.65 -37.20
C THR B 167 -1.44 21.16 -36.20
N PHE B 168 -0.58 22.09 -36.60
CA PHE B 168 0.42 22.64 -35.70
C PHE B 168 -0.21 23.56 -34.65
N VAL B 169 -1.37 24.13 -34.96
CA VAL B 169 -2.03 24.97 -33.97
C VAL B 169 -2.90 24.13 -33.05
N ARG B 170 -3.68 23.20 -33.61
CA ARG B 170 -4.57 22.40 -32.79
C ARG B 170 -3.83 21.40 -31.90
N HIS B 171 -2.59 21.07 -32.24
CA HIS B 171 -1.78 20.24 -31.37
C HIS B 171 -1.37 21.04 -30.14
N LYS B 172 -1.66 20.52 -28.96
CA LYS B 172 -1.58 21.33 -27.75
C LYS B 172 -0.14 21.47 -27.26
N ARG B 173 0.61 20.36 -27.32
CA ARG B 173 1.93 20.27 -26.69
C ARG B 173 2.93 21.23 -27.32
N THR B 174 2.91 21.32 -28.65
CA THR B 174 3.82 22.23 -29.35
C THR B 174 3.47 23.68 -29.05
N MET B 175 2.19 24.00 -28.91
CA MET B 175 1.81 25.38 -28.67
C MET B 175 2.18 25.82 -27.26
N VAL B 176 2.17 24.89 -26.31
CA VAL B 176 2.68 25.18 -24.98
C VAL B 176 4.16 25.53 -25.05
N LYS B 177 4.92 24.74 -25.81
CA LYS B 177 6.36 24.99 -25.87
C LYS B 177 6.68 26.29 -26.61
N THR B 178 5.85 26.68 -27.57
CA THR B 178 6.08 27.95 -28.26
C THR B 178 5.81 29.13 -27.34
N SER B 179 4.79 29.03 -26.49
CA SER B 179 4.49 30.13 -25.58
C SER B 179 5.59 30.31 -24.54
N VAL B 180 6.11 29.21 -23.99
CA VAL B 180 7.20 29.31 -23.03
C VAL B 180 8.47 29.81 -23.71
N LEU B 181 8.66 29.43 -24.98
CA LEU B 181 9.77 29.95 -25.77
C LEU B 181 9.68 31.45 -25.92
N VAL B 182 8.47 31.98 -26.11
CA VAL B 182 8.30 33.42 -26.32
C VAL B 182 8.63 34.20 -25.05
N VAL B 183 8.11 33.74 -23.90
CA VAL B 183 8.33 34.52 -22.69
C VAL B 183 9.78 34.44 -22.22
N GLN B 184 10.46 33.31 -22.44
CA GLN B 184 11.86 33.25 -22.03
C GLN B 184 12.75 33.99 -23.01
N PHE B 185 12.34 34.06 -24.27
CA PHE B 185 13.12 34.83 -25.25
C PHE B 185 13.06 36.33 -24.92
N ILE B 186 11.86 36.81 -24.60
CA ILE B 186 11.68 38.22 -24.29
C ILE B 186 12.42 38.60 -23.02
N GLU B 187 12.30 37.79 -21.96
CA GLU B 187 12.98 38.16 -20.72
C GLU B 187 14.50 38.00 -20.84
N ALA B 188 14.97 37.13 -21.75
CA ALA B 188 16.40 37.03 -21.97
C ALA B 188 16.96 38.29 -22.61
N ILE B 189 16.22 38.87 -23.57
CA ILE B 189 16.67 40.11 -24.18
C ILE B 189 16.64 41.26 -23.17
N VAL B 190 15.68 41.23 -22.25
CA VAL B 190 15.61 42.24 -21.20
C VAL B 190 16.83 42.15 -20.29
N VAL B 191 17.27 40.93 -19.98
CA VAL B 191 18.48 40.73 -19.18
C VAL B 191 19.71 41.25 -19.93
N LEU B 192 19.75 41.03 -21.24
CA LEU B 192 20.92 41.48 -22.00
C LEU B 192 20.95 42.99 -22.15
N VAL B 193 19.79 43.65 -22.10
CA VAL B 193 19.80 45.12 -22.16
C VAL B 193 20.23 45.71 -20.82
N ARG B 194 19.52 45.38 -19.74
CA ARG B 194 19.78 46.04 -18.48
C ARG B 194 21.07 45.57 -17.80
N GLN B 195 21.56 44.38 -18.16
CA GLN B 195 22.72 43.70 -17.57
C GLN B 195 22.61 43.49 -16.07
N THR B 196 21.39 43.53 -15.51
CA THR B 196 21.13 43.13 -14.15
C THR B 196 19.92 42.22 -14.16
N SER B 197 20.00 41.12 -13.43
CA SER B 197 18.90 40.16 -13.42
C SER B 197 17.75 40.69 -12.59
N HIS B 198 16.54 40.61 -13.14
CA HIS B 198 15.35 40.92 -12.38
C HIS B 198 14.94 39.70 -11.56
N VAL B 199 13.70 39.68 -11.06
CA VAL B 199 13.26 38.62 -10.16
C VAL B 199 13.28 37.26 -10.87
N ARG B 200 12.84 37.22 -12.13
CA ARG B 200 13.15 36.14 -13.08
C ARG B 200 12.65 34.78 -12.59
N VAL B 201 11.33 34.69 -12.49
CA VAL B 201 10.68 33.52 -11.91
C VAL B 201 10.23 32.62 -13.05
N THR B 202 10.45 33.09 -14.28
CA THR B 202 9.99 32.34 -15.44
C THR B 202 10.83 31.10 -15.69
N ARG B 203 12.02 31.00 -15.08
CA ARG B 203 12.88 29.84 -15.21
C ARG B 203 12.27 28.55 -14.67
N ALA B 204 11.20 28.64 -13.87
CA ALA B 204 10.55 27.42 -13.40
C ALA B 204 9.82 26.70 -14.51
N LEU B 205 9.43 27.40 -15.57
CA LEU B 205 8.72 26.79 -16.68
C LEU B 205 9.64 26.13 -17.68
N ARG B 206 10.95 26.15 -17.43
CA ARG B 206 11.94 25.63 -18.35
C ARG B 206 11.95 24.10 -18.39
N CYS B 207 11.19 23.43 -17.51
CA CYS B 207 11.07 21.98 -17.54
C CYS B 207 10.32 21.47 -18.76
N ILE B 208 9.50 22.31 -19.38
CA ILE B 208 8.68 21.91 -20.51
C ILE B 208 9.56 21.56 -21.70
N PHE B 209 10.70 22.23 -21.84
CA PHE B 209 11.65 21.88 -22.87
C PHE B 209 12.28 20.52 -22.63
N LEU B 210 12.37 20.09 -21.37
CA LEU B 210 12.87 18.75 -21.12
C LEU B 210 11.82 17.72 -21.48
N VAL B 211 10.61 17.88 -20.93
CA VAL B 211 9.55 16.86 -21.03
C VAL B 211 9.06 16.67 -22.47
N ASP B 212 9.19 17.66 -23.34
CA ASP B 212 8.76 17.50 -24.72
C ASP B 212 9.72 16.66 -25.56
N CYS B 213 10.86 16.22 -25.03
CA CYS B 213 11.79 15.45 -25.83
C CYS B 213 11.27 14.03 -26.04
N ARG B 214 11.92 13.31 -26.95
CA ARG B 214 11.46 11.96 -27.23
C ARG B 214 12.02 10.96 -26.23
N TYR B 215 13.21 11.20 -25.71
CA TYR B 215 13.84 10.18 -24.88
C TYR B 215 13.23 10.08 -23.51
N CYS B 216 12.51 11.10 -23.08
CA CYS B 216 11.78 11.04 -21.83
C CYS B 216 10.28 11.06 -22.08
N GLY B 217 9.84 10.32 -23.09
CA GLY B 217 8.42 10.04 -23.22
C GLY B 217 7.90 9.17 -22.11
N GLY B 218 8.78 8.39 -21.47
CA GLY B 218 8.38 7.69 -20.26
C GLY B 218 8.03 8.63 -19.14
N VAL B 219 8.78 9.73 -19.03
CA VAL B 219 8.47 10.80 -18.09
C VAL B 219 7.12 11.42 -18.42
N ARG B 220 6.80 11.50 -19.70
CA ARG B 220 5.61 12.20 -20.13
C ARG B 220 4.35 11.41 -19.84
N ARG B 221 4.36 10.11 -20.16
CA ARG B 221 3.18 9.30 -19.86
C ARG B 221 3.06 9.01 -18.38
N ASN B 222 4.17 9.04 -17.67
CA ASN B 222 4.14 8.98 -16.21
C ASN B 222 3.45 10.21 -15.65
N LEU B 223 3.73 11.37 -16.24
CA LEU B 223 3.24 12.62 -15.70
C LEU B 223 1.76 12.78 -15.95
N ARG B 224 1.27 12.35 -17.12
CA ARG B 224 -0.17 12.37 -17.32
C ARG B 224 -0.85 11.28 -16.52
N GLN B 225 -0.12 10.26 -16.10
CA GLN B 225 -0.75 9.26 -15.25
C GLN B 225 -0.88 9.77 -13.81
N ILE B 226 -0.03 10.71 -13.40
CA ILE B 226 -0.29 11.27 -12.08
C ILE B 226 -1.30 12.40 -12.19
N PHE B 227 -1.47 12.98 -13.38
CA PHE B 227 -2.53 13.95 -13.55
C PHE B 227 -3.90 13.30 -13.50
N GLN B 228 -4.05 12.15 -14.15
CA GLN B 228 -5.37 11.54 -14.26
C GLN B 228 -5.84 10.93 -12.96
N SER B 229 -4.92 10.59 -12.06
CA SER B 229 -5.27 9.95 -10.80
C SER B 229 -5.51 10.95 -9.68
N LEU B 230 -5.53 12.23 -9.99
CA LEU B 230 -5.59 13.31 -9.01
C LEU B 230 -6.96 13.66 -8.41
N PRO B 231 -8.11 13.58 -9.09
CA PRO B 231 -9.40 13.84 -8.39
C PRO B 231 -9.69 12.88 -7.24
N PRO B 232 -9.47 11.55 -7.34
CA PRO B 232 -9.68 10.72 -6.15
C PRO B 232 -8.68 10.95 -5.05
N PHE B 233 -7.61 11.69 -5.31
CA PHE B 233 -6.77 12.21 -4.25
C PHE B 233 -7.38 13.45 -3.62
N MET B 234 -7.93 14.35 -4.43
CA MET B 234 -8.28 15.67 -3.94
C MET B 234 -9.52 15.64 -3.05
N ASP B 235 -10.43 14.70 -3.29
CA ASP B 235 -11.62 14.69 -2.44
C ASP B 235 -11.34 14.14 -1.05
N ILE B 236 -10.46 13.15 -0.95
CA ILE B 236 -10.14 12.62 0.37
C ILE B 236 -9.22 13.57 1.11
N LEU B 237 -8.38 14.30 0.37
CA LEU B 237 -7.63 15.39 0.96
C LEU B 237 -8.54 16.45 1.52
N LEU B 238 -9.70 16.66 0.87
CA LEU B 238 -10.66 17.62 1.38
C LEU B 238 -11.29 17.13 2.68
N LEU B 239 -11.54 15.83 2.78
CA LEU B 239 -12.11 15.29 4.03
C LEU B 239 -11.11 15.37 5.17
N LEU B 240 -9.85 15.11 4.88
CA LEU B 240 -8.81 15.15 5.90
C LEU B 240 -8.58 16.56 6.41
N LEU B 241 -8.58 17.55 5.51
CA LEU B 241 -8.49 18.94 5.96
C LEU B 241 -9.74 19.38 6.72
N PHE B 242 -10.90 18.78 6.42
CA PHE B 242 -12.10 19.11 7.17
C PHE B 242 -11.97 18.69 8.64
N PHE B 243 -11.46 17.48 8.89
CA PHE B 243 -11.28 17.07 10.28
C PHE B 243 -10.17 17.84 10.99
N MET B 244 -9.13 18.28 10.28
CA MET B 244 -8.14 19.05 11.03
C MET B 244 -8.63 20.45 11.37
N ILE B 245 -9.59 21.01 10.63
CA ILE B 245 -10.09 22.32 11.05
C ILE B 245 -11.03 22.19 12.24
N ILE B 246 -11.84 21.12 12.29
CA ILE B 246 -12.67 20.86 13.48
C ILE B 246 -11.81 20.68 14.73
N PHE B 247 -10.82 19.81 14.66
CA PHE B 247 -9.98 19.60 15.84
C PHE B 247 -9.10 20.80 16.15
N ALA B 248 -8.85 21.68 15.19
CA ALA B 248 -8.10 22.89 15.52
C ALA B 248 -8.95 23.87 16.29
N ILE B 249 -10.24 23.95 15.96
CA ILE B 249 -11.17 24.79 16.71
C ILE B 249 -11.27 24.30 18.15
N LEU B 250 -11.52 23.00 18.33
CA LEU B 250 -11.68 22.50 19.69
C LEU B 250 -10.35 22.48 20.44
N GLY B 251 -9.23 22.34 19.74
CA GLY B 251 -7.96 22.47 20.40
C GLY B 251 -7.70 23.89 20.88
N PHE B 252 -8.12 24.88 20.09
CA PHE B 252 -7.99 26.26 20.51
C PHE B 252 -8.89 26.57 21.70
N TYR B 253 -10.05 25.93 21.78
CA TYR B 253 -10.87 26.16 22.96
C TYR B 253 -10.25 25.54 24.20
N LEU B 254 -9.77 24.31 24.10
CA LEU B 254 -9.33 23.61 25.30
C LEU B 254 -7.99 24.05 25.83
N PHE B 255 -7.06 24.51 24.99
CA PHE B 255 -5.71 24.71 25.49
C PHE B 255 -5.20 26.13 25.38
N SER B 256 -6.03 27.09 24.99
CA SER B 256 -5.54 28.47 24.88
C SER B 256 -5.37 29.11 26.23
N THR B 257 -6.07 28.62 27.25
CA THR B 257 -5.93 29.16 28.59
C THR B 257 -4.78 28.44 29.30
N ASN B 258 -3.58 28.68 28.80
CA ASN B 258 -2.39 28.04 29.33
C ASN B 258 -1.19 28.93 29.04
N PRO B 259 -0.58 29.51 30.05
CA PRO B 259 0.54 30.42 29.82
C PRO B 259 1.87 29.70 29.58
N SER B 260 1.84 28.41 29.26
CA SER B 260 3.07 27.64 29.16
C SER B 260 3.37 27.11 27.77
N ASP B 261 2.39 27.02 26.88
CA ASP B 261 2.64 26.46 25.56
C ASP B 261 2.45 27.48 24.45
N PRO B 262 3.38 27.56 23.51
CA PRO B 262 3.19 28.38 22.33
C PRO B 262 2.43 27.69 21.20
N TYR B 263 1.82 26.55 21.48
CA TYR B 263 1.22 25.74 20.44
C TYR B 263 -0.23 26.05 20.19
N PHE B 264 -0.91 26.74 21.10
CA PHE B 264 -2.32 27.03 20.90
C PHE B 264 -2.63 28.46 21.32
N SER B 265 -1.74 29.39 20.98
CA SER B 265 -1.93 30.77 21.40
C SER B 265 -2.94 31.50 20.53
N THR B 266 -3.05 31.12 19.27
CA THR B 266 -3.95 31.76 18.32
C THR B 266 -4.57 30.65 17.49
N LEU B 267 -5.76 30.90 16.96
CA LEU B 267 -6.45 29.88 16.17
C LEU B 267 -5.69 29.54 14.90
N GLU B 268 -5.04 30.53 14.28
CA GLU B 268 -4.24 30.23 13.10
C GLU B 268 -2.99 29.46 13.47
N ASN B 269 -2.48 29.69 14.67
CA ASN B 269 -1.28 28.98 15.09
C ASN B 269 -1.61 27.54 15.42
N SER B 270 -2.85 27.29 15.85
CA SER B 270 -3.30 25.94 16.14
C SER B 270 -3.63 25.19 14.87
N ILE B 271 -4.12 25.89 13.84
CA ILE B 271 -4.31 25.24 12.55
C ILE B 271 -2.98 24.80 11.96
N VAL B 272 -1.95 25.64 12.13
CA VAL B 272 -0.62 25.27 11.65
C VAL B 272 -0.09 24.06 12.40
N ASN B 273 -0.18 24.08 13.74
CA ASN B 273 0.42 23.00 14.51
C ASN B 273 -0.33 21.68 14.36
N LEU B 274 -1.62 21.74 14.01
CA LEU B 274 -2.31 20.49 13.72
C LEU B 274 -2.08 20.03 12.31
N PHE B 275 -1.76 20.92 11.38
CA PHE B 275 -1.37 20.46 10.04
C PHE B 275 -0.01 19.80 10.09
N VAL B 276 0.83 20.22 11.02
CA VAL B 276 2.11 19.54 11.19
C VAL B 276 1.92 18.24 11.96
N LEU B 277 0.96 18.21 12.90
CA LEU B 277 0.69 16.98 13.64
C LEU B 277 0.11 15.90 12.75
N LEU B 278 -0.61 16.30 11.69
CA LEU B 278 -1.13 15.36 10.69
C LEU B 278 -0.04 14.50 10.08
N THR B 279 1.11 15.08 9.83
CA THR B 279 2.16 14.32 9.17
C THR B 279 3.20 13.80 10.14
N THR B 280 2.85 13.74 11.43
CA THR B 280 3.62 13.07 12.48
C THR B 280 4.99 13.70 12.64
N ALA B 281 5.05 15.01 12.48
CA ALA B 281 6.35 15.64 12.50
C ALA B 281 6.71 16.20 13.85
N ASN B 282 5.75 16.45 14.72
CA ASN B 282 6.08 17.03 16.01
C ASN B 282 5.27 16.41 17.12
N PHE B 283 5.11 15.08 17.12
CA PHE B 283 3.99 14.51 17.88
C PHE B 283 4.11 14.60 19.39
N PRO B 284 5.20 14.17 20.05
CA PRO B 284 5.18 14.31 21.50
C PRO B 284 5.33 15.75 21.93
N ASP B 285 6.02 16.57 21.13
CA ASP B 285 6.38 17.92 21.56
C ASP B 285 5.18 18.85 21.63
N VAL B 286 4.13 18.55 20.88
CA VAL B 286 2.92 19.36 20.99
C VAL B 286 1.99 18.82 22.07
N MET B 287 2.12 17.55 22.42
CA MET B 287 1.24 16.93 23.39
C MET B 287 1.66 17.26 24.81
N MET B 288 2.96 17.44 25.03
CA MET B 288 3.47 17.50 26.40
C MET B 288 3.03 18.67 27.27
N PRO B 289 2.94 19.93 26.82
CA PRO B 289 2.57 20.99 27.78
C PRO B 289 1.15 20.91 28.24
N SER B 290 0.27 20.24 27.49
CA SER B 290 -1.06 19.97 27.98
C SER B 290 -1.07 18.75 28.87
N TYR B 291 -0.24 17.77 28.52
CA TYR B 291 -0.14 16.53 29.29
C TYR B 291 0.51 16.76 30.64
N SER B 292 1.20 17.88 30.81
CA SER B 292 1.77 18.18 32.11
C SER B 292 0.71 18.66 33.08
N ARG B 293 -0.23 19.49 32.63
CA ARG B 293 -1.28 19.96 33.52
C ARG B 293 -2.28 18.86 33.80
N ASN B 294 -2.99 18.41 32.78
CA ASN B 294 -4.04 17.43 32.93
C ASN B 294 -3.62 16.16 32.22
N PRO B 295 -3.52 15.03 32.91
CA PRO B 295 -3.09 13.80 32.24
C PRO B 295 -4.12 13.24 31.29
N TRP B 296 -5.34 13.72 31.32
CA TRP B 296 -6.36 13.22 30.41
C TRP B 296 -6.35 13.90 29.06
N SER B 297 -5.39 14.78 28.79
CA SER B 297 -5.32 15.39 27.48
C SER B 297 -4.74 14.47 26.43
N CYS B 298 -4.28 13.29 26.81
CA CYS B 298 -3.79 12.33 25.84
C CYS B 298 -4.90 11.81 24.95
N VAL B 299 -6.14 11.83 25.42
CA VAL B 299 -7.26 11.29 24.65
C VAL B 299 -7.51 12.14 23.42
N PHE B 300 -7.23 13.45 23.51
CA PHE B 300 -7.37 14.34 22.37
C PHE B 300 -6.46 13.93 21.23
N PHE B 301 -5.18 13.74 21.53
CA PHE B 301 -4.23 13.41 20.48
C PHE B 301 -4.32 11.96 20.06
N ILE B 302 -4.79 11.08 20.93
CA ILE B 302 -4.99 9.69 20.54
C ILE B 302 -6.15 9.58 19.55
N VAL B 303 -7.27 10.23 19.86
CA VAL B 303 -8.45 10.15 18.99
C VAL B 303 -8.19 10.82 17.66
N TYR B 304 -7.54 11.99 17.67
CA TYR B 304 -7.22 12.69 16.43
C TYR B 304 -6.27 11.89 15.56
N LEU B 305 -5.19 11.39 16.15
CA LEU B 305 -4.17 10.73 15.36
C LEU B 305 -4.62 9.36 14.91
N SER B 306 -5.59 8.76 15.60
CA SER B 306 -6.11 7.47 15.19
C SER B 306 -7.32 7.59 14.27
N ILE B 307 -7.89 8.77 14.11
CA ILE B 307 -8.75 8.98 12.94
C ILE B 307 -7.93 9.16 11.70
N GLU B 308 -6.95 10.07 11.74
CA GLU B 308 -6.27 10.43 10.51
C GLU B 308 -5.23 9.42 10.06
N LEU B 309 -4.32 9.00 10.94
CA LEU B 309 -3.26 8.12 10.48
C LEU B 309 -3.70 6.68 10.29
N TYR B 310 -4.91 6.35 10.73
CA TYR B 310 -5.33 4.96 10.76
C TYR B 310 -6.54 4.72 9.85
N PHE B 311 -7.42 5.70 9.72
CA PHE B 311 -8.51 5.55 8.76
C PHE B 311 -8.22 6.26 7.45
N ILE B 312 -7.95 7.56 7.51
CA ILE B 312 -8.08 8.39 6.32
C ILE B 312 -6.87 8.26 5.42
N MET B 313 -5.67 8.21 6.00
CA MET B 313 -4.46 8.08 5.19
C MET B 313 -4.40 6.74 4.46
N ASN B 314 -4.77 5.67 5.16
CA ASN B 314 -4.80 4.36 4.50
C ASN B 314 -5.95 4.29 3.50
N LEU B 315 -7.03 5.01 3.76
CA LEU B 315 -8.10 5.11 2.79
C LEU B 315 -7.63 5.79 1.52
N LEU B 316 -6.75 6.78 1.65
CA LEU B 316 -6.21 7.48 0.50
C LEU B 316 -5.32 6.57 -0.33
N LEU B 317 -4.54 5.71 0.32
CA LEU B 317 -3.72 4.75 -0.43
C LEU B 317 -4.59 3.76 -1.18
N ALA B 318 -5.70 3.33 -0.58
CA ALA B 318 -6.59 2.38 -1.23
C ALA B 318 -7.26 2.99 -2.46
N VAL B 319 -7.69 4.25 -2.35
CA VAL B 319 -8.45 4.86 -3.44
C VAL B 319 -7.55 5.18 -4.63
N VAL B 320 -6.35 5.69 -4.38
CA VAL B 320 -5.41 5.95 -5.46
C VAL B 320 -4.95 4.65 -6.11
N PHE B 321 -4.86 3.57 -5.32
CA PHE B 321 -4.49 2.27 -5.87
C PHE B 321 -5.53 1.74 -6.84
N ASP B 322 -6.81 1.87 -6.50
CA ASP B 322 -7.86 1.35 -7.36
C ASP B 322 -7.96 2.11 -8.68
N THR B 323 -7.87 3.44 -8.61
CA THR B 323 -7.90 4.24 -9.84
C THR B 323 -6.70 3.93 -10.73
N PHE B 324 -5.56 3.63 -10.10
CA PHE B 324 -4.36 3.27 -10.86
C PHE B 324 -4.54 1.96 -11.62
N ASN B 325 -5.35 1.05 -11.06
CA ASN B 325 -5.66 -0.19 -11.79
C ASN B 325 -6.49 0.06 -13.04
N ASP B 326 -7.54 0.88 -12.93
CA ASP B 326 -8.35 1.13 -14.12
C ASP B 326 -7.60 1.89 -15.20
N ILE B 327 -6.73 2.83 -14.79
CA ILE B 327 -5.94 3.58 -15.77
C ILE B 327 -4.98 2.64 -16.50
N GLU B 328 -4.43 1.65 -15.79
CA GLU B 328 -3.57 0.68 -16.47
C GLU B 328 -4.34 -0.17 -17.47
N LYS B 329 -5.57 -0.55 -17.14
CA LYS B 329 -6.35 -1.39 -18.05
C LYS B 329 -6.71 -0.65 -19.32
N HIS B 330 -7.18 0.60 -19.20
CA HIS B 330 -7.58 1.32 -20.41
C HIS B 330 -6.39 1.79 -21.21
N LYS B 331 -5.22 1.96 -20.57
CA LYS B 331 -4.01 2.27 -21.32
C LYS B 331 -3.63 1.10 -22.23
N PHE B 332 -3.73 -0.12 -21.70
CA PHE B 332 -3.42 -1.29 -22.51
C PHE B 332 -4.44 -1.49 -23.63
N LYS B 333 -5.70 -1.21 -23.34
CA LYS B 333 -6.76 -1.40 -24.33
C LYS B 333 -6.60 -0.44 -25.51
N SER B 334 -6.35 0.84 -25.21
CA SER B 334 -6.23 1.82 -26.28
C SER B 334 -4.96 1.60 -27.09
N LEU B 335 -3.93 1.03 -26.47
CA LEU B 335 -2.73 0.69 -27.25
C LEU B 335 -3.02 -0.46 -28.22
N LEU B 336 -3.81 -1.45 -27.80
CA LEU B 336 -4.13 -2.55 -28.72
C LEU B 336 -4.99 -2.10 -29.89
N LEU B 337 -5.96 -1.23 -29.64
CA LEU B 337 -6.81 -0.79 -30.73
C LEU B 337 -6.06 0.11 -31.70
N HIS B 338 -5.08 0.85 -31.18
CA HIS B 338 -4.28 1.70 -32.07
C HIS B 338 -3.35 0.86 -32.93
N LYS B 339 -2.77 -0.21 -32.37
CA LYS B 339 -1.96 -1.11 -33.19
C LYS B 339 -2.81 -1.84 -34.23
N ARG B 340 -4.08 -2.10 -33.88
CA ARG B 340 -4.99 -2.76 -34.81
C ARG B 340 -5.26 -1.91 -36.04
N THR B 341 -5.56 -0.62 -35.85
CA THR B 341 -5.77 0.22 -37.02
C THR B 341 -4.49 0.46 -37.79
N ALA B 342 -3.33 0.44 -37.10
CA ALA B 342 -2.07 0.65 -37.79
C ALA B 342 -1.77 -0.50 -38.75
N ILE B 343 -1.99 -1.74 -38.30
CA ILE B 343 -1.75 -2.88 -39.18
C ILE B 343 -2.76 -2.92 -40.31
N GLN B 344 -4.01 -2.49 -40.06
CA GLN B 344 -5.01 -2.52 -41.13
C GLN B 344 -4.69 -1.49 -42.22
N HIS B 345 -4.16 -0.32 -41.85
CA HIS B 345 -3.72 0.62 -42.88
C HIS B 345 -2.48 0.09 -43.61
N ALA B 346 -1.60 -0.61 -42.89
CA ALA B 346 -0.41 -1.17 -43.53
C ALA B 346 -0.77 -2.23 -44.55
N TYR B 347 -1.71 -3.11 -44.21
CA TYR B 347 -2.18 -4.10 -45.16
C TYR B 347 -2.96 -3.45 -46.29
N GLY B 348 -3.61 -2.32 -46.02
CA GLY B 348 -4.32 -1.61 -47.07
C GLY B 348 -3.41 -0.99 -48.10
N LEU B 349 -2.24 -0.51 -47.68
CA LEU B 349 -1.32 0.09 -48.64
C LEU B 349 -0.63 -0.96 -49.49
N LEU B 350 -0.57 -2.21 -49.02
CA LEU B 350 -0.07 -3.33 -49.82
C LEU B 350 -1.21 -4.16 -50.38
N ALA B 351 -2.26 -3.48 -50.83
CA ALA B 351 -3.38 -4.13 -51.49
C ALA B 351 -2.95 -4.78 -52.80
N SER B 352 -3.66 -5.83 -53.18
CA SER B 352 -3.18 -6.72 -54.23
C SER B 352 -3.68 -6.34 -55.61
N GLN B 353 -4.97 -6.02 -55.73
CA GLN B 353 -5.70 -5.91 -57.00
C GLN B 353 -5.52 -7.19 -57.81
N ARG B 354 -5.65 -8.33 -57.12
CA ARG B 354 -5.49 -9.64 -57.73
C ARG B 354 -6.55 -10.57 -57.16
N ARG B 355 -6.72 -11.71 -57.84
CA ARG B 355 -7.78 -12.66 -57.51
C ARG B 355 -7.62 -13.37 -56.16
N PRO B 356 -6.43 -13.52 -55.56
CA PRO B 356 -6.40 -13.76 -54.12
C PRO B 356 -6.21 -12.47 -53.34
N ALA B 357 -6.44 -12.56 -52.04
CA ALA B 357 -6.15 -11.49 -51.10
C ALA B 357 -4.95 -11.90 -50.27
N GLY B 358 -3.83 -11.22 -50.48
CA GLY B 358 -2.64 -11.55 -49.73
C GLY B 358 -1.50 -10.63 -50.11
N ILE B 359 -0.33 -10.93 -49.54
CA ILE B 359 0.88 -10.15 -49.79
C ILE B 359 1.95 -11.09 -50.32
N SER B 360 2.54 -10.72 -51.46
CA SER B 360 3.63 -11.50 -52.01
C SER B 360 4.90 -11.30 -51.18
N TYR B 361 5.91 -12.12 -51.46
CA TYR B 361 7.09 -12.14 -50.61
C TYR B 361 7.93 -10.87 -50.78
N ARG B 362 7.97 -10.32 -51.99
CA ARG B 362 8.85 -9.17 -52.24
C ARG B 362 8.33 -7.91 -51.56
N GLN B 363 7.03 -7.84 -51.30
CA GLN B 363 6.51 -6.71 -50.53
C GLN B 363 6.87 -6.86 -49.05
N PHE B 364 6.85 -8.09 -48.55
CA PHE B 364 7.28 -8.33 -47.18
C PHE B 364 8.79 -8.12 -47.04
N GLU B 365 9.54 -8.33 -48.13
CA GLU B 365 10.92 -7.89 -48.18
C GLU B 365 11.02 -6.39 -47.98
N GLY B 366 10.12 -5.63 -48.61
CA GLY B 366 10.18 -4.18 -48.48
C GLY B 366 9.86 -3.69 -47.08
N LEU B 367 8.82 -4.26 -46.45
CA LEU B 367 8.49 -3.90 -45.07
C LEU B 367 9.62 -4.23 -44.13
N MET B 368 10.27 -5.36 -44.31
CA MET B 368 11.36 -5.63 -43.40
C MET B 368 12.66 -4.93 -43.85
N ARG B 369 12.64 -4.28 -45.02
CA ARG B 369 13.81 -3.54 -45.46
C ARG B 369 13.82 -2.12 -44.94
N PHE B 370 12.64 -1.54 -44.67
CA PHE B 370 12.59 -0.22 -44.05
C PHE B 370 12.31 -0.28 -42.56
N TYR B 371 11.21 -0.91 -42.16
CA TYR B 371 11.04 -1.26 -40.76
C TYR B 371 12.02 -2.36 -40.42
N LYS B 372 12.70 -2.24 -39.27
CA LYS B 372 13.83 -3.06 -38.84
C LYS B 372 14.92 -3.12 -39.91
N PRO B 373 15.70 -2.06 -40.12
CA PRO B 373 16.67 -2.06 -41.23
C PRO B 373 17.85 -2.97 -41.02
N ARG B 374 18.19 -3.32 -39.78
CA ARG B 374 19.40 -4.07 -39.50
C ARG B 374 19.22 -5.58 -39.61
N MET B 375 18.09 -6.03 -40.15
CA MET B 375 17.77 -7.45 -40.23
C MET B 375 18.13 -7.98 -41.61
N SER B 376 18.99 -8.98 -41.64
CA SER B 376 19.49 -9.49 -42.91
C SER B 376 18.50 -10.45 -43.54
N ALA B 377 18.91 -11.04 -44.67
CA ALA B 377 17.98 -11.68 -45.59
C ALA B 377 17.45 -13.00 -45.08
N ARG B 378 18.31 -13.80 -44.44
CA ARG B 378 17.90 -15.09 -43.90
C ARG B 378 16.86 -14.91 -42.80
N GLU B 379 17.04 -13.90 -41.96
CA GLU B 379 16.06 -13.62 -40.92
C GLU B 379 14.78 -13.02 -41.50
N ARG B 380 14.89 -12.35 -42.64
CA ARG B 380 13.68 -11.84 -43.30
C ARG B 380 12.82 -12.99 -43.80
N PHE B 381 13.42 -13.99 -44.46
CA PHE B 381 12.64 -15.13 -44.92
C PHE B 381 12.11 -15.96 -43.76
N LEU B 382 12.88 -16.05 -42.67
CA LEU B 382 12.39 -16.71 -41.47
C LEU B 382 11.17 -16.01 -40.90
N THR B 383 11.17 -14.68 -40.90
CA THR B 383 9.99 -13.96 -40.44
C THR B 383 8.84 -14.08 -41.43
N PHE B 384 9.12 -14.40 -42.69
CA PHE B 384 8.01 -14.61 -43.60
C PHE B 384 7.35 -15.96 -43.39
N LYS B 385 8.14 -16.98 -43.05
CA LYS B 385 7.51 -18.26 -42.74
C LYS B 385 6.89 -18.26 -41.35
N ALA B 386 7.47 -17.50 -40.42
CA ALA B 386 6.97 -17.47 -39.05
C ALA B 386 5.62 -16.78 -38.96
N LEU B 387 5.34 -15.84 -39.85
CA LEU B 387 4.01 -15.29 -39.93
C LEU B 387 3.07 -16.10 -40.80
N ASN B 388 3.55 -17.12 -41.50
CA ASN B 388 2.73 -17.72 -42.55
C ASN B 388 1.63 -18.58 -41.96
N GLN B 389 2.01 -19.66 -41.26
CA GLN B 389 1.11 -20.57 -40.52
C GLN B 389 0.03 -21.15 -41.44
N SER B 390 0.37 -21.33 -42.71
CA SER B 390 -0.55 -21.76 -43.75
C SER B 390 0.29 -22.24 -44.92
N ASN B 391 -0.29 -23.09 -45.76
CA ASN B 391 0.41 -23.60 -46.93
C ASN B 391 0.06 -22.78 -48.16
N THR B 392 0.30 -21.47 -48.05
CA THR B 392 -0.10 -20.53 -49.09
C THR B 392 1.11 -19.79 -49.64
N PRO B 393 1.03 -19.29 -50.87
CA PRO B 393 2.06 -18.36 -51.36
C PRO B 393 1.83 -16.92 -50.95
N LEU B 394 0.73 -16.61 -50.25
CA LEU B 394 0.48 -15.25 -49.81
C LEU B 394 0.20 -15.22 -48.31
N LEU B 395 -0.26 -14.07 -47.80
CA LEU B 395 -0.58 -13.90 -46.40
C LEU B 395 -2.06 -13.56 -46.22
N SER B 396 -2.42 -13.16 -45.01
CA SER B 396 -3.80 -12.98 -44.60
C SER B 396 -3.87 -11.72 -43.74
N LEU B 397 -4.94 -11.57 -42.97
CA LEU B 397 -4.96 -10.64 -41.86
C LEU B 397 -4.68 -11.33 -40.53
N LYS B 398 -5.33 -12.48 -40.26
CA LYS B 398 -5.15 -13.20 -39.00
C LYS B 398 -3.72 -13.67 -38.84
N ASP B 399 -3.05 -14.00 -39.93
CA ASP B 399 -1.65 -14.34 -39.88
C ASP B 399 -0.74 -13.14 -40.01
N PHE B 400 -1.30 -11.93 -39.99
CA PHE B 400 -0.51 -10.73 -40.13
C PHE B 400 -0.66 -9.76 -38.98
N TYR B 401 -1.71 -9.89 -38.15
CA TYR B 401 -1.82 -9.02 -36.98
C TYR B 401 -0.76 -9.30 -35.93
N ASP B 402 -0.01 -10.38 -36.05
CA ASP B 402 1.04 -10.72 -35.10
C ASP B 402 2.41 -10.25 -35.58
N ILE B 403 2.50 -9.13 -36.28
CA ILE B 403 3.78 -8.72 -36.83
C ILE B 403 4.67 -8.10 -35.75
N TYR B 404 4.08 -7.51 -34.71
CA TYR B 404 4.89 -6.85 -33.70
C TYR B 404 5.62 -7.82 -32.79
N GLU B 405 5.03 -8.99 -32.58
CA GLU B 405 5.55 -9.93 -31.61
C GLU B 405 6.40 -11.02 -32.23
N VAL B 406 6.53 -11.02 -33.56
CA VAL B 406 7.42 -11.94 -34.25
C VAL B 406 8.64 -11.23 -34.81
N ALA B 407 8.51 -9.98 -35.25
CA ALA B 407 9.65 -9.27 -35.81
C ALA B 407 10.66 -8.83 -34.77
N ALA B 408 10.40 -9.02 -33.48
CA ALA B 408 11.24 -8.49 -32.43
C ALA B 408 12.31 -9.47 -31.96
N LEU B 409 12.42 -10.64 -32.57
CA LEU B 409 13.31 -11.67 -32.07
C LEU B 409 14.54 -11.84 -32.95
N GLN B 410 15.54 -12.49 -32.40
CA GLN B 410 16.79 -12.75 -33.09
C GLN B 410 16.90 -14.24 -33.41
N TRP B 411 17.35 -14.52 -34.63
CA TRP B 411 17.42 -15.89 -35.13
C TRP B 411 18.83 -16.44 -34.98
N LYS B 412 18.92 -17.72 -34.63
CA LYS B 412 20.20 -18.43 -34.60
C LYS B 412 20.01 -19.79 -35.24
N ALA B 413 21.13 -20.39 -35.63
CA ALA B 413 21.15 -21.74 -36.18
C ALA B 413 21.28 -22.75 -35.04
N LYS B 414 21.52 -24.01 -35.38
CA LYS B 414 21.76 -25.05 -34.39
C LYS B 414 23.18 -25.58 -34.54
N ARG B 415 24.12 -24.91 -33.88
CA ARG B 415 25.44 -25.44 -33.62
C ARG B 415 25.48 -26.02 -32.21
N ASN B 416 26.61 -26.62 -31.86
CA ASN B 416 26.80 -27.10 -30.50
C ASN B 416 28.20 -26.79 -29.99
N ARG B 417 28.97 -25.96 -30.68
CA ARG B 417 30.38 -25.75 -30.37
C ARG B 417 30.52 -24.87 -29.14
N GLN B 418 31.76 -24.59 -28.77
CA GLN B 418 32.09 -23.60 -27.76
C GLN B 418 33.00 -22.56 -28.39
N HIS B 419 32.97 -21.34 -27.84
CA HIS B 419 33.72 -20.21 -28.39
C HIS B 419 35.23 -20.31 -28.16
N TRP B 420 35.74 -21.38 -27.57
CA TRP B 420 37.17 -21.48 -27.31
C TRP B 420 37.70 -22.87 -27.61
N PHE B 421 37.04 -23.63 -28.48
CA PHE B 421 37.45 -25.00 -28.78
C PHE B 421 37.87 -25.25 -30.20
N ASP B 422 37.55 -24.36 -31.15
CA ASP B 422 37.77 -24.67 -32.57
C ASP B 422 39.25 -24.62 -32.94
N GLU B 423 40.01 -23.71 -32.33
CA GLU B 423 41.45 -23.64 -32.58
C GLU B 423 42.19 -24.85 -32.01
N LEU B 424 41.61 -25.50 -30.99
CA LEU B 424 42.36 -26.42 -30.13
C LEU B 424 42.68 -27.73 -30.85
N PRO B 425 43.96 -28.12 -30.86
CA PRO B 425 44.31 -29.54 -31.06
C PRO B 425 44.24 -30.29 -29.74
N ARG B 426 44.73 -31.53 -29.72
CA ARG B 426 44.82 -32.29 -28.48
C ARG B 426 45.91 -31.72 -27.56
N THR B 427 46.02 -32.37 -26.38
CA THR B 427 46.97 -32.17 -25.28
C THR B 427 46.63 -30.88 -24.51
N ALA B 428 45.64 -30.13 -25.00
CA ALA B 428 45.05 -29.01 -24.28
C ALA B 428 43.53 -28.99 -24.39
N PHE B 429 42.95 -29.76 -25.30
CA PHE B 429 41.51 -29.79 -25.46
C PHE B 429 40.83 -30.51 -24.31
N LEU B 430 41.45 -31.56 -23.79
CA LEU B 430 40.92 -32.27 -22.63
C LEU B 430 40.96 -31.39 -21.38
N ILE B 431 41.89 -30.43 -21.35
CA ILE B 431 41.97 -29.48 -20.23
C ILE B 431 40.72 -28.62 -20.20
N PHE B 432 40.47 -27.86 -21.28
CA PHE B 432 39.38 -26.89 -21.29
C PHE B 432 38.02 -27.58 -21.32
N LYS B 433 37.90 -28.70 -22.05
CA LYS B 433 36.66 -29.46 -22.03
C LYS B 433 36.41 -30.05 -20.65
N GLY B 434 37.47 -30.51 -19.98
CA GLY B 434 37.33 -30.99 -18.62
C GLY B 434 36.90 -29.91 -17.65
N ILE B 435 37.37 -28.67 -17.87
CA ILE B 435 36.95 -27.57 -17.02
C ILE B 435 35.49 -27.22 -17.23
N ASN B 436 35.03 -27.30 -18.48
CA ASN B 436 33.61 -27.07 -18.76
C ASN B 436 32.76 -28.17 -18.13
N ILE B 437 33.28 -29.40 -18.14
CA ILE B 437 32.60 -30.54 -17.50
C ILE B 437 32.45 -30.31 -16.00
N LEU B 438 33.55 -29.93 -15.34
CA LEU B 438 33.48 -29.81 -13.89
C LEU B 438 32.74 -28.54 -13.46
N VAL B 439 32.78 -27.48 -14.27
CA VAL B 439 32.07 -26.27 -13.89
C VAL B 439 30.57 -26.44 -14.12
N ASN B 440 30.15 -27.44 -14.87
CA ASN B 440 28.72 -27.73 -14.94
C ASN B 440 28.26 -28.61 -13.77
N SER B 441 29.17 -29.09 -12.93
CA SER B 441 28.80 -30.00 -11.86
C SER B 441 28.17 -29.26 -10.70
N LYS B 442 27.30 -29.97 -9.97
CA LYS B 442 26.57 -29.34 -8.89
C LYS B 442 27.42 -29.18 -7.63
N ALA B 443 28.27 -30.16 -7.32
CA ALA B 443 29.04 -30.11 -6.09
C ALA B 443 30.16 -29.09 -6.14
N PHE B 444 30.54 -28.61 -7.33
CA PHE B 444 31.46 -27.49 -7.42
C PHE B 444 30.80 -26.20 -6.95
N GLN B 445 29.58 -25.94 -7.39
CA GLN B 445 28.81 -24.81 -6.89
C GLN B 445 28.55 -24.96 -5.40
N TYR B 446 28.20 -26.17 -4.98
CA TYR B 446 28.02 -26.47 -3.57
C TYR B 446 29.31 -26.31 -2.77
N PHE B 447 30.46 -26.38 -3.42
CA PHE B 447 31.72 -25.99 -2.76
C PHE B 447 31.83 -24.49 -2.65
N MET B 448 31.38 -23.77 -3.68
CA MET B 448 31.55 -22.32 -3.74
C MET B 448 30.74 -21.61 -2.67
N TYR B 449 29.53 -22.10 -2.38
CA TYR B 449 28.75 -21.48 -1.31
C TYR B 449 29.40 -21.66 0.06
N LEU B 450 30.10 -22.77 0.26
CA LEU B 450 30.86 -22.93 1.50
C LEU B 450 32.01 -21.95 1.57
N VAL B 451 32.62 -21.63 0.43
CA VAL B 451 33.70 -20.65 0.44
C VAL B 451 33.17 -19.28 0.83
N VAL B 452 32.00 -18.90 0.32
CA VAL B 452 31.43 -17.60 0.64
C VAL B 452 31.01 -17.54 2.12
N ALA B 453 30.47 -18.64 2.65
CA ALA B 453 30.08 -18.65 4.05
C ALA B 453 31.30 -18.60 4.97
N VAL B 454 32.41 -19.23 4.56
CA VAL B 454 33.66 -19.13 5.30
C VAL B 454 34.15 -17.69 5.33
N ASN B 455 34.00 -16.97 4.21
CA ASN B 455 34.33 -15.55 4.16
C ASN B 455 33.48 -14.75 5.14
N GLY B 456 32.19 -15.04 5.21
CA GLY B 456 31.32 -14.27 6.09
C GLY B 456 31.60 -14.48 7.56
N VAL B 457 31.86 -15.73 7.96
CA VAL B 457 32.21 -16.00 9.34
C VAL B 457 33.58 -15.41 9.66
N TRP B 458 34.47 -15.34 8.66
CA TRP B 458 35.78 -14.75 8.88
C TRP B 458 35.69 -13.25 9.13
N ILE B 459 34.81 -12.56 8.41
CA ILE B 459 34.64 -11.13 8.65
C ILE B 459 34.01 -10.89 10.01
N LEU B 460 33.05 -11.74 10.40
CA LEU B 460 32.35 -11.52 11.66
C LEU B 460 33.25 -11.77 12.86
N VAL B 461 34.02 -12.86 12.81
CA VAL B 461 34.89 -13.19 13.94
C VAL B 461 36.06 -12.22 14.02
N GLU B 462 36.58 -11.77 12.87
CA GLU B 462 37.64 -10.77 12.91
C GLU B 462 37.12 -9.42 13.40
N THR B 463 35.83 -9.16 13.19
CA THR B 463 35.22 -7.94 13.73
C THR B 463 35.12 -7.98 15.24
N PHE B 464 34.50 -9.02 15.79
CA PHE B 464 34.35 -9.08 17.24
C PHE B 464 35.60 -9.58 17.96
N MET B 465 36.71 -9.81 17.25
CA MET B 465 37.99 -10.02 17.91
C MET B 465 38.87 -8.79 17.89
N LEU B 466 38.92 -8.07 16.77
CA LEU B 466 39.70 -6.83 16.71
C LEU B 466 38.90 -5.61 17.17
N LYS B 467 37.73 -5.84 17.79
CA LYS B 467 36.93 -4.83 18.49
C LYS B 467 36.51 -3.68 17.58
N GLY B 468 36.17 -4.02 16.34
CA GLY B 468 35.74 -3.02 15.39
C GLY B 468 36.83 -2.21 14.76
N GLY B 469 38.09 -2.41 15.15
CA GLY B 469 39.16 -1.62 14.60
C GLY B 469 39.86 -2.29 13.44
N ASN B 470 39.17 -3.16 12.74
CA ASN B 470 39.75 -3.88 11.62
C ASN B 470 39.64 -3.14 10.31
N PHE B 471 39.08 -1.94 10.31
CA PHE B 471 38.87 -1.21 9.06
C PHE B 471 39.74 0.03 8.93
N THR B 472 40.17 0.63 10.03
CA THR B 472 40.95 1.85 9.91
C THR B 472 42.42 1.59 9.62
N SER B 473 42.88 0.36 9.81
CA SER B 473 44.30 0.07 9.71
C SER B 473 44.76 0.09 8.26
N LYS B 474 46.02 0.46 8.07
CA LYS B 474 46.58 0.61 6.74
C LYS B 474 47.25 -0.67 6.24
N HIS B 475 47.13 -1.77 6.98
CA HIS B 475 47.50 -3.09 6.49
C HIS B 475 46.30 -4.01 6.53
N VAL B 476 46.10 -4.75 5.45
CA VAL B 476 45.01 -5.71 5.36
C VAL B 476 45.42 -6.99 6.06
N PRO B 477 44.63 -7.50 7.01
CA PRO B 477 45.00 -8.70 7.78
C PRO B 477 44.80 -10.02 7.04
N TRP B 478 45.36 -10.10 5.82
CA TRP B 478 45.45 -11.31 4.99
C TRP B 478 44.11 -11.93 4.59
N SER B 479 42.98 -11.31 4.95
CA SER B 479 41.71 -11.85 4.53
C SER B 479 41.43 -11.50 3.09
N TYR B 480 41.54 -10.21 2.77
CA TYR B 480 41.11 -9.70 1.48
C TYR B 480 42.06 -10.12 0.38
N LEU B 481 43.32 -10.40 0.73
CA LEU B 481 44.25 -10.96 -0.24
C LEU B 481 43.83 -12.37 -0.65
N VAL B 482 43.65 -13.25 0.35
CA VAL B 482 43.35 -14.66 0.09
C VAL B 482 42.00 -14.82 -0.59
N PHE B 483 41.00 -14.08 -0.11
CA PHE B 483 39.66 -14.22 -0.65
C PHE B 483 39.55 -13.64 -2.06
N LEU B 484 40.27 -12.53 -2.35
CA LEU B 484 40.21 -12.03 -3.72
C LEU B 484 40.97 -12.93 -4.68
N THR B 485 41.99 -13.64 -4.20
CA THR B 485 42.65 -14.61 -5.06
C THR B 485 41.73 -15.77 -5.39
N ILE B 486 40.99 -16.29 -4.42
CA ILE B 486 40.19 -17.47 -4.69
C ILE B 486 38.96 -17.12 -5.52
N TYR B 487 38.32 -15.98 -5.24
CA TYR B 487 37.21 -15.52 -6.08
C TYR B 487 37.69 -15.22 -7.49
N GLY B 488 38.91 -14.68 -7.61
CA GLY B 488 39.40 -14.27 -8.91
C GLY B 488 39.75 -15.45 -9.80
N VAL B 489 40.41 -16.47 -9.24
CA VAL B 489 40.80 -17.59 -10.06
C VAL B 489 39.58 -18.42 -10.45
N GLU B 490 38.53 -18.41 -9.61
CA GLU B 490 37.33 -19.13 -10.03
C GLU B 490 36.49 -18.30 -10.99
N LEU B 491 36.64 -16.97 -10.97
CA LEU B 491 36.03 -16.14 -11.98
C LEU B 491 36.61 -16.43 -13.36
N PHE B 492 37.94 -16.38 -13.47
CA PHE B 492 38.61 -16.62 -14.75
C PHE B 492 38.39 -18.04 -15.23
N MET B 493 38.35 -18.99 -14.29
CA MET B 493 38.09 -20.39 -14.63
C MET B 493 36.68 -20.56 -15.16
N LYS B 494 35.72 -19.85 -14.58
CA LYS B 494 34.33 -20.00 -15.00
C LYS B 494 34.08 -19.36 -16.35
N VAL B 495 34.68 -18.18 -16.59
CA VAL B 495 34.46 -17.49 -17.84
C VAL B 495 35.13 -18.22 -18.99
N ALA B 496 36.37 -18.65 -18.79
CA ALA B 496 37.05 -19.39 -19.84
C ALA B 496 36.44 -20.76 -20.05
N GLY B 497 35.81 -21.32 -19.02
CA GLY B 497 35.15 -22.60 -19.17
C GLY B 497 33.83 -22.51 -19.90
N LEU B 498 33.09 -21.43 -19.71
CA LEU B 498 31.75 -21.31 -20.28
C LEU B 498 31.69 -20.52 -21.56
N GLY B 499 32.67 -19.67 -21.83
CA GLY B 499 32.57 -18.74 -22.93
C GLY B 499 31.93 -17.45 -22.46
N PRO B 500 32.26 -16.34 -23.11
CA PRO B 500 31.85 -15.02 -22.60
C PRO B 500 30.36 -14.76 -22.69
N VAL B 501 29.76 -15.05 -23.84
CA VAL B 501 28.35 -14.72 -24.01
C VAL B 501 27.48 -15.73 -23.27
N GLU B 502 27.94 -16.97 -23.10
CA GLU B 502 27.18 -17.91 -22.28
C GLU B 502 27.32 -17.62 -20.80
N TYR B 503 28.29 -16.78 -20.42
CA TYR B 503 28.44 -16.40 -19.03
C TYR B 503 27.66 -15.13 -18.71
N LEU B 504 27.69 -14.16 -19.63
CA LEU B 504 27.05 -12.88 -19.39
C LEU B 504 25.53 -12.98 -19.43
N SER B 505 24.99 -14.02 -20.05
CA SER B 505 23.55 -14.15 -20.28
C SER B 505 22.73 -14.33 -19.01
N SER B 506 23.35 -14.65 -17.88
CA SER B 506 22.63 -14.75 -16.63
C SER B 506 22.63 -13.40 -15.92
N GLY B 507 21.99 -13.35 -14.75
CA GLY B 507 21.93 -12.11 -14.00
C GLY B 507 23.01 -11.99 -12.94
N TRP B 508 23.13 -13.00 -12.09
CA TRP B 508 24.04 -12.94 -10.94
C TRP B 508 25.50 -12.98 -11.36
N ASN B 509 25.80 -13.50 -12.55
CA ASN B 509 27.18 -13.69 -12.95
C ASN B 509 27.86 -12.36 -13.23
N LEU B 510 27.15 -11.43 -13.89
CA LEU B 510 27.72 -10.11 -14.13
C LEU B 510 27.80 -9.31 -12.86
N PHE B 511 26.99 -9.64 -11.85
CA PHE B 511 27.18 -9.05 -10.54
C PHE B 511 28.48 -9.52 -9.91
N ASP B 512 28.80 -10.80 -10.06
CA ASP B 512 30.07 -11.30 -9.54
C ASP B 512 31.23 -10.66 -10.27
N PHE B 513 31.11 -10.51 -11.59
CA PHE B 513 32.15 -9.87 -12.38
C PHE B 513 32.34 -8.43 -11.98
N SER B 514 31.24 -7.72 -11.72
CA SER B 514 31.35 -6.31 -11.40
C SER B 514 31.97 -6.08 -10.04
N VAL B 515 31.58 -6.88 -9.04
CA VAL B 515 32.07 -6.60 -7.70
C VAL B 515 33.53 -7.02 -7.54
N THR B 516 33.96 -8.11 -8.20
CA THR B 516 35.39 -8.38 -8.21
C THR B 516 36.15 -7.36 -9.04
N ALA B 517 35.51 -6.80 -10.07
CA ALA B 517 36.12 -5.74 -10.87
C ALA B 517 36.38 -4.49 -10.07
N PHE B 518 35.50 -4.15 -9.13
CA PHE B 518 35.87 -3.13 -8.16
C PHE B 518 37.01 -3.63 -7.29
N ALA B 519 36.99 -4.91 -6.93
CA ALA B 519 37.85 -5.41 -5.86
C ALA B 519 39.32 -5.44 -6.24
N PHE B 520 39.65 -5.58 -7.53
CA PHE B 520 41.07 -5.56 -7.87
C PHE B 520 41.68 -4.16 -7.75
N LEU B 521 40.84 -3.12 -7.82
CA LEU B 521 41.33 -1.78 -7.56
C LEU B 521 41.65 -1.57 -6.09
N GLY B 522 41.13 -2.41 -5.20
CA GLY B 522 41.58 -2.38 -3.82
C GLY B 522 43.02 -2.83 -3.67
N LEU B 523 43.43 -3.85 -4.44
CA LEU B 523 44.83 -4.21 -4.49
C LEU B 523 45.65 -3.14 -5.21
N LEU B 524 45.03 -2.40 -6.12
CA LEU B 524 45.69 -1.24 -6.70
C LEU B 524 45.84 -0.13 -5.67
N ALA B 525 45.03 -0.15 -4.61
CA ALA B 525 45.05 0.88 -3.59
C ALA B 525 45.93 0.54 -2.40
N LEU B 526 46.13 -0.75 -2.12
CA LEU B 526 46.87 -1.14 -0.92
C LEU B 526 48.37 -0.99 -1.12
N THR B 527 48.91 -1.60 -2.17
CA THR B 527 50.36 -1.67 -2.34
C THR B 527 50.96 -0.42 -2.94
N LEU B 528 50.14 0.46 -3.50
CA LEU B 528 50.62 1.62 -4.23
C LEU B 528 50.40 2.89 -3.42
N ASN B 529 50.83 4.01 -3.97
CA ASN B 529 50.72 5.31 -3.31
C ASN B 529 49.45 6.03 -3.71
N MET B 530 48.33 5.33 -3.62
CA MET B 530 47.01 5.89 -3.88
C MET B 530 46.16 5.59 -2.65
N GLU B 531 46.14 6.54 -1.72
CA GLU B 531 45.34 6.36 -0.51
C GLU B 531 43.82 6.34 -0.73
N PRO B 532 43.18 7.33 -1.38
CA PRO B 532 41.72 7.47 -1.19
C PRO B 532 40.88 6.39 -1.86
N PHE B 533 41.46 5.38 -2.47
CA PHE B 533 40.74 4.22 -2.96
C PHE B 533 40.71 3.09 -1.95
N TYR B 534 40.91 3.37 -0.68
CA TYR B 534 40.89 2.33 0.32
C TYR B 534 39.48 1.89 0.67
N PHE B 535 38.46 2.63 0.24
CA PHE B 535 37.09 2.28 0.57
C PHE B 535 36.62 1.04 -0.17
N ILE B 536 37.30 0.66 -1.24
CA ILE B 536 37.01 -0.61 -1.87
C ILE B 536 37.45 -1.75 -0.97
N VAL B 537 38.55 -1.55 -0.22
CA VAL B 537 38.95 -2.52 0.78
C VAL B 537 37.96 -2.52 1.94
N VAL B 538 37.36 -1.36 2.22
CA VAL B 538 36.35 -1.30 3.28
C VAL B 538 35.09 -2.05 2.85
N LEU B 539 34.79 -2.07 1.57
CA LEU B 539 33.65 -2.84 1.07
C LEU B 539 34.00 -4.32 0.85
N ARG B 540 34.52 -4.98 1.88
CA ARG B 540 34.55 -6.43 1.88
C ARG B 540 33.17 -7.08 1.75
N PRO B 541 32.17 -6.80 2.62
CA PRO B 541 31.05 -7.72 2.72
C PRO B 541 30.04 -7.67 1.59
N LEU B 542 30.29 -6.97 0.48
CA LEU B 542 29.42 -7.13 -0.67
C LEU B 542 29.52 -8.49 -1.31
N GLN B 543 30.56 -9.26 -1.00
CA GLN B 543 30.67 -10.60 -1.56
C GLN B 543 29.64 -11.56 -0.97
N LEU B 544 29.13 -11.26 0.22
CA LEU B 544 28.11 -12.11 0.82
C LEU B 544 26.77 -12.03 0.11
N LEU B 545 26.58 -11.04 -0.77
CA LEU B 545 25.32 -10.90 -1.49
C LEU B 545 25.18 -11.93 -2.59
N ARG B 546 26.24 -12.70 -2.87
CA ARG B 546 26.09 -13.88 -3.71
C ARG B 546 25.19 -14.90 -3.07
N LEU B 547 25.24 -15.01 -1.74
CA LEU B 547 24.67 -16.13 -1.04
C LEU B 547 23.15 -16.07 -0.97
N PHE B 548 22.53 -14.95 -1.33
CA PHE B 548 21.08 -14.86 -1.37
C PHE B 548 20.44 -15.64 -2.50
N LYS B 549 21.21 -16.22 -3.41
CA LYS B 549 20.60 -16.93 -4.52
C LYS B 549 20.22 -18.36 -4.17
N LEU B 550 20.29 -18.73 -2.90
CA LEU B 550 19.84 -20.06 -2.51
C LEU B 550 18.33 -20.11 -2.33
N LYS B 551 17.78 -19.19 -1.55
CA LYS B 551 16.37 -19.24 -1.21
C LYS B 551 15.54 -18.71 -2.38
N LYS B 552 14.41 -19.38 -2.64
CA LYS B 552 13.66 -19.17 -3.87
C LYS B 552 13.03 -17.79 -3.93
N ARG B 553 12.52 -17.31 -2.80
CA ARG B 553 11.77 -16.06 -2.81
C ARG B 553 12.67 -14.87 -3.09
N TYR B 554 13.96 -14.99 -2.80
CA TYR B 554 14.89 -13.94 -3.18
C TYR B 554 15.09 -13.88 -4.69
N ARG B 555 15.13 -15.05 -5.35
CA ARG B 555 15.30 -15.05 -6.80
C ARG B 555 14.07 -14.45 -7.49
N ASN B 556 12.89 -14.75 -6.96
CA ASN B 556 11.67 -14.19 -7.54
C ASN B 556 11.60 -12.68 -7.29
N VAL B 557 11.87 -12.24 -6.07
CA VAL B 557 11.62 -10.84 -5.75
C VAL B 557 12.72 -9.95 -6.31
N LEU B 558 13.91 -10.51 -6.53
CA LEU B 558 14.94 -9.71 -7.19
C LEU B 558 14.77 -9.74 -8.69
N ASP B 559 14.07 -10.75 -9.22
CA ASP B 559 13.70 -10.70 -10.63
C ASP B 559 12.72 -9.56 -10.88
N THR B 560 11.70 -9.43 -10.03
CA THR B 560 10.77 -8.33 -10.20
C THR B 560 11.39 -6.99 -9.84
N MET B 561 12.37 -6.96 -8.93
CA MET B 561 13.06 -5.70 -8.65
C MET B 561 13.85 -5.23 -9.86
N PHE B 562 14.67 -6.10 -10.44
CA PHE B 562 15.45 -5.74 -11.62
C PHE B 562 14.61 -5.56 -12.87
N GLU B 563 13.33 -5.93 -12.85
CA GLU B 563 12.48 -5.76 -14.01
C GLU B 563 11.59 -4.52 -13.92
N LEU B 564 11.38 -3.99 -12.73
CA LEU B 564 10.67 -2.74 -12.51
C LEU B 564 11.59 -1.53 -12.43
N LEU B 565 12.89 -1.71 -12.58
CA LEU B 565 13.82 -0.60 -12.44
C LEU B 565 13.67 0.55 -13.44
N PRO B 566 13.46 0.32 -14.76
CA PRO B 566 13.33 1.49 -15.66
C PRO B 566 12.17 2.43 -15.37
N ARG B 567 11.03 1.89 -14.92
CA ARG B 567 9.91 2.77 -14.61
C ARG B 567 10.19 3.57 -13.34
N MET B 568 10.89 2.98 -12.37
CA MET B 568 11.23 3.73 -11.18
C MET B 568 12.29 4.78 -11.48
N ALA B 569 13.12 4.55 -12.51
CA ALA B 569 14.00 5.61 -12.98
C ALA B 569 13.22 6.77 -13.55
N SER B 570 12.15 6.47 -14.29
CA SER B 570 11.34 7.53 -14.85
C SER B 570 10.56 8.28 -13.79
N LEU B 571 10.06 7.57 -12.77
CA LEU B 571 9.40 8.22 -11.65
C LEU B 571 10.35 9.12 -10.87
N GLY B 572 11.60 8.69 -10.74
CA GLY B 572 12.61 9.54 -10.13
C GLY B 572 12.89 10.79 -10.95
N LEU B 573 12.80 10.69 -12.27
CA LEU B 573 13.08 11.88 -13.06
C LEU B 573 11.90 12.84 -13.08
N THR B 574 10.67 12.33 -12.96
CA THR B 574 9.53 13.22 -12.73
C THR B 574 9.63 13.93 -11.40
N LEU B 575 10.08 13.22 -10.36
CA LEU B 575 10.28 13.85 -9.06
C LEU B 575 11.36 14.93 -9.14
N LEU B 576 12.38 14.73 -9.97
CA LEU B 576 13.37 15.79 -10.14
C LEU B 576 12.83 16.95 -10.96
N THR B 577 11.80 16.74 -11.78
CA THR B 577 11.16 17.87 -12.43
C THR B 577 10.44 18.76 -11.42
N PHE B 578 9.65 18.15 -10.53
CA PHE B 578 8.95 18.93 -9.50
C PHE B 578 9.93 19.60 -8.55
N TYR B 579 11.04 18.94 -8.22
CA TYR B 579 12.04 19.61 -7.40
C TYR B 579 12.67 20.78 -8.12
N TYR B 580 12.82 20.69 -9.44
CA TYR B 580 13.52 21.77 -10.14
C TYR B 580 12.69 23.04 -10.14
N SER B 581 11.40 22.91 -10.42
CA SER B 581 10.56 24.11 -10.44
C SER B 581 10.38 24.68 -9.04
N PHE B 582 10.25 23.84 -8.02
CA PHE B 582 10.12 24.40 -6.68
C PHE B 582 11.44 24.94 -6.15
N ALA B 583 12.57 24.43 -6.63
CA ALA B 583 13.84 24.95 -6.18
C ALA B 583 14.09 26.32 -6.76
N ILE B 584 13.72 26.55 -8.01
CA ILE B 584 13.91 27.87 -8.59
C ILE B 584 12.96 28.89 -7.96
N VAL B 585 11.68 28.54 -7.83
CA VAL B 585 10.73 29.50 -7.26
C VAL B 585 10.94 29.73 -5.77
N GLY B 586 11.73 28.88 -5.12
CA GLY B 586 12.16 29.18 -3.78
C GLY B 586 13.54 29.80 -3.72
N MET B 587 14.28 29.74 -4.82
CA MET B 587 15.65 30.26 -4.80
C MET B 587 15.68 31.77 -4.83
N GLU B 588 14.70 32.37 -5.49
CA GLU B 588 14.73 33.82 -5.64
C GLU B 588 14.20 34.51 -4.40
N PHE B 589 13.18 33.95 -3.77
CA PHE B 589 12.53 34.65 -2.69
C PHE B 589 13.12 34.34 -1.32
N PHE B 590 13.90 33.27 -1.19
CA PHE B 590 14.43 32.84 0.09
C PHE B 590 15.95 32.82 0.05
N ASN B 591 16.56 33.86 -0.52
CA ASN B 591 17.96 33.78 -0.90
C ASN B 591 18.88 33.83 0.30
N GLY B 592 18.89 34.94 1.03
CA GLY B 592 19.90 35.08 2.07
C GLY B 592 19.29 35.19 3.44
N ARG B 593 18.13 34.57 3.63
CA ARG B 593 17.39 34.79 4.84
C ARG B 593 17.78 33.86 5.98
N LEU B 594 18.75 32.97 5.77
CA LEU B 594 19.16 32.05 6.82
C LEU B 594 20.66 32.19 7.01
N THR B 595 21.05 32.73 8.16
CA THR B 595 22.43 32.91 8.56
C THR B 595 22.64 32.18 9.87
N PRO B 596 23.88 31.95 10.29
CA PRO B 596 24.11 31.47 11.65
C PRO B 596 23.71 32.50 12.68
N ASN B 597 23.22 31.99 13.82
CA ASN B 597 22.66 32.79 14.91
C ASN B 597 21.53 33.69 14.44
N CYS B 598 20.70 33.18 13.55
CA CYS B 598 19.54 33.91 13.09
C CYS B 598 18.29 33.35 13.73
N CYS B 599 17.17 34.03 13.45
CA CYS B 599 15.83 33.63 13.89
C CYS B 599 15.74 33.52 15.40
N ASN B 600 16.44 34.41 16.11
CA ASN B 600 16.55 34.25 17.56
C ASN B 600 15.29 34.68 18.29
N THR B 601 14.42 35.44 17.63
CA THR B 601 13.13 35.78 18.22
C THR B 601 12.08 34.72 17.95
N SER B 602 12.37 33.72 17.15
CA SER B 602 11.40 32.72 16.78
C SER B 602 11.20 31.71 17.91
N THR B 603 10.46 30.65 17.63
CA THR B 603 10.22 29.60 18.59
C THR B 603 11.14 28.42 18.42
N VAL B 604 11.91 28.37 17.33
CA VAL B 604 12.80 27.25 17.05
C VAL B 604 14.20 27.83 17.02
N ALA B 605 14.45 28.83 17.86
CA ALA B 605 15.72 29.53 17.82
C ALA B 605 16.90 28.70 18.32
N ASP B 606 16.61 27.57 18.95
CA ASP B 606 17.67 26.70 19.45
C ASP B 606 18.43 26.04 18.32
N ALA B 607 17.74 25.77 17.21
CA ALA B 607 18.35 25.04 16.11
C ALA B 607 19.29 25.89 15.29
N TYR B 608 19.11 27.20 15.30
CA TYR B 608 19.99 28.13 14.59
C TYR B 608 20.86 28.77 15.65
N ARG B 609 22.02 28.20 15.92
CA ARG B 609 22.93 28.84 16.85
C ARG B 609 24.36 28.51 16.46
N PHE B 610 25.27 29.42 16.77
CA PHE B 610 26.67 29.24 16.41
C PHE B 610 27.48 30.02 17.44
N ILE B 611 27.94 29.32 18.46
CA ILE B 611 28.50 29.95 19.64
C ILE B 611 29.95 29.53 19.79
N ASN B 612 30.84 30.51 19.96
CA ASN B 612 32.21 30.21 20.35
C ASN B 612 32.34 30.19 21.87
N HIS B 613 33.09 29.21 22.36
CA HIS B 613 33.43 29.13 23.78
C HIS B 613 34.96 29.13 23.83
N THR B 614 35.55 30.31 23.84
CA THR B 614 36.97 30.48 23.60
C THR B 614 37.86 30.24 24.81
N VAL B 615 37.37 29.51 25.83
CA VAL B 615 38.19 29.26 27.01
C VAL B 615 39.30 28.27 26.66
N GLY B 616 40.48 28.50 27.23
CA GLY B 616 41.61 27.63 27.00
C GLY B 616 42.31 27.80 25.67
N ASN B 617 41.98 28.86 24.92
CA ASN B 617 42.53 29.17 23.60
C ASN B 617 42.34 28.03 22.60
N LYS B 618 41.17 27.40 22.60
CA LYS B 618 40.89 26.34 21.64
C LYS B 618 39.49 26.46 21.02
N THR B 619 38.61 27.31 21.58
CA THR B 619 37.26 27.66 21.13
C THR B 619 36.40 26.48 20.67
N LYS B 620 36.05 25.62 21.63
CA LYS B 620 35.07 24.57 21.37
C LYS B 620 33.73 25.16 20.98
N VAL B 621 33.21 24.75 19.83
CA VAL B 621 32.07 25.40 19.21
C VAL B 621 30.84 24.51 19.32
N GLU B 622 29.71 25.11 19.68
CA GLU B 622 28.41 24.45 19.69
C GLU B 622 27.56 25.02 18.56
N GLU B 623 26.90 24.15 17.81
CA GLU B 623 26.05 24.61 16.73
C GLU B 623 24.94 23.62 16.46
N GLY B 624 23.84 24.13 15.91
CA GLY B 624 22.66 23.35 15.67
C GLY B 624 22.46 23.04 14.21
N TYR B 625 23.32 23.63 13.38
CA TYR B 625 23.57 23.21 12.01
C TYR B 625 22.44 23.41 11.01
N TYR B 626 21.26 23.82 11.43
CA TYR B 626 20.17 23.90 10.47
C TYR B 626 20.20 25.14 9.63
N TYR B 627 21.22 25.97 9.75
CA TYR B 627 21.39 27.09 8.85
C TYR B 627 22.05 26.68 7.54
N LEU B 628 22.49 25.43 7.42
CA LEU B 628 23.11 24.99 6.18
C LEU B 628 22.09 24.63 5.12
N ASN B 629 20.81 24.57 5.47
CA ASN B 629 19.75 24.28 4.52
C ASN B 629 19.31 25.61 3.91
N ASN B 630 20.15 26.11 3.02
CA ASN B 630 19.93 27.42 2.40
C ASN B 630 18.95 27.30 1.26
N PHE B 631 18.84 28.38 0.50
CA PHE B 631 18.33 28.37 -0.85
C PHE B 631 19.23 29.24 -1.70
N ASP B 632 20.54 29.00 -1.60
CA ASP B 632 21.50 29.89 -2.24
C ASP B 632 21.71 29.57 -3.71
N ASN B 633 21.74 28.29 -4.05
CA ASN B 633 21.99 27.87 -5.42
C ASN B 633 21.11 26.67 -5.71
N ILE B 634 21.36 25.97 -6.81
CA ILE B 634 20.51 24.81 -7.07
C ILE B 634 20.92 23.65 -6.20
N LEU B 635 22.18 23.58 -5.81
CA LEU B 635 22.65 22.37 -5.15
C LEU B 635 22.25 22.35 -3.68
N ASN B 636 22.38 23.48 -2.98
CA ASN B 636 21.89 23.53 -1.62
C ASN B 636 20.38 23.45 -1.57
N SER B 637 19.70 23.91 -2.62
CA SER B 637 18.25 23.83 -2.61
C SER B 637 17.76 22.44 -2.96
N PHE B 638 18.44 21.70 -3.82
CA PHE B 638 18.08 20.29 -4.00
C PHE B 638 18.34 19.48 -2.74
N VAL B 639 19.41 19.79 -2.01
CA VAL B 639 19.63 19.07 -0.77
C VAL B 639 18.58 19.42 0.26
N THR B 640 18.14 20.68 0.28
CA THR B 640 17.08 21.09 1.20
C THR B 640 15.75 20.42 0.87
N LEU B 641 15.37 20.42 -0.41
CA LEU B 641 14.11 19.80 -0.80
C LEU B 641 14.14 18.30 -0.61
N PHE B 642 15.30 17.67 -0.76
CA PHE B 642 15.39 16.26 -0.41
C PHE B 642 15.24 16.06 1.08
N GLU B 643 15.67 17.01 1.89
CA GLU B 643 15.41 16.90 3.31
C GLU B 643 13.95 17.18 3.66
N LEU B 644 13.17 17.73 2.75
CA LEU B 644 11.76 17.89 3.03
C LEU B 644 10.91 16.73 2.54
N THR B 645 11.39 15.89 1.62
CA THR B 645 10.45 14.84 1.21
C THR B 645 10.47 13.64 2.13
N VAL B 646 11.62 13.24 2.67
CA VAL B 646 11.54 12.54 3.94
C VAL B 646 11.02 13.55 4.94
N VAL B 647 10.07 13.12 5.76
CA VAL B 647 9.19 14.12 6.34
C VAL B 647 9.83 14.80 7.54
N ASN B 648 10.62 14.06 8.31
CA ASN B 648 10.95 14.44 9.68
C ASN B 648 11.69 15.77 9.79
N ASN B 649 11.28 16.55 10.79
CA ASN B 649 11.83 17.87 11.12
C ASN B 649 11.71 18.86 9.96
N TRP B 650 10.58 18.86 9.29
CA TRP B 650 10.38 19.83 8.23
C TRP B 650 9.81 21.13 8.74
N TYR B 651 9.12 21.10 9.88
CA TYR B 651 8.56 22.32 10.43
C TYR B 651 9.61 23.26 10.97
N ILE B 652 10.85 22.81 11.15
CA ILE B 652 11.90 23.71 11.60
C ILE B 652 12.35 24.62 10.47
N ILE B 653 12.52 24.06 9.27
CA ILE B 653 12.83 24.87 8.10
C ILE B 653 11.69 25.80 7.79
N MET B 654 10.44 25.32 7.94
CA MET B 654 9.27 26.17 7.76
C MET B 654 9.26 27.35 8.73
N GLU B 655 9.41 27.07 10.03
CA GLU B 655 9.30 28.15 11.01
C GLU B 655 10.47 29.11 10.95
N GLY B 656 11.63 28.65 10.46
CA GLY B 656 12.74 29.57 10.27
C GLY B 656 12.50 30.55 9.13
N VAL B 657 12.14 30.02 7.96
CA VAL B 657 11.91 30.87 6.79
C VAL B 657 10.74 31.81 7.03
N THR B 658 9.68 31.32 7.67
CA THR B 658 8.57 32.22 7.97
C THR B 658 8.89 33.16 9.11
N SER B 659 9.91 32.88 9.91
CA SER B 659 10.33 33.90 10.85
C SER B 659 11.22 34.94 10.22
N GLN B 660 11.60 34.77 8.95
CA GLN B 660 12.31 35.86 8.29
C GLN B 660 11.53 36.54 7.18
N THR B 661 10.53 35.91 6.57
CA THR B 661 9.84 36.62 5.51
C THR B 661 8.48 37.18 5.90
N SER B 662 7.54 36.31 6.22
CA SER B 662 6.14 36.72 6.43
C SER B 662 5.39 35.54 7.01
N HIS B 663 4.07 35.67 7.08
CA HIS B 663 3.23 34.52 7.36
C HIS B 663 2.86 33.77 6.09
N TRP B 664 3.03 34.37 4.92
CA TRP B 664 2.51 33.74 3.71
C TRP B 664 3.40 32.62 3.22
N SER B 665 4.64 32.55 3.66
CA SER B 665 5.52 31.51 3.16
C SER B 665 5.41 30.20 3.91
N ARG B 666 4.42 30.06 4.81
CA ARG B 666 4.03 28.72 5.23
C ARG B 666 3.37 27.98 4.10
N LEU B 667 2.70 28.70 3.22
CA LEU B 667 1.91 28.09 2.16
C LEU B 667 2.79 27.41 1.13
N TYR B 668 4.04 27.86 1.00
CA TYR B 668 5.03 27.23 0.14
C TYR B 668 5.31 25.81 0.59
N PHE B 669 5.62 25.64 1.87
CA PHE B 669 6.02 24.34 2.37
C PHE B 669 4.83 23.41 2.52
N MET B 670 3.64 23.95 2.81
CA MET B 670 2.46 23.10 2.85
C MET B 670 2.13 22.57 1.48
N THR B 671 2.25 23.40 0.45
CA THR B 671 2.04 22.95 -0.92
C THR B 671 3.06 21.91 -1.32
N PHE B 672 4.30 22.06 -0.85
CA PHE B 672 5.33 21.07 -1.18
C PHE B 672 5.06 19.74 -0.51
N TYR B 673 4.49 19.74 0.69
CA TYR B 673 4.18 18.47 1.33
C TYR B 673 3.05 17.74 0.62
N ILE B 674 2.06 18.48 0.09
CA ILE B 674 0.99 17.83 -0.65
C ILE B 674 1.50 17.25 -1.97
N VAL B 675 2.38 17.96 -2.65
CA VAL B 675 2.91 17.47 -3.93
C VAL B 675 3.77 16.23 -3.74
N THR B 676 4.64 16.23 -2.73
CA THR B 676 5.42 15.03 -2.51
C THR B 676 4.59 13.88 -1.94
N MET B 677 3.43 14.17 -1.34
CA MET B 677 2.54 13.10 -0.92
C MET B 677 1.90 12.41 -2.11
N VAL B 678 1.50 13.19 -3.13
CA VAL B 678 0.94 12.63 -4.36
C VAL B 678 1.96 11.73 -5.05
N VAL B 679 3.18 12.23 -5.22
CA VAL B 679 4.17 11.50 -6.00
C VAL B 679 4.58 10.22 -5.29
N MET B 680 4.75 10.28 -3.97
CA MET B 680 5.14 9.06 -3.27
C MET B 680 4.04 8.03 -3.19
N THR B 681 2.77 8.43 -3.07
CA THR B 681 1.74 7.40 -3.05
C THR B 681 1.49 6.81 -4.43
N ILE B 682 1.86 7.51 -5.50
CA ILE B 682 1.76 6.90 -6.81
C ILE B 682 2.90 5.94 -7.08
N ILE B 683 4.08 6.19 -6.52
CA ILE B 683 5.17 5.23 -6.59
C ILE B 683 4.80 3.93 -5.86
N VAL B 684 4.17 4.06 -4.69
CA VAL B 684 3.76 2.88 -3.94
C VAL B 684 2.70 2.08 -4.70
N ALA B 685 1.75 2.78 -5.32
CA ALA B 685 0.71 2.11 -6.09
C ALA B 685 1.28 1.38 -7.30
N PHE B 686 2.31 1.93 -7.93
CA PHE B 686 2.90 1.26 -9.09
C PHE B 686 3.58 -0.03 -8.69
N ILE B 687 4.38 0.00 -7.62
CA ILE B 687 5.11 -1.19 -7.19
C ILE B 687 4.14 -2.30 -6.80
N LEU B 688 3.03 -1.94 -6.16
CA LEU B 688 2.06 -2.96 -5.76
C LEU B 688 1.36 -3.57 -6.96
N GLU B 689 1.02 -2.77 -7.98
CA GLU B 689 0.33 -3.37 -9.12
C GLU B 689 1.23 -4.29 -9.92
N ALA B 690 2.46 -3.87 -10.19
CA ALA B 690 3.34 -4.70 -11.01
C ALA B 690 3.73 -6.00 -10.29
N PHE B 691 3.92 -5.93 -8.97
CA PHE B 691 4.28 -7.13 -8.25
C PHE B 691 3.11 -8.10 -8.16
N VAL B 692 1.89 -7.59 -7.96
CA VAL B 692 0.71 -8.45 -7.89
C VAL B 692 0.42 -9.06 -9.25
N PHE B 693 0.64 -8.30 -10.32
CA PHE B 693 0.33 -8.77 -11.67
C PHE B 693 1.25 -9.91 -12.08
N ARG B 694 2.54 -9.81 -11.77
CA ARG B 694 3.44 -10.90 -12.12
C ARG B 694 3.26 -12.10 -11.20
N MET B 695 2.94 -11.86 -9.93
CA MET B 695 2.65 -12.99 -9.05
C MET B 695 1.34 -13.68 -9.41
N ASN B 696 0.40 -12.98 -10.05
CA ASN B 696 -0.78 -13.67 -10.53
C ASN B 696 -0.53 -14.37 -11.84
N TYR B 697 0.48 -13.94 -12.60
CA TYR B 697 0.81 -14.69 -13.80
C TYR B 697 1.45 -16.01 -13.46
N SER B 698 2.43 -16.00 -12.55
CA SER B 698 3.20 -17.21 -12.29
C SER B 698 2.46 -18.23 -11.43
N ARG B 699 1.20 -17.98 -11.08
CA ARG B 699 0.38 -18.98 -10.40
C ARG B 699 -0.89 -19.30 -11.16
N LYS B 700 -0.99 -18.87 -12.42
CA LYS B 700 -1.96 -19.41 -13.36
C LYS B 700 -1.33 -20.26 -14.44
N SER B 701 -0.04 -20.53 -14.35
CA SER B 701 0.65 -21.41 -15.29
C SER B 701 1.20 -22.62 -14.55
N GLY B 709 12.18 -16.47 -21.71
CA GLY B 709 11.45 -15.93 -22.84
C GLY B 709 10.70 -16.99 -23.62
N ILE B 710 10.37 -16.69 -24.87
CA ILE B 710 9.74 -17.67 -25.75
C ILE B 710 10.76 -18.13 -26.77
N VAL B 711 10.61 -19.37 -27.22
CA VAL B 711 11.48 -19.98 -28.22
C VAL B 711 10.60 -20.59 -29.29
N ILE B 712 10.86 -20.22 -30.54
CA ILE B 712 10.16 -20.77 -31.70
C ILE B 712 11.14 -21.65 -32.45
N GLU B 713 10.62 -22.64 -33.16
CA GLU B 713 11.46 -23.53 -33.96
C GLU B 713 10.79 -23.79 -35.30
N LYS B 714 11.46 -23.37 -36.37
CA LYS B 714 11.01 -23.61 -37.74
C LYS B 714 12.17 -24.17 -38.55
N GLU B 715 11.91 -24.45 -39.83
CA GLU B 715 12.91 -25.03 -40.70
C GLU B 715 12.56 -24.67 -42.15
N MET B 716 13.60 -24.50 -42.96
CA MET B 716 13.43 -24.25 -44.38
C MET B 716 14.15 -25.33 -45.17
N SER B 717 13.71 -25.56 -46.40
CA SER B 717 14.27 -26.62 -47.22
C SER B 717 15.48 -26.09 -47.97
N LYS B 718 16.06 -26.93 -48.81
CA LYS B 718 17.19 -26.54 -49.64
C LYS B 718 16.74 -25.79 -50.89
N GLU B 719 15.69 -26.30 -51.56
CA GLU B 719 15.25 -25.71 -52.83
C GLU B 719 14.59 -24.35 -52.62
N GLU B 720 13.88 -24.17 -51.50
CA GLU B 720 13.32 -22.86 -51.18
C GLU B 720 14.44 -21.85 -50.95
N LEU B 721 15.52 -22.27 -50.31
CA LEU B 721 16.67 -21.40 -50.13
C LEU B 721 17.33 -21.07 -51.47
N MET B 722 17.33 -22.03 -52.41
CA MET B 722 17.92 -21.76 -53.72
C MET B 722 17.08 -20.79 -54.52
N ALA B 723 15.74 -20.93 -54.45
CA ALA B 723 14.86 -20.07 -55.23
C ALA B 723 14.88 -18.64 -54.68
N VAL B 724 14.88 -18.51 -53.35
CA VAL B 724 14.99 -17.19 -52.74
C VAL B 724 16.38 -16.59 -52.98
N LEU B 725 17.41 -17.44 -53.12
CA LEU B 725 18.72 -16.97 -53.56
C LEU B 725 18.67 -16.42 -54.97
N GLU B 726 17.90 -17.07 -55.86
CA GLU B 726 17.75 -16.56 -57.22
C GLU B 726 17.05 -15.22 -57.24
N LEU B 727 16.06 -15.04 -56.35
CA LEU B 727 15.33 -13.79 -56.31
C LEU B 727 16.18 -12.67 -55.72
N TYR B 728 17.00 -12.98 -54.72
CA TYR B 728 17.85 -11.96 -54.13
C TYR B 728 19.00 -11.57 -55.05
N ARG B 729 19.54 -12.54 -55.80
CA ARG B 729 20.56 -12.20 -56.79
C ARG B 729 19.95 -11.46 -57.97
N GLU B 730 18.68 -11.70 -58.27
CA GLU B 730 17.98 -10.89 -59.25
C GLU B 730 17.84 -9.45 -58.77
N GLU B 731 17.44 -9.27 -57.50
CA GLU B 731 17.15 -7.94 -56.99
C GLU B 731 18.42 -7.11 -56.73
N ARG B 732 19.59 -7.74 -56.74
CA ARG B 732 20.91 -7.09 -56.66
C ARG B 732 21.05 -6.23 -55.40
N GLY B 733 21.06 -6.93 -54.27
CA GLY B 733 21.34 -6.31 -53.00
C GLY B 733 22.82 -6.16 -52.76
N THR B 734 23.18 -5.93 -51.49
CA THR B 734 24.58 -5.82 -51.13
C THR B 734 25.23 -7.21 -51.14
N SER B 735 26.57 -7.20 -51.01
CA SER B 735 27.32 -8.45 -51.02
C SER B 735 27.09 -9.27 -49.75
N SER B 736 26.62 -8.64 -48.68
CA SER B 736 26.42 -9.37 -47.43
C SER B 736 25.28 -10.37 -47.53
N ASP B 737 24.20 -10.00 -48.22
CA ASP B 737 23.06 -10.90 -48.36
C ASP B 737 23.42 -12.14 -49.17
N VAL B 738 24.13 -11.92 -50.29
CA VAL B 738 24.55 -13.01 -51.16
C VAL B 738 25.53 -13.92 -50.44
N THR B 739 26.56 -13.34 -49.81
CA THR B 739 27.60 -14.15 -49.20
C THR B 739 27.16 -14.80 -47.89
N ARG B 740 26.15 -14.26 -47.20
CA ARG B 740 25.63 -14.98 -46.05
C ARG B 740 24.73 -16.13 -46.46
N LEU B 741 23.99 -15.98 -47.56
CA LEU B 741 23.29 -17.15 -48.11
C LEU B 741 24.28 -18.18 -48.63
N LEU B 742 25.43 -17.74 -49.17
CA LEU B 742 26.51 -18.65 -49.51
C LEU B 742 27.08 -19.34 -48.29
N ASP B 743 27.10 -18.65 -47.14
CA ASP B 743 27.53 -19.27 -45.90
C ASP B 743 26.54 -20.32 -45.42
N THR B 744 25.24 -20.10 -45.68
CA THR B 744 24.26 -21.12 -45.35
C THR B 744 24.41 -22.34 -46.28
N LEU B 745 24.78 -22.09 -47.54
CA LEU B 745 25.10 -23.16 -48.47
C LEU B 745 26.31 -23.96 -48.01
N SER B 746 27.31 -23.26 -47.44
CA SER B 746 28.50 -23.95 -46.94
C SER B 746 28.18 -24.76 -45.69
N GLN B 747 27.22 -24.32 -44.88
CA GLN B 747 26.82 -25.12 -43.72
C GLN B 747 26.06 -26.37 -44.15
N MET B 748 25.22 -26.26 -45.19
CA MET B 748 24.55 -27.45 -45.73
C MET B 748 25.54 -28.38 -46.42
N GLU B 749 26.65 -27.84 -46.92
CA GLU B 749 27.63 -28.69 -47.58
C GLU B 749 28.58 -29.33 -46.58
N LYS B 750 28.86 -28.66 -45.46
CA LYS B 750 29.75 -29.23 -44.46
C LYS B 750 29.03 -30.24 -43.57
N TYR B 751 27.79 -29.96 -43.18
CA TYR B 751 27.05 -30.92 -42.38
C TYR B 751 26.39 -32.01 -43.23
N GLN B 752 26.26 -31.78 -44.54
CA GLN B 752 25.70 -32.72 -45.51
C GLN B 752 24.26 -33.12 -45.16
N GLN B 753 23.40 -32.10 -45.22
CA GLN B 753 21.99 -32.26 -44.89
C GLN B 753 21.10 -31.66 -45.97
N ASN B 754 19.81 -31.53 -45.69
CA ASN B 754 18.86 -30.93 -46.62
C ASN B 754 18.23 -29.67 -46.06
N SER B 755 17.78 -29.68 -44.80
CA SER B 755 16.99 -28.59 -44.24
C SER B 755 17.70 -27.96 -43.06
N MET B 756 17.61 -26.64 -42.97
CA MET B 756 18.20 -25.86 -41.89
C MET B 756 17.14 -25.56 -40.84
N VAL B 757 17.27 -26.17 -39.68
CA VAL B 757 16.33 -26.00 -38.58
C VAL B 757 16.84 -24.89 -37.68
N PHE B 758 16.03 -23.86 -37.48
CA PHE B 758 16.47 -22.65 -36.80
C PHE B 758 15.65 -22.37 -35.55
N LEU B 759 16.18 -21.47 -34.72
CA LEU B 759 15.55 -21.06 -33.48
C LEU B 759 15.47 -19.55 -33.42
N GLY B 760 14.35 -19.03 -32.90
CA GLY B 760 14.22 -17.61 -32.66
C GLY B 760 13.73 -17.29 -31.25
N ARG B 761 14.57 -16.65 -30.46
CA ARG B 761 14.27 -16.38 -29.07
C ARG B 761 13.89 -14.92 -28.88
N ARG B 762 12.90 -14.68 -28.04
CA ARG B 762 12.42 -13.35 -27.75
C ARG B 762 12.14 -13.24 -26.26
N SER B 763 12.51 -12.12 -25.68
CA SER B 763 12.25 -11.90 -24.27
C SER B 763 10.79 -11.55 -24.05
N ARG B 764 10.27 -11.98 -22.90
CA ARG B 764 8.86 -11.79 -22.54
C ARG B 764 8.68 -10.44 -21.86
N THR B 765 7.68 -9.69 -22.29
CA THR B 765 7.43 -8.36 -21.75
C THR B 765 6.07 -8.31 -21.08
N LYS B 766 5.69 -7.11 -20.66
CA LYS B 766 4.41 -6.88 -20.00
C LYS B 766 3.25 -6.99 -20.97
N SER B 767 3.49 -6.79 -22.26
CA SER B 767 2.40 -6.78 -23.24
C SER B 767 1.83 -8.18 -23.45
N ASP B 768 2.70 -9.16 -23.70
CA ASP B 768 2.25 -10.54 -23.85
C ASP B 768 1.69 -11.09 -22.56
N LEU B 769 2.24 -10.61 -21.44
CA LEU B 769 1.76 -10.99 -20.12
C LEU B 769 0.33 -10.54 -19.92
N SER B 770 0.06 -9.30 -20.31
CA SER B 770 -1.28 -8.75 -20.22
C SER B 770 -2.22 -9.40 -21.22
N LEU B 771 -1.69 -9.89 -22.34
CA LEU B 771 -2.53 -10.64 -23.27
C LEU B 771 -2.97 -11.96 -22.68
N LYS B 772 -2.10 -12.62 -21.91
CA LYS B 772 -2.52 -13.86 -21.27
C LYS B 772 -3.49 -13.61 -20.13
N MET B 773 -3.39 -12.45 -19.48
CA MET B 773 -4.30 -12.20 -18.36
C MET B 773 -5.68 -11.75 -18.83
N TYR B 774 -5.75 -10.84 -19.79
CA TYR B 774 -7.01 -10.30 -20.27
C TYR B 774 -7.50 -11.01 -21.52
N GLN B 775 -7.25 -12.31 -21.66
CA GLN B 775 -7.60 -13.05 -22.88
C GLN B 775 -9.07 -13.41 -22.95
N GLU B 776 -9.85 -13.07 -21.93
CA GLU B 776 -11.24 -13.49 -21.81
C GLU B 776 -12.20 -12.54 -22.50
N GLU B 777 -11.92 -11.24 -22.45
CA GLU B 777 -12.81 -10.22 -22.97
C GLU B 777 -12.23 -9.48 -24.16
N ILE B 778 -11.09 -9.93 -24.68
CA ILE B 778 -10.38 -9.17 -25.69
C ILE B 778 -11.07 -9.27 -27.05
N GLN B 779 -11.78 -10.38 -27.31
CA GLN B 779 -12.47 -10.53 -28.58
C GLN B 779 -13.66 -9.58 -28.67
N GLU B 780 -14.30 -9.31 -27.53
CA GLU B 780 -15.36 -8.33 -27.48
C GLU B 780 -14.82 -6.93 -27.80
N TRP B 781 -13.60 -6.63 -27.36
CA TRP B 781 -12.98 -5.36 -27.70
C TRP B 781 -12.72 -5.26 -29.19
N TYR B 782 -12.25 -6.35 -29.80
CA TYR B 782 -11.96 -6.34 -31.24
C TYR B 782 -13.23 -6.19 -32.06
N GLU B 783 -14.30 -6.90 -31.69
CA GLU B 783 -15.52 -6.87 -32.49
C GLU B 783 -16.27 -5.56 -32.33
N GLU B 784 -16.32 -5.03 -31.11
CA GLU B 784 -16.86 -3.69 -30.88
C GLU B 784 -16.06 -2.64 -31.65
N HIS B 785 -14.74 -2.79 -31.69
CA HIS B 785 -13.95 -1.83 -32.42
C HIS B 785 -14.08 -2.00 -33.92
N ALA B 786 -14.41 -3.20 -34.38
CA ALA B 786 -14.63 -3.42 -35.81
C ALA B 786 -15.91 -2.72 -36.26
N ARG B 787 -17.00 -2.86 -35.49
CA ARG B 787 -18.20 -2.15 -35.86
C ARG B 787 -18.09 -0.65 -35.61
N GLU B 788 -17.22 -0.21 -34.70
CA GLU B 788 -16.99 1.21 -34.56
C GLU B 788 -16.06 1.76 -35.62
N GLN B 789 -15.31 0.88 -36.29
CA GLN B 789 -14.69 1.29 -37.55
C GLN B 789 -15.73 1.48 -38.63
N GLU B 790 -16.70 0.55 -38.72
CA GLU B 790 -17.69 0.63 -39.79
C GLU B 790 -18.66 1.78 -39.59
N GLN B 791 -18.91 2.18 -38.33
CA GLN B 791 -19.70 3.38 -38.11
C GLN B 791 -18.90 4.64 -38.41
N GLN B 792 -17.57 4.56 -38.38
CA GLN B 792 -16.70 5.68 -38.68
C GLN B 792 -16.00 5.54 -40.03
N LYS B 793 -16.35 4.52 -40.82
CA LYS B 793 -15.90 4.44 -42.20
C LYS B 793 -17.05 4.40 -43.20
N LEU B 794 -18.29 4.60 -42.75
CA LEU B 794 -19.35 5.02 -43.67
C LEU B 794 -19.50 6.54 -43.71
N ARG B 795 -18.74 7.26 -42.89
CA ARG B 795 -18.81 8.72 -42.87
C ARG B 795 -17.42 9.33 -42.99
#